data_1IY2
# 
_entry.id   1IY2 
# 
_audit_conform.dict_name       mmcif_pdbx.dic 
_audit_conform.dict_version    5.383 
_audit_conform.dict_location   http://mmcif.pdb.org/dictionaries/ascii/mmcif_pdbx.dic 
# 
loop_
_database_2.database_id 
_database_2.database_code 
_database_2.pdbx_database_accession 
_database_2.pdbx_DOI 
PDB   1IY2         pdb_00001iy2 10.2210/pdb1iy2/pdb 
RCSB  RCSB005392   ?            ?                   
WWPDB D_1000005392 ?            ?                   
# 
loop_
_pdbx_audit_revision_history.ordinal 
_pdbx_audit_revision_history.data_content_type 
_pdbx_audit_revision_history.major_revision 
_pdbx_audit_revision_history.minor_revision 
_pdbx_audit_revision_history.revision_date 
1 'Structure model' 1 0 2002-11-06 
2 'Structure model' 1 1 2008-04-27 
3 'Structure model' 1 2 2011-07-13 
4 'Structure model' 1 3 2023-12-27 
# 
_pdbx_audit_revision_details.ordinal             1 
_pdbx_audit_revision_details.revision_ordinal    1 
_pdbx_audit_revision_details.data_content_type   'Structure model' 
_pdbx_audit_revision_details.provider            repository 
_pdbx_audit_revision_details.type                'Initial release' 
_pdbx_audit_revision_details.description         ? 
_pdbx_audit_revision_details.details             ? 
# 
loop_
_pdbx_audit_revision_group.ordinal 
_pdbx_audit_revision_group.revision_ordinal 
_pdbx_audit_revision_group.data_content_type 
_pdbx_audit_revision_group.group 
1 2 'Structure model' 'Version format compliance' 
2 3 'Structure model' 'Version format compliance' 
3 4 'Structure model' 'Data collection'           
4 4 'Structure model' 'Database references'       
5 4 'Structure model' 'Derived calculations'      
# 
loop_
_pdbx_audit_revision_category.ordinal 
_pdbx_audit_revision_category.revision_ordinal 
_pdbx_audit_revision_category.data_content_type 
_pdbx_audit_revision_category.category 
1 4 'Structure model' chem_comp_atom     
2 4 'Structure model' chem_comp_bond     
3 4 'Structure model' database_2         
4 4 'Structure model' struct_ref_seq_dif 
5 4 'Structure model' struct_site        
# 
loop_
_pdbx_audit_revision_item.ordinal 
_pdbx_audit_revision_item.revision_ordinal 
_pdbx_audit_revision_item.data_content_type 
_pdbx_audit_revision_item.item 
1 4 'Structure model' '_database_2.pdbx_DOI'                
2 4 'Structure model' '_database_2.pdbx_database_accession' 
3 4 'Structure model' '_struct_ref_seq_dif.details'         
4 4 'Structure model' '_struct_site.pdbx_auth_asym_id'      
5 4 'Structure model' '_struct_site.pdbx_auth_comp_id'      
6 4 'Structure model' '_struct_site.pdbx_auth_seq_id'       
# 
_pdbx_database_status.status_code                     REL 
_pdbx_database_status.entry_id                        1IY2 
_pdbx_database_status.recvd_initial_deposition_date   2002-07-10 
_pdbx_database_status.deposit_site                    PDBJ 
_pdbx_database_status.process_site                    PDBJ 
_pdbx_database_status.status_code_sf                  REL 
_pdbx_database_status.SG_entry                        . 
_pdbx_database_status.pdb_format_compatible           Y 
_pdbx_database_status.status_code_mr                  ? 
_pdbx_database_status.status_code_cs                  ? 
_pdbx_database_status.status_code_nmr_data            ? 
_pdbx_database_status.methods_development_category    ? 
# 
loop_
_pdbx_database_related.db_name 
_pdbx_database_related.db_id 
_pdbx_database_related.details 
_pdbx_database_related.content_type 
PDB 1IXZ '1IXZ contains the F1 of FtsH ATPase domain'              unspecified 
PDB 1IY0 '1IY0 contains the F1 of FtsH ATPase domain with AMP-PNP' unspecified 
PDB 1IY1 '1IY1 contains the F1 of FtsH ATPase domain with ADP'     unspecified 
# 
loop_
_audit_author.name 
_audit_author.pdbx_ordinal 
'Niwa, H.'     1 
'Tsuchiya, D.' 2 
'Makyio, H.'   3 
'Yoshida, M.'  4 
'Morikawa, K.' 5 
# 
_citation.id                        primary 
_citation.title                     
'Hexameric ring structure of the ATPase domain of the membrane-integrated metalloprotease FtsH from Thermus thermophilus HB8' 
_citation.journal_abbrev            Structure 
_citation.journal_volume            10 
_citation.page_first                1415 
_citation.page_last                 1423 
_citation.year                      2002 
_citation.journal_id_ASTM           STRUE6 
_citation.country                   UK 
_citation.journal_id_ISSN           0969-2126 
_citation.journal_id_CSD            2005 
_citation.book_publisher            ? 
_citation.pdbx_database_id_PubMed   12377127 
_citation.pdbx_database_id_DOI      '10.1016/S0969-2126(02)00855-9' 
# 
loop_
_citation_author.citation_id 
_citation_author.name 
_citation_author.ordinal 
_citation_author.identifier_ORCID 
primary 'Niwa, H.'     1 ? 
primary 'Tsuchiya, D.' 2 ? 
primary 'Makyio, H.'   3 ? 
primary 'Yoshida, M.'  4 ? 
primary 'Morikawa, K.' 5 ? 
# 
loop_
_entity.id 
_entity.type 
_entity.src_method 
_entity.pdbx_description 
_entity.formula_weight 
_entity.pdbx_number_of_molecules 
_entity.pdbx_ec 
_entity.pdbx_mutation 
_entity.pdbx_fragment 
_entity.details 
1 polymer     man 'ATP-dependent metalloprotease FtsH' 29938.297 1 ? ? F2 ? 
2 non-polymer syn 'SULFATE ION'                        96.063    1 ? ? ?  ? 
# 
_entity_poly.entity_id                      1 
_entity_poly.type                           'polypeptide(L)' 
_entity_poly.nstd_linkage                   no 
_entity_poly.nstd_monomer                   no 
_entity_poly.pdbx_seq_one_letter_code       
;GPLGSHMGARNGRAGPSDSAFSFTKSRARVLTEAPKVTFKDVAGAEEAKEELKEIVEFLKNPSRFHEMGARIPKGVLLVG
PPGVGKTHLARAVAGEARVPFITASGSDFVEMFVGVGAARVRDLFETAKRHAPCIVFIDEIDAVGRKRGSGVGGGNDERE
QTLNQLLVEMDGFEKDTAIVVMAATNRPDILDPALLRPGRFDRQIAIDAPDVKGREQILRIHARGKPLAEDVDLALLAKR
TPGFVGADLENLLNEAALLAAREGRRKITMKDLEEAAS
;
_entity_poly.pdbx_seq_one_letter_code_can   
;GPLGSHMGARNGRAGPSDSAFSFTKSRARVLTEAPKVTFKDVAGAEEAKEELKEIVEFLKNPSRFHEMGARIPKGVLLVG
PPGVGKTHLARAVAGEARVPFITASGSDFVEMFVGVGAARVRDLFETAKRHAPCIVFIDEIDAVGRKRGSGVGGGNDERE
QTLNQLLVEMDGFEKDTAIVVMAATNRPDILDPALLRPGRFDRQIAIDAPDVKGREQILRIHARGKPLAEDVDLALLAKR
TPGFVGADLENLLNEAALLAAREGRRKITMKDLEEAAS
;
_entity_poly.pdbx_strand_id                 A 
_entity_poly.pdbx_target_identifier         ? 
# 
_pdbx_entity_nonpoly.entity_id   2 
_pdbx_entity_nonpoly.name        'SULFATE ION' 
_pdbx_entity_nonpoly.comp_id     SO4 
# 
loop_
_entity_poly_seq.entity_id 
_entity_poly_seq.num 
_entity_poly_seq.mon_id 
_entity_poly_seq.hetero 
1 1   GLY n 
1 2   PRO n 
1 3   LEU n 
1 4   GLY n 
1 5   SER n 
1 6   HIS n 
1 7   MET n 
1 8   GLY n 
1 9   ALA n 
1 10  ARG n 
1 11  ASN n 
1 12  GLY n 
1 13  ARG n 
1 14  ALA n 
1 15  GLY n 
1 16  PRO n 
1 17  SER n 
1 18  ASP n 
1 19  SER n 
1 20  ALA n 
1 21  PHE n 
1 22  SER n 
1 23  PHE n 
1 24  THR n 
1 25  LYS n 
1 26  SER n 
1 27  ARG n 
1 28  ALA n 
1 29  ARG n 
1 30  VAL n 
1 31  LEU n 
1 32  THR n 
1 33  GLU n 
1 34  ALA n 
1 35  PRO n 
1 36  LYS n 
1 37  VAL n 
1 38  THR n 
1 39  PHE n 
1 40  LYS n 
1 41  ASP n 
1 42  VAL n 
1 43  ALA n 
1 44  GLY n 
1 45  ALA n 
1 46  GLU n 
1 47  GLU n 
1 48  ALA n 
1 49  LYS n 
1 50  GLU n 
1 51  GLU n 
1 52  LEU n 
1 53  LYS n 
1 54  GLU n 
1 55  ILE n 
1 56  VAL n 
1 57  GLU n 
1 58  PHE n 
1 59  LEU n 
1 60  LYS n 
1 61  ASN n 
1 62  PRO n 
1 63  SER n 
1 64  ARG n 
1 65  PHE n 
1 66  HIS n 
1 67  GLU n 
1 68  MET n 
1 69  GLY n 
1 70  ALA n 
1 71  ARG n 
1 72  ILE n 
1 73  PRO n 
1 74  LYS n 
1 75  GLY n 
1 76  VAL n 
1 77  LEU n 
1 78  LEU n 
1 79  VAL n 
1 80  GLY n 
1 81  PRO n 
1 82  PRO n 
1 83  GLY n 
1 84  VAL n 
1 85  GLY n 
1 86  LYS n 
1 87  THR n 
1 88  HIS n 
1 89  LEU n 
1 90  ALA n 
1 91  ARG n 
1 92  ALA n 
1 93  VAL n 
1 94  ALA n 
1 95  GLY n 
1 96  GLU n 
1 97  ALA n 
1 98  ARG n 
1 99  VAL n 
1 100 PRO n 
1 101 PHE n 
1 102 ILE n 
1 103 THR n 
1 104 ALA n 
1 105 SER n 
1 106 GLY n 
1 107 SER n 
1 108 ASP n 
1 109 PHE n 
1 110 VAL n 
1 111 GLU n 
1 112 MET n 
1 113 PHE n 
1 114 VAL n 
1 115 GLY n 
1 116 VAL n 
1 117 GLY n 
1 118 ALA n 
1 119 ALA n 
1 120 ARG n 
1 121 VAL n 
1 122 ARG n 
1 123 ASP n 
1 124 LEU n 
1 125 PHE n 
1 126 GLU n 
1 127 THR n 
1 128 ALA n 
1 129 LYS n 
1 130 ARG n 
1 131 HIS n 
1 132 ALA n 
1 133 PRO n 
1 134 CYS n 
1 135 ILE n 
1 136 VAL n 
1 137 PHE n 
1 138 ILE n 
1 139 ASP n 
1 140 GLU n 
1 141 ILE n 
1 142 ASP n 
1 143 ALA n 
1 144 VAL n 
1 145 GLY n 
1 146 ARG n 
1 147 LYS n 
1 148 ARG n 
1 149 GLY n 
1 150 SER n 
1 151 GLY n 
1 152 VAL n 
1 153 GLY n 
1 154 GLY n 
1 155 GLY n 
1 156 ASN n 
1 157 ASP n 
1 158 GLU n 
1 159 ARG n 
1 160 GLU n 
1 161 GLN n 
1 162 THR n 
1 163 LEU n 
1 164 ASN n 
1 165 GLN n 
1 166 LEU n 
1 167 LEU n 
1 168 VAL n 
1 169 GLU n 
1 170 MET n 
1 171 ASP n 
1 172 GLY n 
1 173 PHE n 
1 174 GLU n 
1 175 LYS n 
1 176 ASP n 
1 177 THR n 
1 178 ALA n 
1 179 ILE n 
1 180 VAL n 
1 181 VAL n 
1 182 MET n 
1 183 ALA n 
1 184 ALA n 
1 185 THR n 
1 186 ASN n 
1 187 ARG n 
1 188 PRO n 
1 189 ASP n 
1 190 ILE n 
1 191 LEU n 
1 192 ASP n 
1 193 PRO n 
1 194 ALA n 
1 195 LEU n 
1 196 LEU n 
1 197 ARG n 
1 198 PRO n 
1 199 GLY n 
1 200 ARG n 
1 201 PHE n 
1 202 ASP n 
1 203 ARG n 
1 204 GLN n 
1 205 ILE n 
1 206 ALA n 
1 207 ILE n 
1 208 ASP n 
1 209 ALA n 
1 210 PRO n 
1 211 ASP n 
1 212 VAL n 
1 213 LYS n 
1 214 GLY n 
1 215 ARG n 
1 216 GLU n 
1 217 GLN n 
1 218 ILE n 
1 219 LEU n 
1 220 ARG n 
1 221 ILE n 
1 222 HIS n 
1 223 ALA n 
1 224 ARG n 
1 225 GLY n 
1 226 LYS n 
1 227 PRO n 
1 228 LEU n 
1 229 ALA n 
1 230 GLU n 
1 231 ASP n 
1 232 VAL n 
1 233 ASP n 
1 234 LEU n 
1 235 ALA n 
1 236 LEU n 
1 237 LEU n 
1 238 ALA n 
1 239 LYS n 
1 240 ARG n 
1 241 THR n 
1 242 PRO n 
1 243 GLY n 
1 244 PHE n 
1 245 VAL n 
1 246 GLY n 
1 247 ALA n 
1 248 ASP n 
1 249 LEU n 
1 250 GLU n 
1 251 ASN n 
1 252 LEU n 
1 253 LEU n 
1 254 ASN n 
1 255 GLU n 
1 256 ALA n 
1 257 ALA n 
1 258 LEU n 
1 259 LEU n 
1 260 ALA n 
1 261 ALA n 
1 262 ARG n 
1 263 GLU n 
1 264 GLY n 
1 265 ARG n 
1 266 ARG n 
1 267 LYS n 
1 268 ILE n 
1 269 THR n 
1 270 MET n 
1 271 LYS n 
1 272 ASP n 
1 273 LEU n 
1 274 GLU n 
1 275 GLU n 
1 276 ALA n 
1 277 ALA n 
1 278 SER n 
# 
_entity_src_gen.entity_id                          1 
_entity_src_gen.pdbx_src_id                        1 
_entity_src_gen.pdbx_alt_source_flag               sample 
_entity_src_gen.pdbx_seq_type                      ? 
_entity_src_gen.pdbx_beg_seq_num                   ? 
_entity_src_gen.pdbx_end_seq_num                   ? 
_entity_src_gen.gene_src_common_name               ? 
_entity_src_gen.gene_src_genus                     Thermus 
_entity_src_gen.pdbx_gene_src_gene                 FtsH 
_entity_src_gen.gene_src_species                   ? 
_entity_src_gen.gene_src_strain                    ? 
_entity_src_gen.gene_src_tissue                    ? 
_entity_src_gen.gene_src_tissue_fraction           ? 
_entity_src_gen.gene_src_details                   ? 
_entity_src_gen.pdbx_gene_src_fragment             ? 
_entity_src_gen.pdbx_gene_src_scientific_name      'Thermus thermophilus' 
_entity_src_gen.pdbx_gene_src_ncbi_taxonomy_id     274 
_entity_src_gen.pdbx_gene_src_variant              ? 
_entity_src_gen.pdbx_gene_src_cell_line            ? 
_entity_src_gen.pdbx_gene_src_atcc                 ? 
_entity_src_gen.pdbx_gene_src_organ                ? 
_entity_src_gen.pdbx_gene_src_organelle            ? 
_entity_src_gen.pdbx_gene_src_cell                 ? 
_entity_src_gen.pdbx_gene_src_cellular_location    ? 
_entity_src_gen.host_org_common_name               ? 
_entity_src_gen.pdbx_host_org_scientific_name      'Escherichia coli BL21(DE3)' 
_entity_src_gen.pdbx_host_org_ncbi_taxonomy_id     469008 
_entity_src_gen.host_org_genus                     Escherichia 
_entity_src_gen.pdbx_host_org_gene                 ? 
_entity_src_gen.pdbx_host_org_organ                ? 
_entity_src_gen.host_org_species                   'Escherichia coli' 
_entity_src_gen.pdbx_host_org_tissue               ? 
_entity_src_gen.pdbx_host_org_tissue_fraction      ? 
_entity_src_gen.pdbx_host_org_strain               'BL21(DE3)' 
_entity_src_gen.pdbx_host_org_variant              ? 
_entity_src_gen.pdbx_host_org_cell_line            ? 
_entity_src_gen.pdbx_host_org_atcc                 ? 
_entity_src_gen.pdbx_host_org_culture_collection   ? 
_entity_src_gen.pdbx_host_org_cell                 ? 
_entity_src_gen.pdbx_host_org_organelle            ? 
_entity_src_gen.pdbx_host_org_cellular_location    ? 
_entity_src_gen.pdbx_host_org_vector_type          PLASMID 
_entity_src_gen.pdbx_host_org_vector               ? 
_entity_src_gen.host_org_details                   ? 
_entity_src_gen.expression_system_id               ? 
_entity_src_gen.plasmid_name                       pGEX-6P-1 
_entity_src_gen.plasmid_details                    ? 
_entity_src_gen.pdbx_description                   ? 
# 
loop_
_chem_comp.id 
_chem_comp.type 
_chem_comp.mon_nstd_flag 
_chem_comp.name 
_chem_comp.pdbx_synonyms 
_chem_comp.formula 
_chem_comp.formula_weight 
ALA 'L-peptide linking' y ALANINE         ? 'C3 H7 N O2'     89.093  
ARG 'L-peptide linking' y ARGININE        ? 'C6 H15 N4 O2 1' 175.209 
ASN 'L-peptide linking' y ASPARAGINE      ? 'C4 H8 N2 O3'    132.118 
ASP 'L-peptide linking' y 'ASPARTIC ACID' ? 'C4 H7 N O4'     133.103 
CYS 'L-peptide linking' y CYSTEINE        ? 'C3 H7 N O2 S'   121.158 
GLN 'L-peptide linking' y GLUTAMINE       ? 'C5 H10 N2 O3'   146.144 
GLU 'L-peptide linking' y 'GLUTAMIC ACID' ? 'C5 H9 N O4'     147.129 
GLY 'peptide linking'   y GLYCINE         ? 'C2 H5 N O2'     75.067  
HIS 'L-peptide linking' y HISTIDINE       ? 'C6 H10 N3 O2 1' 156.162 
ILE 'L-peptide linking' y ISOLEUCINE      ? 'C6 H13 N O2'    131.173 
LEU 'L-peptide linking' y LEUCINE         ? 'C6 H13 N O2'    131.173 
LYS 'L-peptide linking' y LYSINE          ? 'C6 H15 N2 O2 1' 147.195 
MET 'L-peptide linking' y METHIONINE      ? 'C5 H11 N O2 S'  149.211 
PHE 'L-peptide linking' y PHENYLALANINE   ? 'C9 H11 N O2'    165.189 
PRO 'L-peptide linking' y PROLINE         ? 'C5 H9 N O2'     115.130 
SER 'L-peptide linking' y SERINE          ? 'C3 H7 N O3'     105.093 
SO4 non-polymer         . 'SULFATE ION'   ? 'O4 S -2'        96.063  
THR 'L-peptide linking' y THREONINE       ? 'C4 H9 N O3'     119.119 
VAL 'L-peptide linking' y VALINE          ? 'C5 H11 N O2'    117.146 
# 
loop_
_pdbx_poly_seq_scheme.asym_id 
_pdbx_poly_seq_scheme.entity_id 
_pdbx_poly_seq_scheme.seq_id 
_pdbx_poly_seq_scheme.mon_id 
_pdbx_poly_seq_scheme.ndb_seq_num 
_pdbx_poly_seq_scheme.pdb_seq_num 
_pdbx_poly_seq_scheme.auth_seq_num 
_pdbx_poly_seq_scheme.pdb_mon_id 
_pdbx_poly_seq_scheme.auth_mon_id 
_pdbx_poly_seq_scheme.pdb_strand_id 
_pdbx_poly_seq_scheme.pdb_ins_code 
_pdbx_poly_seq_scheme.hetero 
A 1 1   GLY 1   117 ?   ?   ?   A . n 
A 1 2   PRO 2   118 ?   ?   ?   A . n 
A 1 3   LEU 3   119 ?   ?   ?   A . n 
A 1 4   GLY 4   120 ?   ?   ?   A . n 
A 1 5   SER 5   121 ?   ?   ?   A . n 
A 1 6   HIS 6   122 ?   ?   ?   A . n 
A 1 7   MET 7   123 ?   ?   ?   A . n 
A 1 8   GLY 8   124 ?   ?   ?   A . n 
A 1 9   ALA 9   125 ?   ?   ?   A . n 
A 1 10  ARG 10  126 ?   ?   ?   A . n 
A 1 11  ASN 11  127 ?   ?   ?   A . n 
A 1 12  GLY 12  128 ?   ?   ?   A . n 
A 1 13  ARG 13  129 ?   ?   ?   A . n 
A 1 14  ALA 14  130 ?   ?   ?   A . n 
A 1 15  GLY 15  131 ?   ?   ?   A . n 
A 1 16  PRO 16  132 ?   ?   ?   A . n 
A 1 17  SER 17  133 ?   ?   ?   A . n 
A 1 18  ASP 18  134 ?   ?   ?   A . n 
A 1 19  SER 19  135 ?   ?   ?   A . n 
A 1 20  ALA 20  136 ?   ?   ?   A . n 
A 1 21  PHE 21  137 ?   ?   ?   A . n 
A 1 22  SER 22  138 ?   ?   ?   A . n 
A 1 23  PHE 23  139 ?   ?   ?   A . n 
A 1 24  THR 24  140 ?   ?   ?   A . n 
A 1 25  LYS 25  141 ?   ?   ?   A . n 
A 1 26  SER 26  142 142 SER ALA A . n 
A 1 27  ARG 27  143 143 ARG ALA A . n 
A 1 28  ALA 28  144 144 ALA ALA A . n 
A 1 29  ARG 29  145 145 ARG ALA A . n 
A 1 30  VAL 30  146 146 VAL ALA A . n 
A 1 31  LEU 31  147 147 LEU LEU A . n 
A 1 32  THR 32  148 148 THR THR A . n 
A 1 33  GLU 33  149 149 GLU GLU A . n 
A 1 34  ALA 34  150 150 ALA ALA A . n 
A 1 35  PRO 35  151 151 PRO PRO A . n 
A 1 36  LYS 36  152 152 LYS ALA A . n 
A 1 37  VAL 37  153 153 VAL VAL A . n 
A 1 38  THR 38  154 154 THR THR A . n 
A 1 39  PHE 39  155 155 PHE PHE A . n 
A 1 40  LYS 40  156 156 LYS LYS A . n 
A 1 41  ASP 41  157 157 ASP ASP A . n 
A 1 42  VAL 42  158 158 VAL VAL A . n 
A 1 43  ALA 43  159 159 ALA ALA A . n 
A 1 44  GLY 44  160 160 GLY GLY A . n 
A 1 45  ALA 45  161 161 ALA ALA A . n 
A 1 46  GLU 46  162 162 GLU GLU A . n 
A 1 47  GLU 47  163 163 GLU GLU A . n 
A 1 48  ALA 48  164 164 ALA ALA A . n 
A 1 49  LYS 49  165 165 LYS LYS A . n 
A 1 50  GLU 50  166 166 GLU GLU A . n 
A 1 51  GLU 51  167 167 GLU GLU A . n 
A 1 52  LEU 52  168 168 LEU LEU A . n 
A 1 53  LYS 53  169 169 LYS ALA A . n 
A 1 54  GLU 54  170 170 GLU GLU A . n 
A 1 55  ILE 55  171 171 ILE ILE A . n 
A 1 56  VAL 56  172 172 VAL VAL A . n 
A 1 57  GLU 57  173 173 GLU GLU A . n 
A 1 58  PHE 58  174 174 PHE PHE A . n 
A 1 59  LEU 59  175 175 LEU LEU A . n 
A 1 60  LYS 60  176 176 LYS LYS A . n 
A 1 61  ASN 61  177 177 ASN ASN A . n 
A 1 62  PRO 62  178 178 PRO PRO A . n 
A 1 63  SER 63  179 179 SER SER A . n 
A 1 64  ARG 64  180 180 ARG ALA A . n 
A 1 65  PHE 65  181 181 PHE PHE A . n 
A 1 66  HIS 66  182 182 HIS HIS A . n 
A 1 67  GLU 67  183 183 GLU GLU A . n 
A 1 68  MET 68  184 184 MET ALA A . n 
A 1 69  GLY 69  185 185 GLY GLY A . n 
A 1 70  ALA 70  186 186 ALA ALA A . n 
A 1 71  ARG 71  187 187 ARG ALA A . n 
A 1 72  ILE 72  188 188 ILE ILE A . n 
A 1 73  PRO 73  189 189 PRO PRO A . n 
A 1 74  LYS 74  190 190 LYS LYS A . n 
A 1 75  GLY 75  191 191 GLY GLY A . n 
A 1 76  VAL 76  192 192 VAL VAL A . n 
A 1 77  LEU 77  193 193 LEU LEU A . n 
A 1 78  LEU 78  194 194 LEU LEU A . n 
A 1 79  VAL 79  195 195 VAL VAL A . n 
A 1 80  GLY 80  196 196 GLY GLY A . n 
A 1 81  PRO 81  197 197 PRO PRO A . n 
A 1 82  PRO 82  198 198 PRO PRO A . n 
A 1 83  GLY 83  199 199 GLY GLY A . n 
A 1 84  VAL 84  200 200 VAL VAL A . n 
A 1 85  GLY 85  201 201 GLY GLY A . n 
A 1 86  LYS 86  202 202 LYS LYS A . n 
A 1 87  THR 87  203 203 THR THR A . n 
A 1 88  HIS 88  204 204 HIS HIS A . n 
A 1 89  LEU 89  205 205 LEU LEU A . n 
A 1 90  ALA 90  206 206 ALA ALA A . n 
A 1 91  ARG 91  207 207 ARG ARG A . n 
A 1 92  ALA 92  208 208 ALA ALA A . n 
A 1 93  VAL 93  209 209 VAL VAL A . n 
A 1 94  ALA 94  210 210 ALA ALA A . n 
A 1 95  GLY 95  211 211 GLY GLY A . n 
A 1 96  GLU 96  212 212 GLU GLU A . n 
A 1 97  ALA 97  213 213 ALA ALA A . n 
A 1 98  ARG 98  214 214 ARG ALA A . n 
A 1 99  VAL 99  215 215 VAL VAL A . n 
A 1 100 PRO 100 216 216 PRO PRO A . n 
A 1 101 PHE 101 217 217 PHE PHE A . n 
A 1 102 ILE 102 218 218 ILE ILE A . n 
A 1 103 THR 103 219 219 THR THR A . n 
A 1 104 ALA 104 220 220 ALA ALA A . n 
A 1 105 SER 105 221 221 SER SER A . n 
A 1 106 GLY 106 222 222 GLY GLY A . n 
A 1 107 SER 107 223 223 SER SER A . n 
A 1 108 ASP 108 224 224 ASP ASP A . n 
A 1 109 PHE 109 225 225 PHE PHE A . n 
A 1 110 VAL 110 226 226 VAL VAL A . n 
A 1 111 GLU 111 227 227 GLU ALA A . n 
A 1 112 MET 112 228 228 MET ALA A . n 
A 1 113 PHE 113 229 229 PHE ALA A . n 
A 1 114 VAL 114 230 230 VAL ALA A . n 
A 1 115 GLY 115 231 231 GLY GLY A . n 
A 1 116 VAL 116 232 232 VAL VAL A . n 
A 1 117 GLY 117 233 233 GLY GLY A . n 
A 1 118 ALA 118 234 234 ALA ALA A . n 
A 1 119 ALA 119 235 235 ALA ALA A . n 
A 1 120 ARG 120 236 236 ARG ARG A . n 
A 1 121 VAL 121 237 237 VAL VAL A . n 
A 1 122 ARG 122 238 238 ARG ARG A . n 
A 1 123 ASP 123 239 239 ASP ASP A . n 
A 1 124 LEU 124 240 240 LEU LEU A . n 
A 1 125 PHE 125 241 241 PHE PHE A . n 
A 1 126 GLU 126 242 242 GLU ALA A . n 
A 1 127 THR 127 243 243 THR THR A . n 
A 1 128 ALA 128 244 244 ALA ALA A . n 
A 1 129 LYS 129 245 245 LYS ALA A . n 
A 1 130 ARG 130 246 246 ARG ALA A . n 
A 1 131 HIS 131 247 247 HIS HIS A . n 
A 1 132 ALA 132 248 248 ALA ALA A . n 
A 1 133 PRO 133 249 249 PRO PRO A . n 
A 1 134 CYS 134 250 250 CYS CYS A . n 
A 1 135 ILE 135 251 251 ILE ILE A . n 
A 1 136 VAL 136 252 252 VAL VAL A . n 
A 1 137 PHE 137 253 253 PHE PHE A . n 
A 1 138 ILE 138 254 254 ILE ILE A . n 
A 1 139 ASP 139 255 255 ASP ASP A . n 
A 1 140 GLU 140 256 256 GLU GLU A . n 
A 1 141 ILE 141 257 257 ILE ILE A . n 
A 1 142 ASP 142 258 258 ASP ASP A . n 
A 1 143 ALA 143 259 259 ALA ALA A . n 
A 1 144 VAL 144 260 260 VAL VAL A . n 
A 1 145 GLY 145 261 261 GLY GLY A . n 
A 1 146 ARG 146 262 262 ARG ALA A . n 
A 1 147 LYS 147 263 263 LYS ALA A . n 
A 1 148 ARG 148 264 ?   ?   ?   A . n 
A 1 149 GLY 149 265 ?   ?   ?   A . n 
A 1 150 SER 150 266 ?   ?   ?   A . n 
A 1 151 GLY 151 267 ?   ?   ?   A . n 
A 1 152 VAL 152 268 ?   ?   ?   A . n 
A 1 153 GLY 153 269 ?   ?   ?   A . n 
A 1 154 GLY 154 270 ?   ?   ?   A . n 
A 1 155 GLY 155 271 ?   ?   ?   A . n 
A 1 156 ASN 156 272 272 ASN ALA A . n 
A 1 157 ASP 157 273 273 ASP ALA A . n 
A 1 158 GLU 158 274 274 GLU ALA A . n 
A 1 159 ARG 159 275 275 ARG ARG A . n 
A 1 160 GLU 160 276 276 GLU ALA A . n 
A 1 161 GLN 161 277 277 GLN ALA A . n 
A 1 162 THR 162 278 278 THR THR A . n 
A 1 163 LEU 163 279 279 LEU LEU A . n 
A 1 164 ASN 164 280 280 ASN ASN A . n 
A 1 165 GLN 165 281 281 GLN GLN A . n 
A 1 166 LEU 166 282 282 LEU LEU A . n 
A 1 167 LEU 167 283 283 LEU LEU A . n 
A 1 168 VAL 168 284 284 VAL VAL A . n 
A 1 169 GLU 169 285 285 GLU GLU A . n 
A 1 170 MET 170 286 286 MET MET A . n 
A 1 171 ASP 171 287 287 ASP ASP A . n 
A 1 172 GLY 172 288 288 GLY GLY A . n 
A 1 173 PHE 173 289 289 PHE PHE A . n 
A 1 174 GLU 174 290 290 GLU GLU A . n 
A 1 175 LYS 175 291 291 LYS LYS A . n 
A 1 176 ASP 176 292 292 ASP ASP A . n 
A 1 177 THR 177 293 293 THR THR A . n 
A 1 178 ALA 178 294 294 ALA ALA A . n 
A 1 179 ILE 179 295 295 ILE ILE A . n 
A 1 180 VAL 180 296 296 VAL VAL A . n 
A 1 181 VAL 181 297 297 VAL VAL A . n 
A 1 182 MET 182 298 298 MET MET A . n 
A 1 183 ALA 183 299 299 ALA ALA A . n 
A 1 184 ALA 184 300 300 ALA ALA A . n 
A 1 185 THR 185 301 301 THR THR A . n 
A 1 186 ASN 186 302 302 ASN ASN A . n 
A 1 187 ARG 187 303 303 ARG ALA A . n 
A 1 188 PRO 188 304 304 PRO PRO A . n 
A 1 189 ASP 189 305 305 ASP ASP A . n 
A 1 190 ILE 190 306 306 ILE ILE A . n 
A 1 191 LEU 191 307 307 LEU LEU A . n 
A 1 192 ASP 192 308 308 ASP ASP A . n 
A 1 193 PRO 193 309 309 PRO PRO A . n 
A 1 194 ALA 194 310 310 ALA ALA A . n 
A 1 195 LEU 195 311 311 LEU LEU A . n 
A 1 196 LEU 196 312 312 LEU LEU A . n 
A 1 197 ARG 197 313 313 ARG ALA A . n 
A 1 198 PRO 198 314 314 PRO PRO A . n 
A 1 199 GLY 199 315 315 GLY GLY A . n 
A 1 200 ARG 200 316 316 ARG ARG A . n 
A 1 201 PHE 201 317 317 PHE PHE A . n 
A 1 202 ASP 202 318 318 ASP ASP A . n 
A 1 203 ARG 203 319 319 ARG ARG A . n 
A 1 204 GLN 204 320 320 GLN GLN A . n 
A 1 205 ILE 205 321 321 ILE ILE A . n 
A 1 206 ALA 206 322 322 ALA ALA A . n 
A 1 207 ILE 207 323 323 ILE ILE A . n 
A 1 208 ASP 208 324 324 ASP ASP A . n 
A 1 209 ALA 209 325 325 ALA ALA A . n 
A 1 210 PRO 210 326 326 PRO PRO A . n 
A 1 211 ASP 211 327 327 ASP ASP A . n 
A 1 212 VAL 212 328 328 VAL VAL A . n 
A 1 213 LYS 213 329 329 LYS ALA A . n 
A 1 214 GLY 214 330 330 GLY GLY A . n 
A 1 215 ARG 215 331 331 ARG ARG A . n 
A 1 216 GLU 216 332 332 GLU GLU A . n 
A 1 217 GLN 217 333 333 GLN ALA A . n 
A 1 218 ILE 218 334 334 ILE ILE A . n 
A 1 219 LEU 219 335 335 LEU LEU A . n 
A 1 220 ARG 220 336 336 ARG ARG A . n 
A 1 221 ILE 221 337 337 ILE ILE A . n 
A 1 222 HIS 222 338 338 HIS HIS A . n 
A 1 223 ALA 223 339 339 ALA ALA A . n 
A 1 224 ARG 224 340 340 ARG ARG A . n 
A 1 225 GLY 225 341 341 GLY GLY A . n 
A 1 226 LYS 226 342 342 LYS LYS A . n 
A 1 227 PRO 227 343 343 PRO PRO A . n 
A 1 228 LEU 228 344 344 LEU LEU A . n 
A 1 229 ALA 229 345 345 ALA ALA A . n 
A 1 230 GLU 230 346 346 GLU ALA A . n 
A 1 231 ASP 231 347 347 ASP ASP A . n 
A 1 232 VAL 232 348 348 VAL VAL A . n 
A 1 233 ASP 233 349 349 ASP ASP A . n 
A 1 234 LEU 234 350 350 LEU LEU A . n 
A 1 235 ALA 235 351 351 ALA ALA A . n 
A 1 236 LEU 236 352 352 LEU LEU A . n 
A 1 237 LEU 237 353 353 LEU LEU A . n 
A 1 238 ALA 238 354 354 ALA ALA A . n 
A 1 239 LYS 239 355 355 LYS ALA A . n 
A 1 240 ARG 240 356 356 ARG ALA A . n 
A 1 241 THR 241 357 357 THR THR A . n 
A 1 242 PRO 242 358 358 PRO PRO A . n 
A 1 243 GLY 243 359 359 GLY GLY A . n 
A 1 244 PHE 244 360 360 PHE PHE A . n 
A 1 245 VAL 245 361 361 VAL ALA A . n 
A 1 246 GLY 246 362 362 GLY GLY A . n 
A 1 247 ALA 247 363 363 ALA ALA A . n 
A 1 248 ASP 248 364 364 ASP ASP A . n 
A 1 249 LEU 249 365 365 LEU LEU A . n 
A 1 250 GLU 250 366 366 GLU GLU A . n 
A 1 251 ASN 251 367 367 ASN ASN A . n 
A 1 252 LEU 252 368 368 LEU LEU A . n 
A 1 253 LEU 253 369 369 LEU LEU A . n 
A 1 254 ASN 254 370 370 ASN ASN A . n 
A 1 255 GLU 255 371 371 GLU GLU A . n 
A 1 256 ALA 256 372 372 ALA ALA A . n 
A 1 257 ALA 257 373 373 ALA ALA A . n 
A 1 258 LEU 258 374 374 LEU LEU A . n 
A 1 259 LEU 259 375 375 LEU ALA A . n 
A 1 260 ALA 260 376 376 ALA ALA A . n 
A 1 261 ALA 261 377 377 ALA ALA A . n 
A 1 262 ARG 262 378 378 ARG ALA A . n 
A 1 263 GLU 263 379 379 GLU GLU A . n 
A 1 264 GLY 264 380 380 GLY GLY A . n 
A 1 265 ARG 265 381 381 ARG ARG A . n 
A 1 266 ARG 266 382 382 ARG ARG A . n 
A 1 267 LYS 267 383 383 LYS LYS A . n 
A 1 268 ILE 268 384 384 ILE ILE A . n 
A 1 269 THR 269 385 385 THR THR A . n 
A 1 270 MET 270 386 386 MET MET A . n 
A 1 271 LYS 271 387 387 LYS ALA A . n 
A 1 272 ASP 272 388 388 ASP ASP A . n 
A 1 273 LEU 273 389 389 LEU LEU A . n 
A 1 274 GLU 274 390 390 GLU ALA A . n 
A 1 275 GLU 275 391 391 GLU GLU A . n 
A 1 276 ALA 276 392 392 ALA ALA A . n 
A 1 277 ALA 277 393 393 ALA ALA A . n 
A 1 278 SER 278 393 394 SER SER A A n 
# 
_pdbx_nonpoly_scheme.asym_id         B 
_pdbx_nonpoly_scheme.entity_id       2 
_pdbx_nonpoly_scheme.mon_id          SO4 
_pdbx_nonpoly_scheme.ndb_seq_num     1 
_pdbx_nonpoly_scheme.pdb_seq_num     101 
_pdbx_nonpoly_scheme.auth_seq_num    101 
_pdbx_nonpoly_scheme.pdb_mon_id      SO4 
_pdbx_nonpoly_scheme.auth_mon_id     SO4 
_pdbx_nonpoly_scheme.pdb_strand_id   A 
_pdbx_nonpoly_scheme.pdb_ins_code    . 
# 
loop_
_pdbx_unobs_or_zero_occ_atoms.id 
_pdbx_unobs_or_zero_occ_atoms.PDB_model_num 
_pdbx_unobs_or_zero_occ_atoms.polymer_flag 
_pdbx_unobs_or_zero_occ_atoms.occupancy_flag 
_pdbx_unobs_or_zero_occ_atoms.auth_asym_id 
_pdbx_unobs_or_zero_occ_atoms.auth_comp_id 
_pdbx_unobs_or_zero_occ_atoms.auth_seq_id 
_pdbx_unobs_or_zero_occ_atoms.PDB_ins_code 
_pdbx_unobs_or_zero_occ_atoms.auth_atom_id 
_pdbx_unobs_or_zero_occ_atoms.label_alt_id 
_pdbx_unobs_or_zero_occ_atoms.label_asym_id 
_pdbx_unobs_or_zero_occ_atoms.label_comp_id 
_pdbx_unobs_or_zero_occ_atoms.label_seq_id 
_pdbx_unobs_or_zero_occ_atoms.label_atom_id 
1   1 Y 1 A SER 142 ? OG  ? A SER 26  OG  
2   1 Y 1 A ARG 143 ? CG  ? A ARG 27  CG  
3   1 Y 1 A ARG 143 ? CD  ? A ARG 27  CD  
4   1 Y 1 A ARG 143 ? NE  ? A ARG 27  NE  
5   1 Y 1 A ARG 143 ? CZ  ? A ARG 27  CZ  
6   1 Y 1 A ARG 143 ? NH1 ? A ARG 27  NH1 
7   1 Y 1 A ARG 143 ? NH2 ? A ARG 27  NH2 
8   1 Y 1 A ARG 145 ? CG  ? A ARG 29  CG  
9   1 Y 1 A ARG 145 ? CD  ? A ARG 29  CD  
10  1 Y 1 A ARG 145 ? NE  ? A ARG 29  NE  
11  1 Y 1 A ARG 145 ? CZ  ? A ARG 29  CZ  
12  1 Y 1 A ARG 145 ? NH1 ? A ARG 29  NH1 
13  1 Y 1 A ARG 145 ? NH2 ? A ARG 29  NH2 
14  1 Y 1 A VAL 146 ? CG1 ? A VAL 30  CG1 
15  1 Y 1 A VAL 146 ? CG2 ? A VAL 30  CG2 
16  1 Y 1 A LYS 152 ? CG  ? A LYS 36  CG  
17  1 Y 1 A LYS 152 ? CD  ? A LYS 36  CD  
18  1 Y 1 A LYS 152 ? CE  ? A LYS 36  CE  
19  1 Y 1 A LYS 152 ? NZ  ? A LYS 36  NZ  
20  1 Y 1 A LYS 169 ? CG  ? A LYS 53  CG  
21  1 Y 1 A LYS 169 ? CD  ? A LYS 53  CD  
22  1 Y 1 A LYS 169 ? CE  ? A LYS 53  CE  
23  1 Y 1 A LYS 169 ? NZ  ? A LYS 53  NZ  
24  1 Y 1 A ARG 180 ? CG  ? A ARG 64  CG  
25  1 Y 1 A ARG 180 ? CD  ? A ARG 64  CD  
26  1 Y 1 A ARG 180 ? NE  ? A ARG 64  NE  
27  1 Y 1 A ARG 180 ? CZ  ? A ARG 64  CZ  
28  1 Y 1 A ARG 180 ? NH1 ? A ARG 64  NH1 
29  1 Y 1 A ARG 180 ? NH2 ? A ARG 64  NH2 
30  1 Y 1 A MET 184 ? CG  ? A MET 68  CG  
31  1 Y 1 A MET 184 ? SD  ? A MET 68  SD  
32  1 Y 1 A MET 184 ? CE  ? A MET 68  CE  
33  1 Y 1 A ARG 187 ? CG  ? A ARG 71  CG  
34  1 Y 1 A ARG 187 ? CD  ? A ARG 71  CD  
35  1 Y 1 A ARG 187 ? NE  ? A ARG 71  NE  
36  1 Y 1 A ARG 187 ? CZ  ? A ARG 71  CZ  
37  1 Y 1 A ARG 187 ? NH1 ? A ARG 71  NH1 
38  1 Y 1 A ARG 187 ? NH2 ? A ARG 71  NH2 
39  1 Y 1 A ARG 214 ? CG  ? A ARG 98  CG  
40  1 Y 1 A ARG 214 ? CD  ? A ARG 98  CD  
41  1 Y 1 A ARG 214 ? NE  ? A ARG 98  NE  
42  1 Y 1 A ARG 214 ? CZ  ? A ARG 98  CZ  
43  1 Y 1 A ARG 214 ? NH1 ? A ARG 98  NH1 
44  1 Y 1 A ARG 214 ? NH2 ? A ARG 98  NH2 
45  1 Y 1 A GLU 227 ? CG  ? A GLU 111 CG  
46  1 Y 1 A GLU 227 ? CD  ? A GLU 111 CD  
47  1 Y 1 A GLU 227 ? OE1 ? A GLU 111 OE1 
48  1 Y 1 A GLU 227 ? OE2 ? A GLU 111 OE2 
49  1 Y 1 A MET 228 ? CG  ? A MET 112 CG  
50  1 Y 1 A MET 228 ? SD  ? A MET 112 SD  
51  1 Y 1 A MET 228 ? CE  ? A MET 112 CE  
52  1 Y 1 A PHE 229 ? CG  ? A PHE 113 CG  
53  1 Y 1 A PHE 229 ? CD1 ? A PHE 113 CD1 
54  1 Y 1 A PHE 229 ? CD2 ? A PHE 113 CD2 
55  1 Y 1 A PHE 229 ? CE1 ? A PHE 113 CE1 
56  1 Y 1 A PHE 229 ? CE2 ? A PHE 113 CE2 
57  1 Y 1 A PHE 229 ? CZ  ? A PHE 113 CZ  
58  1 Y 1 A VAL 230 ? CG1 ? A VAL 114 CG1 
59  1 Y 1 A VAL 230 ? CG2 ? A VAL 114 CG2 
60  1 Y 1 A GLU 242 ? CG  ? A GLU 126 CG  
61  1 Y 1 A GLU 242 ? CD  ? A GLU 126 CD  
62  1 Y 1 A GLU 242 ? OE1 ? A GLU 126 OE1 
63  1 Y 1 A GLU 242 ? OE2 ? A GLU 126 OE2 
64  1 Y 1 A LYS 245 ? CG  ? A LYS 129 CG  
65  1 Y 1 A LYS 245 ? CD  ? A LYS 129 CD  
66  1 Y 1 A LYS 245 ? CE  ? A LYS 129 CE  
67  1 Y 1 A LYS 245 ? NZ  ? A LYS 129 NZ  
68  1 Y 1 A ARG 246 ? CG  ? A ARG 130 CG  
69  1 Y 1 A ARG 246 ? CD  ? A ARG 130 CD  
70  1 Y 1 A ARG 246 ? NE  ? A ARG 130 NE  
71  1 Y 1 A ARG 246 ? CZ  ? A ARG 130 CZ  
72  1 Y 1 A ARG 246 ? NH1 ? A ARG 130 NH1 
73  1 Y 1 A ARG 246 ? NH2 ? A ARG 130 NH2 
74  1 Y 1 A ARG 262 ? CG  ? A ARG 146 CG  
75  1 Y 1 A ARG 262 ? CD  ? A ARG 146 CD  
76  1 Y 1 A ARG 262 ? NE  ? A ARG 146 NE  
77  1 Y 1 A ARG 262 ? CZ  ? A ARG 146 CZ  
78  1 Y 1 A ARG 262 ? NH1 ? A ARG 146 NH1 
79  1 Y 1 A ARG 262 ? NH2 ? A ARG 146 NH2 
80  1 Y 1 A LYS 263 ? CG  ? A LYS 147 CG  
81  1 Y 1 A LYS 263 ? CD  ? A LYS 147 CD  
82  1 Y 1 A LYS 263 ? CE  ? A LYS 147 CE  
83  1 Y 1 A LYS 263 ? NZ  ? A LYS 147 NZ  
84  1 Y 1 A ASN 272 ? CG  ? A ASN 156 CG  
85  1 Y 1 A ASN 272 ? OD1 ? A ASN 156 OD1 
86  1 Y 1 A ASN 272 ? ND2 ? A ASN 156 ND2 
87  1 Y 1 A ASP 273 ? CG  ? A ASP 157 CG  
88  1 Y 1 A ASP 273 ? OD1 ? A ASP 157 OD1 
89  1 Y 1 A ASP 273 ? OD2 ? A ASP 157 OD2 
90  1 Y 1 A GLU 274 ? CG  ? A GLU 158 CG  
91  1 Y 1 A GLU 274 ? CD  ? A GLU 158 CD  
92  1 Y 1 A GLU 274 ? OE1 ? A GLU 158 OE1 
93  1 Y 1 A GLU 274 ? OE2 ? A GLU 158 OE2 
94  1 Y 1 A GLU 276 ? CG  ? A GLU 160 CG  
95  1 Y 1 A GLU 276 ? CD  ? A GLU 160 CD  
96  1 Y 1 A GLU 276 ? OE1 ? A GLU 160 OE1 
97  1 Y 1 A GLU 276 ? OE2 ? A GLU 160 OE2 
98  1 Y 1 A GLN 277 ? CG  ? A GLN 161 CG  
99  1 Y 1 A GLN 277 ? CD  ? A GLN 161 CD  
100 1 Y 1 A GLN 277 ? OE1 ? A GLN 161 OE1 
101 1 Y 1 A GLN 277 ? NE2 ? A GLN 161 NE2 
102 1 Y 1 A ARG 303 ? CG  ? A ARG 187 CG  
103 1 Y 1 A ARG 303 ? CD  ? A ARG 187 CD  
104 1 Y 1 A ARG 303 ? NE  ? A ARG 187 NE  
105 1 Y 1 A ARG 303 ? CZ  ? A ARG 187 CZ  
106 1 Y 1 A ARG 303 ? NH1 ? A ARG 187 NH1 
107 1 Y 1 A ARG 303 ? NH2 ? A ARG 187 NH2 
108 1 Y 1 A ARG 313 ? CG  ? A ARG 197 CG  
109 1 Y 1 A ARG 313 ? CD  ? A ARG 197 CD  
110 1 Y 1 A ARG 313 ? NE  ? A ARG 197 NE  
111 1 Y 1 A ARG 313 ? CZ  ? A ARG 197 CZ  
112 1 Y 1 A ARG 313 ? NH1 ? A ARG 197 NH1 
113 1 Y 1 A ARG 313 ? NH2 ? A ARG 197 NH2 
114 1 Y 1 A LYS 329 ? CG  ? A LYS 213 CG  
115 1 Y 1 A LYS 329 ? CD  ? A LYS 213 CD  
116 1 Y 1 A LYS 329 ? CE  ? A LYS 213 CE  
117 1 Y 1 A LYS 329 ? NZ  ? A LYS 213 NZ  
118 1 Y 1 A GLN 333 ? CG  ? A GLN 217 CG  
119 1 Y 1 A GLN 333 ? CD  ? A GLN 217 CD  
120 1 Y 1 A GLN 333 ? OE1 ? A GLN 217 OE1 
121 1 Y 1 A GLN 333 ? NE2 ? A GLN 217 NE2 
122 1 Y 1 A GLU 346 ? CG  ? A GLU 230 CG  
123 1 Y 1 A GLU 346 ? CD  ? A GLU 230 CD  
124 1 Y 1 A GLU 346 ? OE1 ? A GLU 230 OE1 
125 1 Y 1 A GLU 346 ? OE2 ? A GLU 230 OE2 
126 1 Y 1 A LYS 355 ? CG  ? A LYS 239 CG  
127 1 Y 1 A LYS 355 ? CD  ? A LYS 239 CD  
128 1 Y 1 A LYS 355 ? CE  ? A LYS 239 CE  
129 1 Y 1 A LYS 355 ? NZ  ? A LYS 239 NZ  
130 1 Y 1 A ARG 356 ? CG  ? A ARG 240 CG  
131 1 Y 1 A ARG 356 ? CD  ? A ARG 240 CD  
132 1 Y 1 A ARG 356 ? NE  ? A ARG 240 NE  
133 1 Y 1 A ARG 356 ? CZ  ? A ARG 240 CZ  
134 1 Y 1 A ARG 356 ? NH1 ? A ARG 240 NH1 
135 1 Y 1 A ARG 356 ? NH2 ? A ARG 240 NH2 
136 1 Y 1 A VAL 361 ? CG1 ? A VAL 245 CG1 
137 1 Y 1 A VAL 361 ? CG2 ? A VAL 245 CG2 
138 1 Y 1 A LEU 375 ? CG  ? A LEU 259 CG  
139 1 Y 1 A LEU 375 ? CD1 ? A LEU 259 CD1 
140 1 Y 1 A LEU 375 ? CD2 ? A LEU 259 CD2 
141 1 Y 1 A ARG 378 ? CG  ? A ARG 262 CG  
142 1 Y 1 A ARG 378 ? CD  ? A ARG 262 CD  
143 1 Y 1 A ARG 378 ? NE  ? A ARG 262 NE  
144 1 Y 1 A ARG 378 ? CZ  ? A ARG 262 CZ  
145 1 Y 1 A ARG 378 ? NH1 ? A ARG 262 NH1 
146 1 Y 1 A ARG 378 ? NH2 ? A ARG 262 NH2 
147 1 Y 1 A LYS 387 ? CG  ? A LYS 271 CG  
148 1 Y 1 A LYS 387 ? CD  ? A LYS 271 CD  
149 1 Y 1 A LYS 387 ? CE  ? A LYS 271 CE  
150 1 Y 1 A LYS 387 ? NZ  ? A LYS 271 NZ  
151 1 Y 1 A GLU 390 ? CG  ? A GLU 274 CG  
152 1 Y 1 A GLU 390 ? CD  ? A GLU 274 CD  
153 1 Y 1 A GLU 390 ? OE1 ? A GLU 274 OE1 
154 1 Y 1 A GLU 390 ? OE2 ? A GLU 274 OE2 
# 
loop_
_software.name 
_software.classification 
_software.version 
_software.citation_id 
_software.pdbx_ordinal 
DENZO     'data reduction' . ? 1 
SCALEPACK 'data scaling'   . ? 2 
EPMR      phasing          . ? 3 
CNS       refinement       . ? 4 
# 
_cell.entry_id           1IY2 
_cell.length_a           86.647 
_cell.length_b           101.149 
_cell.length_c           66.990 
_cell.angle_alpha        90.00 
_cell.angle_beta         90.00 
_cell.angle_gamma        90.00 
_cell.Z_PDB              8 
_cell.pdbx_unique_axis   ? 
# 
_symmetry.entry_id                         1IY2 
_symmetry.space_group_name_H-M             'C 2 2 21' 
_symmetry.pdbx_full_space_group_name_H-M   ? 
_symmetry.cell_setting                     ? 
_symmetry.Int_Tables_number                20 
# 
_exptl.entry_id          1IY2 
_exptl.method            'X-RAY DIFFRACTION' 
_exptl.crystals_number   1 
# 
_exptl_crystal.id                    1 
_exptl_crystal.density_meas          ? 
_exptl_crystal.density_percent_sol   49.80 
_exptl_crystal.density_Matthews      2.45 
_exptl_crystal.description           ? 
# 
_diffrn.id                     1 
_diffrn.ambient_temp           ? 
_diffrn.ambient_temp_details   ? 
_diffrn.crystal_id             1 
# 
_diffrn_detector.diffrn_id              1 
_diffrn_detector.detector               'IMAGE PLATE' 
_diffrn_detector.type                   MACSCIENCE 
_diffrn_detector.pdbx_collection_date   2001-07-04 
_diffrn_detector.details                ? 
# 
_diffrn_radiation.diffrn_id                        1 
_diffrn_radiation.wavelength_id                    1 
_diffrn_radiation.pdbx_monochromatic_or_laue_m_l   M 
_diffrn_radiation.monochromator                    OSMIC 
_diffrn_radiation.pdbx_diffrn_protocol             'SINGLE WAVELENGTH' 
_diffrn_radiation.pdbx_scattering_type             x-ray 
# 
_diffrn_radiation_wavelength.id           1 
_diffrn_radiation_wavelength.wavelength   1.5418 
_diffrn_radiation_wavelength.wt           1.0 
# 
_diffrn_source.diffrn_id                   1 
_diffrn_source.source                      'ROTATING ANODE' 
_diffrn_source.type                        MACSCIENCE 
_diffrn_source.pdbx_synchrotron_site       ? 
_diffrn_source.pdbx_synchrotron_beamline   ? 
_diffrn_source.pdbx_wavelength             ? 
_diffrn_source.pdbx_wavelength_list        1.5418 
# 
_reflns.entry_id                     1IY2 
_reflns.observed_criterion_sigma_F   0 
_reflns.observed_criterion_sigma_I   0 
_reflns.d_resolution_high            3.2 
_reflns.d_resolution_low             50 
_reflns.number_all                   5112 
_reflns.number_obs                   4964 
_reflns.percent_possible_obs         97.1 
_reflns.pdbx_Rmerge_I_obs            ? 
_reflns.pdbx_Rsym_value              ? 
_reflns.pdbx_netI_over_sigmaI        ? 
_reflns.B_iso_Wilson_estimate        ? 
_reflns.pdbx_redundancy              ? 
_reflns.R_free_details               ? 
_reflns.limit_h_max                  ? 
_reflns.limit_h_min                  ? 
_reflns.limit_k_max                  ? 
_reflns.limit_k_min                  ? 
_reflns.limit_l_max                  ? 
_reflns.limit_l_min                  ? 
_reflns.observed_criterion_F_max     ? 
_reflns.observed_criterion_F_min     ? 
_reflns.pdbx_diffrn_id               1 
_reflns.pdbx_ordinal                 1 
# 
_reflns_shell.d_res_high             3.2 
_reflns_shell.d_res_low              3.4 
_reflns_shell.percent_possible_all   92.6 
_reflns_shell.Rmerge_I_obs           ? 
_reflns_shell.pdbx_Rsym_value        ? 
_reflns_shell.meanI_over_sigI_obs    ? 
_reflns_shell.pdbx_redundancy        ? 
_reflns_shell.percent_possible_obs   ? 
_reflns_shell.number_unique_all      ? 
_reflns_shell.pdbx_diffrn_id         ? 
_reflns_shell.pdbx_ordinal           1 
# 
_refine.entry_id                                 1IY2 
_refine.ls_d_res_high                            3.2 
_refine.ls_d_res_low                             20 
_refine.pdbx_ls_sigma_F                          0 
_refine.pdbx_ls_sigma_I                          ? 
_refine.ls_number_reflns_all                     5075 
_refine.ls_number_reflns_obs                     4932 
_refine.ls_number_reflns_R_free                  370 
_refine.ls_percent_reflns_obs                    ? 
_refine.ls_R_factor_all                          ? 
_refine.ls_R_factor_obs                          ? 
_refine.ls_R_factor_R_work                       0.2530000 
_refine.ls_R_factor_R_free                       0.2940000 
_refine.ls_redundancy_reflns_obs                 ? 
_refine.pdbx_data_cutoff_high_absF               ? 
_refine.pdbx_data_cutoff_low_absF                ? 
_refine.ls_number_parameters                     ? 
_refine.ls_number_restraints                     ? 
_refine.ls_percent_reflns_R_free                 ? 
_refine.ls_R_factor_R_free_error                 ? 
_refine.ls_R_factor_R_free_error_details         ? 
_refine.pdbx_method_to_determine_struct          'MOLECULAR REPLACEMENT' 
_refine.pdbx_starting_model                      ? 
_refine.pdbx_ls_cross_valid_method               ? 
_refine.pdbx_R_Free_selection_details            RANDOM 
_refine.pdbx_stereochem_target_val_spec_case     ? 
_refine.pdbx_stereochemistry_target_values       'Engh & Huber' 
_refine.solvent_model_details                    ? 
_refine.solvent_model_param_bsol                 ? 
_refine.solvent_model_param_ksol                 ? 
_refine.occupancy_max                            ? 
_refine.occupancy_min                            ? 
_refine.pdbx_isotropic_thermal_model             ? 
_refine.B_iso_mean                               ? 
_refine.aniso_B[1][1]                            ? 
_refine.aniso_B[1][2]                            ? 
_refine.aniso_B[1][3]                            ? 
_refine.aniso_B[2][2]                            ? 
_refine.aniso_B[2][3]                            ? 
_refine.aniso_B[3][3]                            ? 
_refine.details                                  ? 
_refine.B_iso_min                                ? 
_refine.B_iso_max                                ? 
_refine.correlation_coeff_Fo_to_Fc               ? 
_refine.correlation_coeff_Fo_to_Fc_free          ? 
_refine.pdbx_solvent_vdw_probe_radii             ? 
_refine.pdbx_solvent_ion_probe_radii             ? 
_refine.pdbx_solvent_shrinkage_radii             ? 
_refine.overall_SU_R_Cruickshank_DPI             ? 
_refine.overall_SU_R_free                        ? 
_refine.overall_SU_B                             ? 
_refine.overall_SU_ML                            ? 
_refine.pdbx_overall_ESU_R                       ? 
_refine.pdbx_overall_ESU_R_Free                  ? 
_refine.pdbx_data_cutoff_high_rms_absF           ? 
_refine.pdbx_refine_id                           'X-RAY DIFFRACTION' 
_refine.pdbx_diffrn_id                           1 
_refine.pdbx_TLS_residual_ADP_flag               ? 
_refine.pdbx_overall_phase_error                 ? 
_refine.pdbx_overall_SU_R_free_Cruickshank_DPI   ? 
_refine.pdbx_overall_SU_R_Blow_DPI               ? 
_refine.pdbx_overall_SU_R_free_Blow_DPI          ? 
# 
_refine_analyze.entry_id                        1IY2 
_refine_analyze.Luzzati_coordinate_error_obs    0.4173 
_refine_analyze.Luzzati_sigma_a_obs             0.5189 
_refine_analyze.Luzzati_d_res_low_obs           5.0 
_refine_analyze.Luzzati_coordinate_error_free   0.4895 
_refine_analyze.Luzzati_sigma_a_free            0.7755 
_refine_analyze.Luzzati_d_res_low_free          ? 
_refine_analyze.number_disordered_residues      ? 
_refine_analyze.occupancy_sum_non_hydrogen      ? 
_refine_analyze.occupancy_sum_hydrogen          ? 
_refine_analyze.pdbx_Luzzati_d_res_high_obs     ? 
_refine_analyze.pdbx_refine_id                  'X-RAY DIFFRACTION' 
# 
_refine_hist.pdbx_refine_id                   'X-RAY DIFFRACTION' 
_refine_hist.cycle_id                         LAST 
_refine_hist.pdbx_number_atoms_protein        1729 
_refine_hist.pdbx_number_atoms_nucleic_acid   0 
_refine_hist.pdbx_number_atoms_ligand         5 
_refine_hist.number_atoms_solvent             0 
_refine_hist.number_atoms_total               1734 
_refine_hist.d_res_high                       3.2 
_refine_hist.d_res_low                        20 
# 
loop_
_refine_ls_restr.type 
_refine_ls_restr.dev_ideal 
_refine_ls_restr.dev_ideal_target 
_refine_ls_restr.weight 
_refine_ls_restr.number 
_refine_ls_restr.pdbx_refine_id 
_refine_ls_restr.pdbx_restraint_function 
c_angle_deg 0.9    ? ? ? 'X-RAY DIFFRACTION' ? 
c_bond_d    0.0038 ? ? ? 'X-RAY DIFFRACTION' ? 
# 
_struct.entry_id                  1IY2 
_struct.title                     'Crystal structure of the FtsH ATPase domain from Thermus thermophilus' 
_struct.pdbx_model_details        ? 
_struct.pdbx_CASP_flag            ? 
_struct.pdbx_model_type_details   ? 
# 
_struct_keywords.entry_id        1IY2 
_struct_keywords.pdbx_keywords   HYDROLASE 
_struct_keywords.text            'AAA domain fold, HYDROLASE' 
# 
loop_
_struct_asym.id 
_struct_asym.pdbx_blank_PDB_chainid_flag 
_struct_asym.pdbx_modified 
_struct_asym.entity_id 
_struct_asym.details 
A N N 1 ? 
B N N 2 ? 
# 
_struct_ref.id                         1 
_struct_ref.db_code                    Q9LCZ4_THETH 
_struct_ref.db_name                    UNP 
_struct_ref.entity_id                  1 
_struct_ref.pdbx_db_accession          Q9LCZ4 
_struct_ref.pdbx_align_begin           117 
_struct_ref.pdbx_seq_one_letter_code   
;LIGALYYFSRNGRAGPSDSAFSFTKSRARVLTEAPKVTFKDVAGAEEAKEELKEIVEFLKNPSRFHEMGARIPKGVLLVG
PPGVGKTHLARAVAGEARVPFITASGSDFVEMFVGVGAARVRDLFETAKRHAPCIVFIDEIDAVGRKRGSGVGGGNDERE
QTLNQLLVEMDGFEKDTAIVVMAATNRPDILDPALLRPGRFDRQIAIDAPDVKGREQILRIHARGKPLAEDVDLALLAKR
TPGFVGADLENLLNEAALLAAREGRRKITMKDLEEAAD
;
_struct_ref.pdbx_db_isoform            ? 
# 
_struct_ref_seq.align_id                      1 
_struct_ref_seq.ref_id                        1 
_struct_ref_seq.pdbx_PDB_id_code              1IY2 
_struct_ref_seq.pdbx_strand_id                A 
_struct_ref_seq.seq_align_beg                 10 
_struct_ref_seq.pdbx_seq_align_beg_ins_code   ? 
_struct_ref_seq.seq_align_end                 277 
_struct_ref_seq.pdbx_seq_align_end_ins_code   ? 
_struct_ref_seq.pdbx_db_accession             Q9LCZ4 
_struct_ref_seq.db_align_beg                  126 
_struct_ref_seq.pdbx_db_align_beg_ins_code    ? 
_struct_ref_seq.db_align_end                  393 
_struct_ref_seq.pdbx_db_align_end_ins_code    ? 
_struct_ref_seq.pdbx_auth_seq_align_beg       126 
_struct_ref_seq.pdbx_auth_seq_align_end       393 
# 
loop_
_struct_ref_seq_dif.align_id 
_struct_ref_seq_dif.pdbx_pdb_id_code 
_struct_ref_seq_dif.mon_id 
_struct_ref_seq_dif.pdbx_pdb_strand_id 
_struct_ref_seq_dif.seq_num 
_struct_ref_seq_dif.pdbx_pdb_ins_code 
_struct_ref_seq_dif.pdbx_seq_db_name 
_struct_ref_seq_dif.pdbx_seq_db_accession_code 
_struct_ref_seq_dif.db_mon_id 
_struct_ref_seq_dif.pdbx_seq_db_seq_num 
_struct_ref_seq_dif.details 
_struct_ref_seq_dif.pdbx_auth_seq_num 
_struct_ref_seq_dif.pdbx_ordinal 
1 1IY2 GLY A 1   ? UNP Q9LCZ4 ? ? linker             117 1  
1 1IY2 PRO A 2   ? UNP Q9LCZ4 ? ? linker             118 2  
1 1IY2 LEU A 3   ? UNP Q9LCZ4 ? ? linker             119 3  
1 1IY2 GLY A 4   ? UNP Q9LCZ4 ? ? linker             120 4  
1 1IY2 SER A 5   ? UNP Q9LCZ4 ? ? linker             121 5  
1 1IY2 HIS A 6   ? UNP Q9LCZ4 ? ? linker             122 6  
1 1IY2 MET A 7   ? UNP Q9LCZ4 ? ? linker             123 7  
1 1IY2 GLY A 8   ? UNP Q9LCZ4 ? ? linker             124 8  
1 1IY2 ALA A 9   ? UNP Q9LCZ4 ? ? linker             125 9  
1 1IY2 SER A 278 A UNP Q9LCZ4 ? ? 'cloning artifact' 393 10 
# 
_pdbx_struct_assembly.id                   1 
_pdbx_struct_assembly.details              author_defined_assembly 
_pdbx_struct_assembly.method_details       ? 
_pdbx_struct_assembly.oligomeric_details   monomeric 
_pdbx_struct_assembly.oligomeric_count     1 
# 
_pdbx_struct_assembly_gen.assembly_id       1 
_pdbx_struct_assembly_gen.oper_expression   1 
_pdbx_struct_assembly_gen.asym_id_list      A,B 
# 
_pdbx_struct_oper_list.id                   1 
_pdbx_struct_oper_list.type                 'identity operation' 
_pdbx_struct_oper_list.name                 1_555 
_pdbx_struct_oper_list.symmetry_operation   x,y,z 
_pdbx_struct_oper_list.matrix[1][1]         1.0000000000 
_pdbx_struct_oper_list.matrix[1][2]         0.0000000000 
_pdbx_struct_oper_list.matrix[1][3]         0.0000000000 
_pdbx_struct_oper_list.vector[1]            0.0000000000 
_pdbx_struct_oper_list.matrix[2][1]         0.0000000000 
_pdbx_struct_oper_list.matrix[2][2]         1.0000000000 
_pdbx_struct_oper_list.matrix[2][3]         0.0000000000 
_pdbx_struct_oper_list.vector[2]            0.0000000000 
_pdbx_struct_oper_list.matrix[3][1]         0.0000000000 
_pdbx_struct_oper_list.matrix[3][2]         0.0000000000 
_pdbx_struct_oper_list.matrix[3][3]         1.0000000000 
_pdbx_struct_oper_list.vector[3]            0.0000000000 
# 
_struct_biol.id                    1 
_struct_biol.pdbx_parent_biol_id   ? 
_struct_biol.details               ? 
# 
loop_
_struct_conf.conf_type_id 
_struct_conf.id 
_struct_conf.pdbx_PDB_helix_id 
_struct_conf.beg_label_comp_id 
_struct_conf.beg_label_asym_id 
_struct_conf.beg_label_seq_id 
_struct_conf.pdbx_beg_PDB_ins_code 
_struct_conf.end_label_comp_id 
_struct_conf.end_label_asym_id 
_struct_conf.end_label_seq_id 
_struct_conf.pdbx_end_PDB_ins_code 
_struct_conf.beg_auth_comp_id 
_struct_conf.beg_auth_asym_id 
_struct_conf.beg_auth_seq_id 
_struct_conf.end_auth_comp_id 
_struct_conf.end_auth_asym_id 
_struct_conf.end_auth_seq_id 
_struct_conf.pdbx_PDB_helix_class 
_struct_conf.details 
_struct_conf.pdbx_PDB_helix_length 
HELX_P HELX_P1  1  THR A 38  ? VAL A 42  ? THR A 154 VAL A 158 5 ? 5  
HELX_P HELX_P2  2  ALA A 45  ? ASN A 61  ? ALA A 161 ASN A 177 1 ? 17 
HELX_P HELX_P3  3  ASN A 61  ? MET A 68  ? ASN A 177 MET A 184 1 ? 8  
HELX_P HELX_P4  4  GLY A 85  ? ALA A 97  ? GLY A 201 ALA A 213 1 ? 13 
HELX_P HELX_P5  5  GLY A 106 ? MET A 112 ? GLY A 222 MET A 228 1 ? 7  
HELX_P HELX_P6  6  GLY A 115 ? ARG A 130 ? GLY A 231 ARG A 246 1 ? 16 
HELX_P HELX_P7  7  GLU A 140 ? ARG A 146 ? GLU A 256 ARG A 262 1 ? 7  
HELX_P HELX_P8  8  ASN A 156 ? ASP A 171 ? ASN A 272 ASP A 287 1 ? 16 
HELX_P HELX_P9  9  ASP A 192 ? ARG A 197 ? ASP A 308 ARG A 313 1 ? 6  
HELX_P HELX_P10 10 ASP A 211 ? ARG A 224 ? ASP A 327 ARG A 340 1 ? 14 
HELX_P HELX_P11 11 ASP A 233 ? ARG A 240 ? ASP A 349 ARG A 356 1 ? 8  
HELX_P HELX_P12 12 VAL A 245 ? GLU A 263 ? VAL A 361 GLU A 379 1 ? 19 
HELX_P HELX_P13 13 THR A 269 ? ALA A 277 ? THR A 385 ALA A 393 1 ? 9  
# 
_struct_conf_type.id          HELX_P 
_struct_conf_type.criteria    ? 
_struct_conf_type.reference   ? 
# 
_struct_mon_prot_cis.pdbx_id                1 
_struct_mon_prot_cis.label_comp_id          ALA 
_struct_mon_prot_cis.label_seq_id           132 
_struct_mon_prot_cis.label_asym_id          A 
_struct_mon_prot_cis.label_alt_id           . 
_struct_mon_prot_cis.pdbx_PDB_ins_code      ? 
_struct_mon_prot_cis.auth_comp_id           ALA 
_struct_mon_prot_cis.auth_seq_id            248 
_struct_mon_prot_cis.auth_asym_id           A 
_struct_mon_prot_cis.pdbx_label_comp_id_2   PRO 
_struct_mon_prot_cis.pdbx_label_seq_id_2    133 
_struct_mon_prot_cis.pdbx_label_asym_id_2   A 
_struct_mon_prot_cis.pdbx_PDB_ins_code_2    ? 
_struct_mon_prot_cis.pdbx_auth_comp_id_2    PRO 
_struct_mon_prot_cis.pdbx_auth_seq_id_2     249 
_struct_mon_prot_cis.pdbx_auth_asym_id_2    A 
_struct_mon_prot_cis.pdbx_PDB_model_num     1 
_struct_mon_prot_cis.pdbx_omega_angle       -0.48 
# 
_struct_sheet.id               A 
_struct_sheet.type             ? 
_struct_sheet.number_strands   5 
_struct_sheet.details          ? 
# 
loop_
_struct_sheet_order.sheet_id 
_struct_sheet_order.range_id_1 
_struct_sheet_order.range_id_2 
_struct_sheet_order.offset 
_struct_sheet_order.sense 
A 1 2 ? parallel 
A 2 3 ? parallel 
A 3 4 ? parallel 
A 4 5 ? parallel 
# 
loop_
_struct_sheet_range.sheet_id 
_struct_sheet_range.id 
_struct_sheet_range.beg_label_comp_id 
_struct_sheet_range.beg_label_asym_id 
_struct_sheet_range.beg_label_seq_id 
_struct_sheet_range.pdbx_beg_PDB_ins_code 
_struct_sheet_range.end_label_comp_id 
_struct_sheet_range.end_label_asym_id 
_struct_sheet_range.end_label_seq_id 
_struct_sheet_range.pdbx_end_PDB_ins_code 
_struct_sheet_range.beg_auth_comp_id 
_struct_sheet_range.beg_auth_asym_id 
_struct_sheet_range.beg_auth_seq_id 
_struct_sheet_range.end_auth_comp_id 
_struct_sheet_range.end_auth_asym_id 
_struct_sheet_range.end_auth_seq_id 
A 1 PHE A 101 ? SER A 105 ? PHE A 217 SER A 221 
A 2 CYS A 134 ? ASP A 139 ? CYS A 250 ASP A 255 
A 3 ILE A 179 ? THR A 185 ? ILE A 295 THR A 301 
A 4 GLY A 75  ? VAL A 79  ? GLY A 191 VAL A 195 
A 5 GLN A 204 ? ALA A 206 ? GLN A 320 ALA A 322 
# 
loop_
_pdbx_struct_sheet_hbond.sheet_id 
_pdbx_struct_sheet_hbond.range_id_1 
_pdbx_struct_sheet_hbond.range_id_2 
_pdbx_struct_sheet_hbond.range_1_label_atom_id 
_pdbx_struct_sheet_hbond.range_1_label_comp_id 
_pdbx_struct_sheet_hbond.range_1_label_asym_id 
_pdbx_struct_sheet_hbond.range_1_label_seq_id 
_pdbx_struct_sheet_hbond.range_1_PDB_ins_code 
_pdbx_struct_sheet_hbond.range_1_auth_atom_id 
_pdbx_struct_sheet_hbond.range_1_auth_comp_id 
_pdbx_struct_sheet_hbond.range_1_auth_asym_id 
_pdbx_struct_sheet_hbond.range_1_auth_seq_id 
_pdbx_struct_sheet_hbond.range_2_label_atom_id 
_pdbx_struct_sheet_hbond.range_2_label_comp_id 
_pdbx_struct_sheet_hbond.range_2_label_asym_id 
_pdbx_struct_sheet_hbond.range_2_label_seq_id 
_pdbx_struct_sheet_hbond.range_2_PDB_ins_code 
_pdbx_struct_sheet_hbond.range_2_auth_atom_id 
_pdbx_struct_sheet_hbond.range_2_auth_comp_id 
_pdbx_struct_sheet_hbond.range_2_auth_asym_id 
_pdbx_struct_sheet_hbond.range_2_auth_seq_id 
A 1 2 N ALA A 104 ? N ALA A 220 O ASP A 139 ? O ASP A 255 
A 2 3 N VAL A 136 ? N VAL A 252 O MET A 182 ? O MET A 298 
A 3 4 O ALA A 183 ? O ALA A 299 N LEU A 78  ? N LEU A 194 
A 4 5 N VAL A 79  ? N VAL A 195 O ILE A 205 ? O ILE A 321 
# 
_struct_site.id                   AC1 
_struct_site.pdbx_evidence_code   Software 
_struct_site.pdbx_auth_asym_id    A 
_struct_site.pdbx_auth_comp_id    SO4 
_struct_site.pdbx_auth_seq_id     101 
_struct_site.pdbx_auth_ins_code   ? 
_struct_site.pdbx_num_residues    7 
_struct_site.details              'BINDING SITE FOR RESIDUE SO4 A 101' 
# 
loop_
_struct_site_gen.id 
_struct_site_gen.site_id 
_struct_site_gen.pdbx_num_res 
_struct_site_gen.label_comp_id 
_struct_site_gen.label_asym_id 
_struct_site_gen.label_seq_id 
_struct_site_gen.pdbx_auth_ins_code 
_struct_site_gen.auth_comp_id 
_struct_site_gen.auth_asym_id 
_struct_site_gen.auth_seq_id 
_struct_site_gen.label_atom_id 
_struct_site_gen.label_alt_id 
_struct_site_gen.symmetry 
_struct_site_gen.details 
1 AC1 7 PRO A 81 ? PRO A 197 . ? 1_555 ? 
2 AC1 7 PRO A 82 ? PRO A 198 . ? 1_555 ? 
3 AC1 7 GLY A 83 ? GLY A 199 . ? 1_555 ? 
4 AC1 7 VAL A 84 ? VAL A 200 . ? 1_555 ? 
5 AC1 7 GLY A 85 ? GLY A 201 . ? 1_555 ? 
6 AC1 7 LYS A 86 ? LYS A 202 . ? 1_555 ? 
7 AC1 7 THR A 87 ? THR A 203 . ? 1_555 ? 
# 
loop_
_pdbx_validate_torsion.id 
_pdbx_validate_torsion.PDB_model_num 
_pdbx_validate_torsion.auth_comp_id 
_pdbx_validate_torsion.auth_asym_id 
_pdbx_validate_torsion.auth_seq_id 
_pdbx_validate_torsion.PDB_ins_code 
_pdbx_validate_torsion.label_alt_id 
_pdbx_validate_torsion.phi 
_pdbx_validate_torsion.psi 
1  1 ARG A 145 ? ? 80.56   93.77   
2  1 VAL A 146 ? ? -127.82 -159.52 
3  1 GLU A 149 ? ? -174.78 140.15  
4  1 ALA A 186 ? ? -38.52  154.01  
5  1 ILE A 188 ? ? 61.27   87.74   
6  1 LYS A 190 ? ? -149.72 -40.94  
7  1 PHE A 229 ? ? -67.33  -151.40 
8  1 VAL A 230 ? ? 62.43   176.87  
9  1 CYS A 250 ? ? -178.02 147.09  
10 1 THR A 301 ? ? -175.49 -177.24 
11 1 ASN A 302 ? ? -140.33 10.04   
12 1 ARG A 316 ? ? -114.51 -115.27 
13 1 ASP A 318 ? ? -89.57  41.98   
14 1 GLU A 379 ? ? -89.23  35.32   
# 
loop_
_pdbx_unobs_or_zero_occ_residues.id 
_pdbx_unobs_or_zero_occ_residues.PDB_model_num 
_pdbx_unobs_or_zero_occ_residues.polymer_flag 
_pdbx_unobs_or_zero_occ_residues.occupancy_flag 
_pdbx_unobs_or_zero_occ_residues.auth_asym_id 
_pdbx_unobs_or_zero_occ_residues.auth_comp_id 
_pdbx_unobs_or_zero_occ_residues.auth_seq_id 
_pdbx_unobs_or_zero_occ_residues.PDB_ins_code 
_pdbx_unobs_or_zero_occ_residues.label_asym_id 
_pdbx_unobs_or_zero_occ_residues.label_comp_id 
_pdbx_unobs_or_zero_occ_residues.label_seq_id 
1  1 Y 1 A GLY 117 ? A GLY 1   
2  1 Y 1 A PRO 118 ? A PRO 2   
3  1 Y 1 A LEU 119 ? A LEU 3   
4  1 Y 1 A GLY 120 ? A GLY 4   
5  1 Y 1 A SER 121 ? A SER 5   
6  1 Y 1 A HIS 122 ? A HIS 6   
7  1 Y 1 A MET 123 ? A MET 7   
8  1 Y 1 A GLY 124 ? A GLY 8   
9  1 Y 1 A ALA 125 ? A ALA 9   
10 1 Y 1 A ARG 126 ? A ARG 10  
11 1 Y 1 A ASN 127 ? A ASN 11  
12 1 Y 1 A GLY 128 ? A GLY 12  
13 1 Y 1 A ARG 129 ? A ARG 13  
14 1 Y 1 A ALA 130 ? A ALA 14  
15 1 Y 1 A GLY 131 ? A GLY 15  
16 1 Y 1 A PRO 132 ? A PRO 16  
17 1 Y 1 A SER 133 ? A SER 17  
18 1 Y 1 A ASP 134 ? A ASP 18  
19 1 Y 1 A SER 135 ? A SER 19  
20 1 Y 1 A ALA 136 ? A ALA 20  
21 1 Y 1 A PHE 137 ? A PHE 21  
22 1 Y 1 A SER 138 ? A SER 22  
23 1 Y 1 A PHE 139 ? A PHE 23  
24 1 Y 1 A THR 140 ? A THR 24  
25 1 Y 1 A LYS 141 ? A LYS 25  
26 1 Y 1 A ARG 264 ? A ARG 148 
27 1 Y 1 A GLY 265 ? A GLY 149 
28 1 Y 1 A SER 266 ? A SER 150 
29 1 Y 1 A GLY 267 ? A GLY 151 
30 1 Y 1 A VAL 268 ? A VAL 152 
31 1 Y 1 A GLY 269 ? A GLY 153 
32 1 Y 1 A GLY 270 ? A GLY 154 
33 1 Y 1 A GLY 271 ? A GLY 155 
# 
loop_
_chem_comp_atom.comp_id 
_chem_comp_atom.atom_id 
_chem_comp_atom.type_symbol 
_chem_comp_atom.pdbx_aromatic_flag 
_chem_comp_atom.pdbx_stereo_config 
_chem_comp_atom.pdbx_ordinal 
ALA N    N N N 1   
ALA CA   C N S 2   
ALA C    C N N 3   
ALA O    O N N 4   
ALA CB   C N N 5   
ALA OXT  O N N 6   
ALA H    H N N 7   
ALA H2   H N N 8   
ALA HA   H N N 9   
ALA HB1  H N N 10  
ALA HB2  H N N 11  
ALA HB3  H N N 12  
ALA HXT  H N N 13  
ARG N    N N N 14  
ARG CA   C N S 15  
ARG C    C N N 16  
ARG O    O N N 17  
ARG CB   C N N 18  
ARG CG   C N N 19  
ARG CD   C N N 20  
ARG NE   N N N 21  
ARG CZ   C N N 22  
ARG NH1  N N N 23  
ARG NH2  N N N 24  
ARG OXT  O N N 25  
ARG H    H N N 26  
ARG H2   H N N 27  
ARG HA   H N N 28  
ARG HB2  H N N 29  
ARG HB3  H N N 30  
ARG HG2  H N N 31  
ARG HG3  H N N 32  
ARG HD2  H N N 33  
ARG HD3  H N N 34  
ARG HE   H N N 35  
ARG HH11 H N N 36  
ARG HH12 H N N 37  
ARG HH21 H N N 38  
ARG HH22 H N N 39  
ARG HXT  H N N 40  
ASN N    N N N 41  
ASN CA   C N S 42  
ASN C    C N N 43  
ASN O    O N N 44  
ASN CB   C N N 45  
ASN CG   C N N 46  
ASN OD1  O N N 47  
ASN ND2  N N N 48  
ASN OXT  O N N 49  
ASN H    H N N 50  
ASN H2   H N N 51  
ASN HA   H N N 52  
ASN HB2  H N N 53  
ASN HB3  H N N 54  
ASN HD21 H N N 55  
ASN HD22 H N N 56  
ASN HXT  H N N 57  
ASP N    N N N 58  
ASP CA   C N S 59  
ASP C    C N N 60  
ASP O    O N N 61  
ASP CB   C N N 62  
ASP CG   C N N 63  
ASP OD1  O N N 64  
ASP OD2  O N N 65  
ASP OXT  O N N 66  
ASP H    H N N 67  
ASP H2   H N N 68  
ASP HA   H N N 69  
ASP HB2  H N N 70  
ASP HB3  H N N 71  
ASP HD2  H N N 72  
ASP HXT  H N N 73  
CYS N    N N N 74  
CYS CA   C N R 75  
CYS C    C N N 76  
CYS O    O N N 77  
CYS CB   C N N 78  
CYS SG   S N N 79  
CYS OXT  O N N 80  
CYS H    H N N 81  
CYS H2   H N N 82  
CYS HA   H N N 83  
CYS HB2  H N N 84  
CYS HB3  H N N 85  
CYS HG   H N N 86  
CYS HXT  H N N 87  
GLN N    N N N 88  
GLN CA   C N S 89  
GLN C    C N N 90  
GLN O    O N N 91  
GLN CB   C N N 92  
GLN CG   C N N 93  
GLN CD   C N N 94  
GLN OE1  O N N 95  
GLN NE2  N N N 96  
GLN OXT  O N N 97  
GLN H    H N N 98  
GLN H2   H N N 99  
GLN HA   H N N 100 
GLN HB2  H N N 101 
GLN HB3  H N N 102 
GLN HG2  H N N 103 
GLN HG3  H N N 104 
GLN HE21 H N N 105 
GLN HE22 H N N 106 
GLN HXT  H N N 107 
GLU N    N N N 108 
GLU CA   C N S 109 
GLU C    C N N 110 
GLU O    O N N 111 
GLU CB   C N N 112 
GLU CG   C N N 113 
GLU CD   C N N 114 
GLU OE1  O N N 115 
GLU OE2  O N N 116 
GLU OXT  O N N 117 
GLU H    H N N 118 
GLU H2   H N N 119 
GLU HA   H N N 120 
GLU HB2  H N N 121 
GLU HB3  H N N 122 
GLU HG2  H N N 123 
GLU HG3  H N N 124 
GLU HE2  H N N 125 
GLU HXT  H N N 126 
GLY N    N N N 127 
GLY CA   C N N 128 
GLY C    C N N 129 
GLY O    O N N 130 
GLY OXT  O N N 131 
GLY H    H N N 132 
GLY H2   H N N 133 
GLY HA2  H N N 134 
GLY HA3  H N N 135 
GLY HXT  H N N 136 
HIS N    N N N 137 
HIS CA   C N S 138 
HIS C    C N N 139 
HIS O    O N N 140 
HIS CB   C N N 141 
HIS CG   C Y N 142 
HIS ND1  N Y N 143 
HIS CD2  C Y N 144 
HIS CE1  C Y N 145 
HIS NE2  N Y N 146 
HIS OXT  O N N 147 
HIS H    H N N 148 
HIS H2   H N N 149 
HIS HA   H N N 150 
HIS HB2  H N N 151 
HIS HB3  H N N 152 
HIS HD1  H N N 153 
HIS HD2  H N N 154 
HIS HE1  H N N 155 
HIS HE2  H N N 156 
HIS HXT  H N N 157 
ILE N    N N N 158 
ILE CA   C N S 159 
ILE C    C N N 160 
ILE O    O N N 161 
ILE CB   C N S 162 
ILE CG1  C N N 163 
ILE CG2  C N N 164 
ILE CD1  C N N 165 
ILE OXT  O N N 166 
ILE H    H N N 167 
ILE H2   H N N 168 
ILE HA   H N N 169 
ILE HB   H N N 170 
ILE HG12 H N N 171 
ILE HG13 H N N 172 
ILE HG21 H N N 173 
ILE HG22 H N N 174 
ILE HG23 H N N 175 
ILE HD11 H N N 176 
ILE HD12 H N N 177 
ILE HD13 H N N 178 
ILE HXT  H N N 179 
LEU N    N N N 180 
LEU CA   C N S 181 
LEU C    C N N 182 
LEU O    O N N 183 
LEU CB   C N N 184 
LEU CG   C N N 185 
LEU CD1  C N N 186 
LEU CD2  C N N 187 
LEU OXT  O N N 188 
LEU H    H N N 189 
LEU H2   H N N 190 
LEU HA   H N N 191 
LEU HB2  H N N 192 
LEU HB3  H N N 193 
LEU HG   H N N 194 
LEU HD11 H N N 195 
LEU HD12 H N N 196 
LEU HD13 H N N 197 
LEU HD21 H N N 198 
LEU HD22 H N N 199 
LEU HD23 H N N 200 
LEU HXT  H N N 201 
LYS N    N N N 202 
LYS CA   C N S 203 
LYS C    C N N 204 
LYS O    O N N 205 
LYS CB   C N N 206 
LYS CG   C N N 207 
LYS CD   C N N 208 
LYS CE   C N N 209 
LYS NZ   N N N 210 
LYS OXT  O N N 211 
LYS H    H N N 212 
LYS H2   H N N 213 
LYS HA   H N N 214 
LYS HB2  H N N 215 
LYS HB3  H N N 216 
LYS HG2  H N N 217 
LYS HG3  H N N 218 
LYS HD2  H N N 219 
LYS HD3  H N N 220 
LYS HE2  H N N 221 
LYS HE3  H N N 222 
LYS HZ1  H N N 223 
LYS HZ2  H N N 224 
LYS HZ3  H N N 225 
LYS HXT  H N N 226 
MET N    N N N 227 
MET CA   C N S 228 
MET C    C N N 229 
MET O    O N N 230 
MET CB   C N N 231 
MET CG   C N N 232 
MET SD   S N N 233 
MET CE   C N N 234 
MET OXT  O N N 235 
MET H    H N N 236 
MET H2   H N N 237 
MET HA   H N N 238 
MET HB2  H N N 239 
MET HB3  H N N 240 
MET HG2  H N N 241 
MET HG3  H N N 242 
MET HE1  H N N 243 
MET HE2  H N N 244 
MET HE3  H N N 245 
MET HXT  H N N 246 
PHE N    N N N 247 
PHE CA   C N S 248 
PHE C    C N N 249 
PHE O    O N N 250 
PHE CB   C N N 251 
PHE CG   C Y N 252 
PHE CD1  C Y N 253 
PHE CD2  C Y N 254 
PHE CE1  C Y N 255 
PHE CE2  C Y N 256 
PHE CZ   C Y N 257 
PHE OXT  O N N 258 
PHE H    H N N 259 
PHE H2   H N N 260 
PHE HA   H N N 261 
PHE HB2  H N N 262 
PHE HB3  H N N 263 
PHE HD1  H N N 264 
PHE HD2  H N N 265 
PHE HE1  H N N 266 
PHE HE2  H N N 267 
PHE HZ   H N N 268 
PHE HXT  H N N 269 
PRO N    N N N 270 
PRO CA   C N S 271 
PRO C    C N N 272 
PRO O    O N N 273 
PRO CB   C N N 274 
PRO CG   C N N 275 
PRO CD   C N N 276 
PRO OXT  O N N 277 
PRO H    H N N 278 
PRO HA   H N N 279 
PRO HB2  H N N 280 
PRO HB3  H N N 281 
PRO HG2  H N N 282 
PRO HG3  H N N 283 
PRO HD2  H N N 284 
PRO HD3  H N N 285 
PRO HXT  H N N 286 
SER N    N N N 287 
SER CA   C N S 288 
SER C    C N N 289 
SER O    O N N 290 
SER CB   C N N 291 
SER OG   O N N 292 
SER OXT  O N N 293 
SER H    H N N 294 
SER H2   H N N 295 
SER HA   H N N 296 
SER HB2  H N N 297 
SER HB3  H N N 298 
SER HG   H N N 299 
SER HXT  H N N 300 
SO4 S    S N N 301 
SO4 O1   O N N 302 
SO4 O2   O N N 303 
SO4 O3   O N N 304 
SO4 O4   O N N 305 
THR N    N N N 306 
THR CA   C N S 307 
THR C    C N N 308 
THR O    O N N 309 
THR CB   C N R 310 
THR OG1  O N N 311 
THR CG2  C N N 312 
THR OXT  O N N 313 
THR H    H N N 314 
THR H2   H N N 315 
THR HA   H N N 316 
THR HB   H N N 317 
THR HG1  H N N 318 
THR HG21 H N N 319 
THR HG22 H N N 320 
THR HG23 H N N 321 
THR HXT  H N N 322 
VAL N    N N N 323 
VAL CA   C N S 324 
VAL C    C N N 325 
VAL O    O N N 326 
VAL CB   C N N 327 
VAL CG1  C N N 328 
VAL CG2  C N N 329 
VAL OXT  O N N 330 
VAL H    H N N 331 
VAL H2   H N N 332 
VAL HA   H N N 333 
VAL HB   H N N 334 
VAL HG11 H N N 335 
VAL HG12 H N N 336 
VAL HG13 H N N 337 
VAL HG21 H N N 338 
VAL HG22 H N N 339 
VAL HG23 H N N 340 
VAL HXT  H N N 341 
# 
loop_
_chem_comp_bond.comp_id 
_chem_comp_bond.atom_id_1 
_chem_comp_bond.atom_id_2 
_chem_comp_bond.value_order 
_chem_comp_bond.pdbx_aromatic_flag 
_chem_comp_bond.pdbx_stereo_config 
_chem_comp_bond.pdbx_ordinal 
ALA N   CA   sing N N 1   
ALA N   H    sing N N 2   
ALA N   H2   sing N N 3   
ALA CA  C    sing N N 4   
ALA CA  CB   sing N N 5   
ALA CA  HA   sing N N 6   
ALA C   O    doub N N 7   
ALA C   OXT  sing N N 8   
ALA CB  HB1  sing N N 9   
ALA CB  HB2  sing N N 10  
ALA CB  HB3  sing N N 11  
ALA OXT HXT  sing N N 12  
ARG N   CA   sing N N 13  
ARG N   H    sing N N 14  
ARG N   H2   sing N N 15  
ARG CA  C    sing N N 16  
ARG CA  CB   sing N N 17  
ARG CA  HA   sing N N 18  
ARG C   O    doub N N 19  
ARG C   OXT  sing N N 20  
ARG CB  CG   sing N N 21  
ARG CB  HB2  sing N N 22  
ARG CB  HB3  sing N N 23  
ARG CG  CD   sing N N 24  
ARG CG  HG2  sing N N 25  
ARG CG  HG3  sing N N 26  
ARG CD  NE   sing N N 27  
ARG CD  HD2  sing N N 28  
ARG CD  HD3  sing N N 29  
ARG NE  CZ   sing N N 30  
ARG NE  HE   sing N N 31  
ARG CZ  NH1  sing N N 32  
ARG CZ  NH2  doub N N 33  
ARG NH1 HH11 sing N N 34  
ARG NH1 HH12 sing N N 35  
ARG NH2 HH21 sing N N 36  
ARG NH2 HH22 sing N N 37  
ARG OXT HXT  sing N N 38  
ASN N   CA   sing N N 39  
ASN N   H    sing N N 40  
ASN N   H2   sing N N 41  
ASN CA  C    sing N N 42  
ASN CA  CB   sing N N 43  
ASN CA  HA   sing N N 44  
ASN C   O    doub N N 45  
ASN C   OXT  sing N N 46  
ASN CB  CG   sing N N 47  
ASN CB  HB2  sing N N 48  
ASN CB  HB3  sing N N 49  
ASN CG  OD1  doub N N 50  
ASN CG  ND2  sing N N 51  
ASN ND2 HD21 sing N N 52  
ASN ND2 HD22 sing N N 53  
ASN OXT HXT  sing N N 54  
ASP N   CA   sing N N 55  
ASP N   H    sing N N 56  
ASP N   H2   sing N N 57  
ASP CA  C    sing N N 58  
ASP CA  CB   sing N N 59  
ASP CA  HA   sing N N 60  
ASP C   O    doub N N 61  
ASP C   OXT  sing N N 62  
ASP CB  CG   sing N N 63  
ASP CB  HB2  sing N N 64  
ASP CB  HB3  sing N N 65  
ASP CG  OD1  doub N N 66  
ASP CG  OD2  sing N N 67  
ASP OD2 HD2  sing N N 68  
ASP OXT HXT  sing N N 69  
CYS N   CA   sing N N 70  
CYS N   H    sing N N 71  
CYS N   H2   sing N N 72  
CYS CA  C    sing N N 73  
CYS CA  CB   sing N N 74  
CYS CA  HA   sing N N 75  
CYS C   O    doub N N 76  
CYS C   OXT  sing N N 77  
CYS CB  SG   sing N N 78  
CYS CB  HB2  sing N N 79  
CYS CB  HB3  sing N N 80  
CYS SG  HG   sing N N 81  
CYS OXT HXT  sing N N 82  
GLN N   CA   sing N N 83  
GLN N   H    sing N N 84  
GLN N   H2   sing N N 85  
GLN CA  C    sing N N 86  
GLN CA  CB   sing N N 87  
GLN CA  HA   sing N N 88  
GLN C   O    doub N N 89  
GLN C   OXT  sing N N 90  
GLN CB  CG   sing N N 91  
GLN CB  HB2  sing N N 92  
GLN CB  HB3  sing N N 93  
GLN CG  CD   sing N N 94  
GLN CG  HG2  sing N N 95  
GLN CG  HG3  sing N N 96  
GLN CD  OE1  doub N N 97  
GLN CD  NE2  sing N N 98  
GLN NE2 HE21 sing N N 99  
GLN NE2 HE22 sing N N 100 
GLN OXT HXT  sing N N 101 
GLU N   CA   sing N N 102 
GLU N   H    sing N N 103 
GLU N   H2   sing N N 104 
GLU CA  C    sing N N 105 
GLU CA  CB   sing N N 106 
GLU CA  HA   sing N N 107 
GLU C   O    doub N N 108 
GLU C   OXT  sing N N 109 
GLU CB  CG   sing N N 110 
GLU CB  HB2  sing N N 111 
GLU CB  HB3  sing N N 112 
GLU CG  CD   sing N N 113 
GLU CG  HG2  sing N N 114 
GLU CG  HG3  sing N N 115 
GLU CD  OE1  doub N N 116 
GLU CD  OE2  sing N N 117 
GLU OE2 HE2  sing N N 118 
GLU OXT HXT  sing N N 119 
GLY N   CA   sing N N 120 
GLY N   H    sing N N 121 
GLY N   H2   sing N N 122 
GLY CA  C    sing N N 123 
GLY CA  HA2  sing N N 124 
GLY CA  HA3  sing N N 125 
GLY C   O    doub N N 126 
GLY C   OXT  sing N N 127 
GLY OXT HXT  sing N N 128 
HIS N   CA   sing N N 129 
HIS N   H    sing N N 130 
HIS N   H2   sing N N 131 
HIS CA  C    sing N N 132 
HIS CA  CB   sing N N 133 
HIS CA  HA   sing N N 134 
HIS C   O    doub N N 135 
HIS C   OXT  sing N N 136 
HIS CB  CG   sing N N 137 
HIS CB  HB2  sing N N 138 
HIS CB  HB3  sing N N 139 
HIS CG  ND1  sing Y N 140 
HIS CG  CD2  doub Y N 141 
HIS ND1 CE1  doub Y N 142 
HIS ND1 HD1  sing N N 143 
HIS CD2 NE2  sing Y N 144 
HIS CD2 HD2  sing N N 145 
HIS CE1 NE2  sing Y N 146 
HIS CE1 HE1  sing N N 147 
HIS NE2 HE2  sing N N 148 
HIS OXT HXT  sing N N 149 
ILE N   CA   sing N N 150 
ILE N   H    sing N N 151 
ILE N   H2   sing N N 152 
ILE CA  C    sing N N 153 
ILE CA  CB   sing N N 154 
ILE CA  HA   sing N N 155 
ILE C   O    doub N N 156 
ILE C   OXT  sing N N 157 
ILE CB  CG1  sing N N 158 
ILE CB  CG2  sing N N 159 
ILE CB  HB   sing N N 160 
ILE CG1 CD1  sing N N 161 
ILE CG1 HG12 sing N N 162 
ILE CG1 HG13 sing N N 163 
ILE CG2 HG21 sing N N 164 
ILE CG2 HG22 sing N N 165 
ILE CG2 HG23 sing N N 166 
ILE CD1 HD11 sing N N 167 
ILE CD1 HD12 sing N N 168 
ILE CD1 HD13 sing N N 169 
ILE OXT HXT  sing N N 170 
LEU N   CA   sing N N 171 
LEU N   H    sing N N 172 
LEU N   H2   sing N N 173 
LEU CA  C    sing N N 174 
LEU CA  CB   sing N N 175 
LEU CA  HA   sing N N 176 
LEU C   O    doub N N 177 
LEU C   OXT  sing N N 178 
LEU CB  CG   sing N N 179 
LEU CB  HB2  sing N N 180 
LEU CB  HB3  sing N N 181 
LEU CG  CD1  sing N N 182 
LEU CG  CD2  sing N N 183 
LEU CG  HG   sing N N 184 
LEU CD1 HD11 sing N N 185 
LEU CD1 HD12 sing N N 186 
LEU CD1 HD13 sing N N 187 
LEU CD2 HD21 sing N N 188 
LEU CD2 HD22 sing N N 189 
LEU CD2 HD23 sing N N 190 
LEU OXT HXT  sing N N 191 
LYS N   CA   sing N N 192 
LYS N   H    sing N N 193 
LYS N   H2   sing N N 194 
LYS CA  C    sing N N 195 
LYS CA  CB   sing N N 196 
LYS CA  HA   sing N N 197 
LYS C   O    doub N N 198 
LYS C   OXT  sing N N 199 
LYS CB  CG   sing N N 200 
LYS CB  HB2  sing N N 201 
LYS CB  HB3  sing N N 202 
LYS CG  CD   sing N N 203 
LYS CG  HG2  sing N N 204 
LYS CG  HG3  sing N N 205 
LYS CD  CE   sing N N 206 
LYS CD  HD2  sing N N 207 
LYS CD  HD3  sing N N 208 
LYS CE  NZ   sing N N 209 
LYS CE  HE2  sing N N 210 
LYS CE  HE3  sing N N 211 
LYS NZ  HZ1  sing N N 212 
LYS NZ  HZ2  sing N N 213 
LYS NZ  HZ3  sing N N 214 
LYS OXT HXT  sing N N 215 
MET N   CA   sing N N 216 
MET N   H    sing N N 217 
MET N   H2   sing N N 218 
MET CA  C    sing N N 219 
MET CA  CB   sing N N 220 
MET CA  HA   sing N N 221 
MET C   O    doub N N 222 
MET C   OXT  sing N N 223 
MET CB  CG   sing N N 224 
MET CB  HB2  sing N N 225 
MET CB  HB3  sing N N 226 
MET CG  SD   sing N N 227 
MET CG  HG2  sing N N 228 
MET CG  HG3  sing N N 229 
MET SD  CE   sing N N 230 
MET CE  HE1  sing N N 231 
MET CE  HE2  sing N N 232 
MET CE  HE3  sing N N 233 
MET OXT HXT  sing N N 234 
PHE N   CA   sing N N 235 
PHE N   H    sing N N 236 
PHE N   H2   sing N N 237 
PHE CA  C    sing N N 238 
PHE CA  CB   sing N N 239 
PHE CA  HA   sing N N 240 
PHE C   O    doub N N 241 
PHE C   OXT  sing N N 242 
PHE CB  CG   sing N N 243 
PHE CB  HB2  sing N N 244 
PHE CB  HB3  sing N N 245 
PHE CG  CD1  doub Y N 246 
PHE CG  CD2  sing Y N 247 
PHE CD1 CE1  sing Y N 248 
PHE CD1 HD1  sing N N 249 
PHE CD2 CE2  doub Y N 250 
PHE CD2 HD2  sing N N 251 
PHE CE1 CZ   doub Y N 252 
PHE CE1 HE1  sing N N 253 
PHE CE2 CZ   sing Y N 254 
PHE CE2 HE2  sing N N 255 
PHE CZ  HZ   sing N N 256 
PHE OXT HXT  sing N N 257 
PRO N   CA   sing N N 258 
PRO N   CD   sing N N 259 
PRO N   H    sing N N 260 
PRO CA  C    sing N N 261 
PRO CA  CB   sing N N 262 
PRO CA  HA   sing N N 263 
PRO C   O    doub N N 264 
PRO C   OXT  sing N N 265 
PRO CB  CG   sing N N 266 
PRO CB  HB2  sing N N 267 
PRO CB  HB3  sing N N 268 
PRO CG  CD   sing N N 269 
PRO CG  HG2  sing N N 270 
PRO CG  HG3  sing N N 271 
PRO CD  HD2  sing N N 272 
PRO CD  HD3  sing N N 273 
PRO OXT HXT  sing N N 274 
SER N   CA   sing N N 275 
SER N   H    sing N N 276 
SER N   H2   sing N N 277 
SER CA  C    sing N N 278 
SER CA  CB   sing N N 279 
SER CA  HA   sing N N 280 
SER C   O    doub N N 281 
SER C   OXT  sing N N 282 
SER CB  OG   sing N N 283 
SER CB  HB2  sing N N 284 
SER CB  HB3  sing N N 285 
SER OG  HG   sing N N 286 
SER OXT HXT  sing N N 287 
SO4 S   O1   doub N N 288 
SO4 S   O2   doub N N 289 
SO4 S   O3   sing N N 290 
SO4 S   O4   sing N N 291 
THR N   CA   sing N N 292 
THR N   H    sing N N 293 
THR N   H2   sing N N 294 
THR CA  C    sing N N 295 
THR CA  CB   sing N N 296 
THR CA  HA   sing N N 297 
THR C   O    doub N N 298 
THR C   OXT  sing N N 299 
THR CB  OG1  sing N N 300 
THR CB  CG2  sing N N 301 
THR CB  HB   sing N N 302 
THR OG1 HG1  sing N N 303 
THR CG2 HG21 sing N N 304 
THR CG2 HG22 sing N N 305 
THR CG2 HG23 sing N N 306 
THR OXT HXT  sing N N 307 
VAL N   CA   sing N N 308 
VAL N   H    sing N N 309 
VAL N   H2   sing N N 310 
VAL CA  C    sing N N 311 
VAL CA  CB   sing N N 312 
VAL CA  HA   sing N N 313 
VAL C   O    doub N N 314 
VAL C   OXT  sing N N 315 
VAL CB  CG1  sing N N 316 
VAL CB  CG2  sing N N 317 
VAL CB  HB   sing N N 318 
VAL CG1 HG11 sing N N 319 
VAL CG1 HG12 sing N N 320 
VAL CG1 HG13 sing N N 321 
VAL CG2 HG21 sing N N 322 
VAL CG2 HG22 sing N N 323 
VAL CG2 HG23 sing N N 324 
VAL OXT HXT  sing N N 325 
# 
_atom_sites.entry_id                    1IY2 
_atom_sites.fract_transf_matrix[1][1]   0.00327712 
_atom_sites.fract_transf_matrix[1][2]   0.00255543 
_atom_sites.fract_transf_matrix[1][3]   -0.01076685 
_atom_sites.fract_transf_matrix[2][1]   0.00688970 
_atom_sites.fract_transf_matrix[2][2]   0.00613515 
_atom_sites.fract_transf_matrix[2][3]   0.00355316 
_atom_sites.fract_transf_matrix[3][1]   0.00983073 
_atom_sites.fract_transf_matrix[3][2]   -0.01122920 
_atom_sites.fract_transf_matrix[3][3]   0.00032703 
_atom_sites.fract_transf_vector[1]      0.764468 
_atom_sites.fract_transf_vector[2]      0.390826 
_atom_sites.fract_transf_vector[3]      0.488784 
# 
loop_
_atom_type.symbol 
C 
N 
O 
S 
# 
loop_
_atom_site.group_PDB 
_atom_site.id 
_atom_site.type_symbol 
_atom_site.label_atom_id 
_atom_site.label_alt_id 
_atom_site.label_comp_id 
_atom_site.label_asym_id 
_atom_site.label_entity_id 
_atom_site.label_seq_id 
_atom_site.pdbx_PDB_ins_code 
_atom_site.Cartn_x 
_atom_site.Cartn_y 
_atom_site.Cartn_z 
_atom_site.occupancy 
_atom_site.B_iso_or_equiv 
_atom_site.pdbx_formal_charge 
_atom_site.auth_seq_id 
_atom_site.auth_comp_id 
_atom_site.auth_asym_id 
_atom_site.auth_atom_id 
_atom_site.pdbx_PDB_model_num 
ATOM   1    N N   . SER A 1 26  ? -6.845  20.882  15.948  1.00 22.26 ? 142 SER A N   1 
ATOM   2    C CA  . SER A 1 26  ? -5.965  21.450  14.892  1.00 22.26 ? 142 SER A CA  1 
ATOM   3    C C   . SER A 1 26  ? -6.302  20.874  13.522  1.00 22.26 ? 142 SER A C   1 
ATOM   4    O O   . SER A 1 26  ? -7.190  20.026  13.389  1.00 22.26 ? 142 SER A O   1 
ATOM   5    C CB  . SER A 1 26  ? -4.505  21.166  15.229  1.00 22.26 ? 142 SER A CB  1 
ATOM   6    N N   . ARG A 1 27  ? -5.587  21.337  12.500  1.00 47.84 ? 143 ARG A N   1 
ATOM   7    C CA  . ARG A 1 27  ? -5.811  20.868  11.138  1.00 46.40 ? 143 ARG A CA  1 
ATOM   8    C C   . ARG A 1 27  ? -5.332  19.429  10.981  1.00 44.16 ? 143 ARG A C   1 
ATOM   9    O O   . ARG A 1 27  ? -4.665  18.886  11.864  1.00 45.29 ? 143 ARG A O   1 
ATOM   10   C CB  . ARG A 1 27  ? -5.094  21.773  10.144  1.00 48.53 ? 143 ARG A CB  1 
ATOM   11   N N   . ALA A 1 28  ? -5.678  18.814  9.854   1.00 41.20 ? 144 ALA A N   1 
ATOM   12   C CA  . ALA A 1 28  ? -5.299  17.435  9.576   1.00 41.02 ? 144 ALA A CA  1 
ATOM   13   C C   . ALA A 1 28  ? -3.861  17.325  9.095   1.00 41.41 ? 144 ALA A C   1 
ATOM   14   O O   . ALA A 1 28  ? -3.025  16.723  9.765   1.00 44.53 ? 144 ALA A O   1 
ATOM   15   C CB  . ALA A 1 28  ? -6.238  16.842  8.538   1.00 38.07 ? 144 ALA A CB  1 
ATOM   16   N N   . ARG A 1 29  ? -3.578  17.899  7.930   1.00 38.33 ? 145 ARG A N   1 
ATOM   17   C CA  . ARG A 1 29  ? -2.234  17.858  7.367   1.00 34.27 ? 145 ARG A CA  1 
ATOM   18   C C   . ARG A 1 29  ? -1.991  16.519  6.681   1.00 31.01 ? 145 ARG A C   1 
ATOM   19   O O   . ARG A 1 29  ? -1.591  15.545  7.321   1.00 33.48 ? 145 ARG A O   1 
ATOM   20   C CB  . ARG A 1 29  ? -1.202  18.077  8.469   1.00 35.54 ? 145 ARG A CB  1 
ATOM   21   N N   . VAL A 1 30  ? -2.237  16.474  5.376   1.00 24.48 ? 146 VAL A N   1 
ATOM   22   C CA  . VAL A 1 30  ? -2.056  15.252  4.600   1.00 17.42 ? 146 VAL A CA  1 
ATOM   23   C C   . VAL A 1 30  ? -1.181  15.489  3.368   1.00 13.21 ? 146 VAL A C   1 
ATOM   24   O O   . VAL A 1 30  ? -0.421  16.456  3.316   1.00 11.88 ? 146 VAL A O   1 
ATOM   25   C CB  . VAL A 1 30  ? -3.416  14.714  4.180   1.00 13.02 ? 146 VAL A CB  1 
ATOM   26   N N   . LEU A 1 31  ? -1.284  14.599  2.383   1.00 9.58  ? 147 LEU A N   1 
ATOM   27   C CA  . LEU A 1 31  ? -0.501  14.724  1.156   1.00 6.77  ? 147 LEU A CA  1 
ATOM   28   C C   . LEU A 1 31  ? -1.320  14.359  -0.078  1.00 7.14  ? 147 LEU A C   1 
ATOM   29   O O   . LEU A 1 31  ? -1.398  13.189  -0.462  1.00 7.09  ? 147 LEU A O   1 
ATOM   30   C CB  . LEU A 1 31  ? 0.739   13.830  1.223   1.00 5.06  ? 147 LEU A CB  1 
ATOM   31   C CG  . LEU A 1 31  ? 1.712   13.963  0.047   1.00 3.26  ? 147 LEU A CG  1 
ATOM   32   C CD1 . LEU A 1 31  ? 2.347   15.350  0.058   1.00 3.26  ? 147 LEU A CD1 1 
ATOM   33   C CD2 . LEU A 1 31  ? 2.800   12.887  0.145   1.00 6.98  ? 147 LEU A CD2 1 
ATOM   34   N N   . THR A 1 32  ? -1.926  15.366  -0.698  1.00 7.16  ? 148 THR A N   1 
ATOM   35   C CA  . THR A 1 32  ? -2.739  15.156  -1.889  1.00 7.48  ? 148 THR A CA  1 
ATOM   36   C C   . THR A 1 32  ? -1.850  15.116  -3.129  1.00 7.62  ? 148 THR A C   1 
ATOM   37   O O   . THR A 1 32  ? -0.885  15.873  -3.237  1.00 9.42  ? 148 THR A O   1 
ATOM   38   C CB  . THR A 1 32  ? -3.782  16.280  -2.056  1.00 3.77  ? 148 THR A CB  1 
ATOM   39   O OG1 . THR A 1 32  ? -4.483  16.469  -0.819  1.00 7.74  ? 148 THR A OG1 1 
ATOM   40   C CG2 . THR A 1 32  ? -4.786  15.913  -3.138  1.00 3.26  ? 148 THR A CG2 1 
ATOM   41   N N   . GLU A 1 33  ? -2.178  14.229  -4.063  1.00 9.80  ? 149 GLU A N   1 
ATOM   42   C CA  . GLU A 1 33  ? -1.391  14.095  -5.281  1.00 13.88 ? 149 GLU A CA  1 
ATOM   43   C C   . GLU A 1 33  ? -2.016  13.114  -6.260  1.00 15.61 ? 149 GLU A C   1 
ATOM   44   O O   . GLU A 1 33  ? -2.532  12.068  -5.866  1.00 16.43 ? 149 GLU A O   1 
ATOM   45   C CB  . GLU A 1 33  ? 0.023   13.624  -4.930  1.00 16.14 ? 149 GLU A CB  1 
ATOM   46   C CG  . GLU A 1 33  ? 0.058   12.322  -4.133  1.00 24.78 ? 149 GLU A CG  1 
ATOM   47   C CD  . GLU A 1 33  ? 1.464   11.953  -3.698  1.00 29.79 ? 149 GLU A CD  1 
ATOM   48   O OE1 . GLU A 1 33  ? 1.657   10.866  -3.121  1.00 28.89 ? 149 GLU A OE1 1 
ATOM   49   O OE2 . GLU A 1 33  ? 2.383   12.758  -3.935  1.00 32.06 ? 149 GLU A OE2 1 
ATOM   50   N N   . ALA A 1 34  ? -1.967  13.454  -7.543  1.00 13.89 ? 150 ALA A N   1 
ATOM   51   C CA  . ALA A 1 34  ? -2.514  12.580  -8.570  1.00 12.39 ? 150 ALA A CA  1 
ATOM   52   C C   . ALA A 1 34  ? -1.406  11.676  -9.097  1.00 14.66 ? 150 ALA A C   1 
ATOM   53   O O   . ALA A 1 34  ? -0.531  12.117  -9.837  1.00 15.29 ? 150 ALA A O   1 
ATOM   54   C CB  . ALA A 1 34  ? -3.106  13.407  -9.705  1.00 9.89  ? 150 ALA A CB  1 
ATOM   55   N N   . PRO A 1 35  ? -1.422  10.398  -8.706  1.00 14.54 ? 151 PRO A N   1 
ATOM   56   C CA  . PRO A 1 35  ? -0.431  9.402   -9.119  1.00 14.33 ? 151 PRO A CA  1 
ATOM   57   C C   . PRO A 1 35  ? -0.554  9.022   -10.584 1.00 14.56 ? 151 PRO A C   1 
ATOM   58   O O   . PRO A 1 35  ? -1.659  8.843   -11.100 1.00 14.84 ? 151 PRO A O   1 
ATOM   59   C CB  . PRO A 1 35  ? -0.740  8.196   -8.227  1.00 13.34 ? 151 PRO A CB  1 
ATOM   60   C CG  . PRO A 1 35  ? -1.383  8.801   -7.018  1.00 15.47 ? 151 PRO A CG  1 
ATOM   61   C CD  . PRO A 1 35  ? -2.290  9.852   -7.654  1.00 15.39 ? 151 PRO A CD  1 
ATOM   62   N N   . LYS A 1 36  ? 0.581   8.898   -11.260 1.00 13.66 ? 152 LYS A N   1 
ATOM   63   C CA  . LYS A 1 36  ? 0.586   8.505   -12.662 1.00 13.02 ? 152 LYS A CA  1 
ATOM   64   C C   . LYS A 1 36  ? 0.893   7.013   -12.712 1.00 15.40 ? 152 LYS A C   1 
ATOM   65   O O   . LYS A 1 36  ? 0.844   6.386   -13.771 1.00 16.25 ? 152 LYS A O   1 
ATOM   66   C CB  . LYS A 1 36  ? 1.652   9.285   -13.419 1.00 12.72 ? 152 LYS A CB  1 
ATOM   67   N N   . VAL A 1 37  ? 1.230   6.458   -11.552 1.00 16.20 ? 153 VAL A N   1 
ATOM   68   C CA  . VAL A 1 37  ? 1.556   5.046   -11.453 1.00 15.69 ? 153 VAL A CA  1 
ATOM   69   C C   . VAL A 1 37  ? 0.397   4.168   -11.904 1.00 15.94 ? 153 VAL A C   1 
ATOM   70   O O   . VAL A 1 37  ? -0.769  4.473   -11.648 1.00 16.08 ? 153 VAL A O   1 
ATOM   71   C CB  . VAL A 1 37  ? 1.929   4.674   -10.015 1.00 16.68 ? 153 VAL A CB  1 
ATOM   72   C CG1 . VAL A 1 37  ? 2.373   3.223   -9.955  1.00 20.08 ? 153 VAL A CG1 1 
ATOM   73   C CG2 . VAL A 1 37  ? 3.033   5.594   -9.513  1.00 20.10 ? 153 VAL A CG2 1 
ATOM   74   N N   . THR A 1 38  ? 0.724   3.073   -12.579 1.00 18.43 ? 154 THR A N   1 
ATOM   75   C CA  . THR A 1 38  ? -0.289  2.149   -13.066 1.00 18.67 ? 154 THR A CA  1 
ATOM   76   C C   . THR A 1 38  ? 0.007   0.745   -12.545 1.00 16.48 ? 154 THR A C   1 
ATOM   77   O O   . THR A 1 38  ? 1.018   0.522   -11.891 1.00 16.40 ? 154 THR A O   1 
ATOM   78   C CB  . THR A 1 38  ? -0.305  2.119   -14.609 1.00 20.85 ? 154 THR A CB  1 
ATOM   79   O OG1 . THR A 1 38  ? -0.490  3.448   -15.109 1.00 23.93 ? 154 THR A OG1 1 
ATOM   80   C CG2 . THR A 1 38  ? -1.435  1.239   -15.125 1.00 24.94 ? 154 THR A CG2 1 
ATOM   81   N N   . PHE A 1 39  ? -0.875  -0.204  -12.835 1.00 15.29 ? 155 PHE A N   1 
ATOM   82   C CA  . PHE A 1 39  ? -0.661  -1.573  -12.395 1.00 15.98 ? 155 PHE A CA  1 
ATOM   83   C C   . PHE A 1 39  ? 0.541   -2.152  -13.119 1.00 18.04 ? 155 PHE A C   1 
ATOM   84   O O   . PHE A 1 39  ? 1.281   -2.953  -12.557 1.00 18.66 ? 155 PHE A O   1 
ATOM   85   C CB  . PHE A 1 39  ? -1.896  -2.422  -12.691 1.00 11.30 ? 155 PHE A CB  1 
ATOM   86   C CG  . PHE A 1 39  ? -2.998  -2.270  -11.685 1.00 7.78  ? 155 PHE A CG  1 
ATOM   87   C CD1 . PHE A 1 39  ? -4.299  -2.607  -12.026 1.00 6.70  ? 155 PHE A CD1 1 
ATOM   88   C CD2 . PHE A 1 39  ? -2.738  -1.813  -10.393 1.00 8.15  ? 155 PHE A CD2 1 
ATOM   89   C CE1 . PHE A 1 39  ? -5.330  -2.500  -11.101 1.00 9.13  ? 155 PHE A CE1 1 
ATOM   90   C CE2 . PHE A 1 39  ? -3.763  -1.704  -9.458  1.00 8.27  ? 155 PHE A CE2 1 
ATOM   91   C CZ  . PHE A 1 39  ? -5.064  -2.046  -9.816  1.00 8.77  ? 155 PHE A CZ  1 
ATOM   92   N N   . LYS A 1 40  ? 0.725   -1.737  -14.368 1.00 20.94 ? 156 LYS A N   1 
ATOM   93   C CA  . LYS A 1 40  ? 1.841   -2.201  -15.185 1.00 23.95 ? 156 LYS A CA  1 
ATOM   94   C C   . LYS A 1 40  ? 3.160   -1.770  -14.557 1.00 24.62 ? 156 LYS A C   1 
ATOM   95   O O   . LYS A 1 40  ? 4.234   -2.109  -15.051 1.00 23.59 ? 156 LYS A O   1 
ATOM   96   C CB  . LYS A 1 40  ? 1.738   -1.614  -16.594 1.00 25.39 ? 156 LYS A CB  1 
ATOM   97   C CG  . LYS A 1 40  ? 1.704   -0.093  -16.618 1.00 31.49 ? 156 LYS A CG  1 
ATOM   98   C CD  . LYS A 1 40  ? 1.802   0.451   -18.034 1.00 34.09 ? 156 LYS A CD  1 
ATOM   99   C CE  . LYS A 1 40  ? 1.822   1.973   -18.034 1.00 35.81 ? 156 LYS A CE  1 
ATOM   100  N NZ  . LYS A 1 40  ? 2.025   2.533   -19.400 1.00 35.49 ? 156 LYS A NZ  1 
ATOM   101  N N   . ASP A 1 41  ? 3.068   -1.013  -13.469 1.00 26.59 ? 157 ASP A N   1 
ATOM   102  C CA  . ASP A 1 41  ? 4.249   -0.527  -12.773 1.00 28.83 ? 157 ASP A CA  1 
ATOM   103  C C   . ASP A 1 41  ? 4.421   -1.224  -11.429 1.00 28.79 ? 157 ASP A C   1 
ATOM   104  O O   . ASP A 1 41  ? 4.983   -0.660  -10.491 1.00 28.72 ? 157 ASP A O   1 
ATOM   105  C CB  . ASP A 1 41  ? 4.150   0.985   -12.569 1.00 33.10 ? 157 ASP A CB  1 
ATOM   106  C CG  . ASP A 1 41  ? 4.031   1.742   -13.882 1.00 40.18 ? 157 ASP A CG  1 
ATOM   107  O OD1 . ASP A 1 41  ? 3.963   2.989   -13.845 1.00 46.29 ? 157 ASP A OD1 1 
ATOM   108  O OD2 . ASP A 1 41  ? 4.004   1.089   -14.949 1.00 42.01 ? 157 ASP A OD2 1 
ATOM   109  N N   . VAL A 1 42  ? 3.927   -2.455  -11.349 1.00 26.88 ? 158 VAL A N   1 
ATOM   110  C CA  . VAL A 1 42  ? 4.023   -3.251  -10.132 1.00 25.88 ? 158 VAL A CA  1 
ATOM   111  C C   . VAL A 1 42  ? 4.280   -4.705  -10.502 1.00 25.81 ? 158 VAL A C   1 
ATOM   112  O O   . VAL A 1 42  ? 3.546   -5.288  -11.300 1.00 26.17 ? 158 VAL A O   1 
ATOM   113  C CB  . VAL A 1 42  ? 2.723   -3.178  -9.305  1.00 24.83 ? 158 VAL A CB  1 
ATOM   114  C CG1 . VAL A 1 42  ? 2.874   -3.997  -8.032  1.00 24.86 ? 158 VAL A CG1 1 
ATOM   115  C CG2 . VAL A 1 42  ? 2.398   -1.732  -8.974  1.00 21.77 ? 158 VAL A CG2 1 
ATOM   116  N N   . ALA A 1 43  ? 5.322   -5.289  -9.920  1.00 26.47 ? 159 ALA A N   1 
ATOM   117  C CA  . ALA A 1 43  ? 5.679   -6.675  -10.201 1.00 26.09 ? 159 ALA A CA  1 
ATOM   118  C C   . ALA A 1 43  ? 4.808   -7.668  -9.433  1.00 26.60 ? 159 ALA A C   1 
ATOM   119  O O   . ALA A 1 43  ? 4.803   -7.678  -8.201  1.00 28.22 ? 159 ALA A O   1 
ATOM   120  C CB  . ALA A 1 43  ? 7.149   -6.903  -9.866  1.00 22.72 ? 159 ALA A CB  1 
ATOM   121  N N   . GLY A 1 44  ? 4.074   -8.501  -10.166 1.00 25.73 ? 160 GLY A N   1 
ATOM   122  C CA  . GLY A 1 44  ? 3.218   -9.496  -9.543  1.00 25.06 ? 160 GLY A CA  1 
ATOM   123  C C   . GLY A 1 44  ? 1.942   -8.918  -8.959  1.00 24.43 ? 160 GLY A C   1 
ATOM   124  O O   . GLY A 1 44  ? 1.406   -7.933  -9.469  1.00 23.07 ? 160 GLY A O   1 
ATOM   125  N N   . ALA A 1 45  ? 1.443   -9.534  -7.890  1.00 25.00 ? 161 ALA A N   1 
ATOM   126  C CA  . ALA A 1 45  ? 0.222   -9.071  -7.229  1.00 25.91 ? 161 ALA A CA  1 
ATOM   127  C C   . ALA A 1 45  ? -0.947  -9.014  -8.205  1.00 26.99 ? 161 ALA A C   1 
ATOM   128  O O   . ALA A 1 45  ? -1.932  -8.301  -7.982  1.00 25.72 ? 161 ALA A O   1 
ATOM   129  C CB  . ALA A 1 45  ? 0.456   -7.692  -6.623  1.00 23.03 ? 161 ALA A CB  1 
ATOM   130  N N   . GLU A 1 46  ? -0.826  -9.763  -9.293  1.00 28.90 ? 162 GLU A N   1 
ATOM   131  C CA  . GLU A 1 46  ? -1.855  -9.804  -10.320 1.00 31.79 ? 162 GLU A CA  1 
ATOM   132  C C   . GLU A 1 46  ? -3.182  -10.280 -9.726  1.00 30.41 ? 162 GLU A C   1 
ATOM   133  O O   . GLU A 1 46  ? -4.254  -9.834  -10.140 1.00 28.56 ? 162 GLU A O   1 
ATOM   134  C CB  . GLU A 1 46  ? -1.393  -10.724 -11.450 1.00 35.50 ? 162 GLU A CB  1 
ATOM   135  C CG  . GLU A 1 46  ? -0.045  -10.309 -12.046 1.00 41.66 ? 162 GLU A CG  1 
ATOM   136  C CD  . GLU A 1 46  ? 0.715   -11.484 -12.629 1.00 45.28 ? 162 GLU A CD  1 
ATOM   137  O OE1 . GLU A 1 46  ? 1.829   -11.285 -13.149 1.00 46.46 ? 162 GLU A OE1 1 
ATOM   138  O OE2 . GLU A 1 46  ? 0.192   -12.609 -12.556 1.00 47.42 ? 162 GLU A OE2 1 
ATOM   139  N N   . GLU A 1 47  ? -3.107  -11.188 -8.756  1.00 29.80 ? 163 GLU A N   1 
ATOM   140  C CA  . GLU A 1 47  ? -4.305  -11.697 -8.095  1.00 27.64 ? 163 GLU A CA  1 
ATOM   141  C C   . GLU A 1 47  ? -5.046  -10.541 -7.433  1.00 22.60 ? 163 GLU A C   1 
ATOM   142  O O   . GLU A 1 47  ? -6.246  -10.347 -7.635  1.00 18.71 ? 163 GLU A O   1 
ATOM   143  C CB  . GLU A 1 47  ? -3.928  -12.719 -7.020  1.00 33.64 ? 163 GLU A CB  1 
ATOM   144  C CG  . GLU A 1 47  ? -3.459  -14.064 -7.546  1.00 42.92 ? 163 GLU A CG  1 
ATOM   145  C CD  . GLU A 1 47  ? -4.609  -14.927 -8.015  1.00 47.72 ? 163 GLU A CD  1 
ATOM   146  O OE1 . GLU A 1 47  ? -5.650  -14.933 -7.333  1.00 51.96 ? 163 GLU A OE1 1 
ATOM   147  O OE2 . GLU A 1 47  ? -4.467  -15.608 -9.048  1.00 48.68 ? 163 GLU A OE2 1 
ATOM   148  N N   . ALA A 1 48  ? -4.309  -9.776  -6.634  1.00 22.58 ? 164 ALA A N   1 
ATOM   149  C CA  . ALA A 1 48  ? -4.863  -8.633  -5.917  1.00 19.54 ? 164 ALA A CA  1 
ATOM   150  C C   . ALA A 1 48  ? -5.294  -7.533  -6.874  1.00 18.18 ? 164 ALA A C   1 
ATOM   151  O O   . ALA A 1 48  ? -6.317  -6.877  -6.661  1.00 19.75 ? 164 ALA A O   1 
ATOM   152  C CB  . ALA A 1 48  ? -3.831  -8.092  -4.933  1.00 18.68 ? 164 ALA A CB  1 
ATOM   153  N N   . LYS A 1 49  ? -4.506  -7.320  -7.924  1.00 16.08 ? 165 LYS A N   1 
ATOM   154  C CA  . LYS A 1 49  ? -4.816  -6.291  -8.909  1.00 10.95 ? 165 LYS A CA  1 
ATOM   155  C C   . LYS A 1 49  ? -6.218  -6.488  -9.475  1.00 10.86 ? 165 LYS A C   1 
ATOM   156  O O   . LYS A 1 49  ? -6.984  -5.531  -9.606  1.00 11.74 ? 165 LYS A O   1 
ATOM   157  C CB  . LYS A 1 49  ? -3.781  -6.306  -10.038 1.00 5.51  ? 165 LYS A CB  1 
ATOM   158  C CG  . LYS A 1 49  ? -2.386  -5.852  -9.607  1.00 3.26  ? 165 LYS A CG  1 
ATOM   159  C CD  . LYS A 1 49  ? -1.427  -5.831  -10.792 1.00 8.45  ? 165 LYS A CD  1 
ATOM   160  C CE  . LYS A 1 49  ? -0.052  -5.312  -10.408 1.00 14.66 ? 165 LYS A CE  1 
ATOM   161  N NZ  . LYS A 1 49  ? 0.850   -5.290  -11.585 1.00 19.69 ? 165 LYS A NZ  1 
ATOM   162  N N   . GLU A 1 50  ? -6.554  -7.732  -9.804  1.00 13.99 ? 166 GLU A N   1 
ATOM   163  C CA  . GLU A 1 50  ? -7.871  -8.041  -10.347 1.00 16.46 ? 166 GLU A CA  1 
ATOM   164  C C   . GLU A 1 50  ? -8.987  -7.552  -9.433  1.00 17.10 ? 166 GLU A C   1 
ATOM   165  O O   . GLU A 1 50  ? -9.880  -6.819  -9.860  1.00 19.30 ? 166 GLU A O   1 
ATOM   166  C CB  . GLU A 1 50  ? -8.003  -9.547  -10.583 1.00 21.54 ? 166 GLU A CB  1 
ATOM   167  C CG  . GLU A 1 50  ? -7.666  -9.970  -12.003 1.00 31.88 ? 166 GLU A CG  1 
ATOM   168  C CD  . GLU A 1 50  ? -8.686  -9.453  -13.000 1.00 39.77 ? 166 GLU A CD  1 
ATOM   169  O OE1 . GLU A 1 50  ? -8.541  -9.733  -14.204 1.00 44.79 ? 166 GLU A OE1 1 
ATOM   170  O OE2 . GLU A 1 50  ? -9.636  -8.769  -12.574 1.00 41.88 ? 166 GLU A OE2 1 
ATOM   171  N N   . GLU A 1 51  ? -8.936  -7.955  -8.168  1.00 14.95 ? 167 GLU A N   1 
ATOM   172  C CA  . GLU A 1 51  ? -9.951  -7.541  -7.208  1.00 14.20 ? 167 GLU A CA  1 
ATOM   173  C C   . GLU A 1 51  ? -10.084 -6.019  -7.218  1.00 10.89 ? 167 GLU A C   1 
ATOM   174  O O   . GLU A 1 51  ? -11.191 -5.474  -7.199  1.00 11.81 ? 167 GLU A O   1 
ATOM   175  C CB  . GLU A 1 51  ? -9.566  -8.013  -5.809  1.00 18.12 ? 167 GLU A CB  1 
ATOM   176  C CG  . GLU A 1 51  ? -9.244  -9.492  -5.729  1.00 25.05 ? 167 GLU A CG  1 
ATOM   177  C CD  . GLU A 1 51  ? -9.098  -9.955  -4.301  1.00 27.90 ? 167 GLU A CD  1 
ATOM   178  O OE1 . GLU A 1 51  ? -8.625  -11.084 -4.080  1.00 32.28 ? 167 GLU A OE1 1 
ATOM   179  O OE2 . GLU A 1 51  ? -9.469  -9.180  -3.399  1.00 29.63 ? 167 GLU A OE2 1 
ATOM   180  N N   . LEU A 1 52  ? -8.936  -5.347  -7.252  1.00 8.67  ? 168 LEU A N   1 
ATOM   181  C CA  . LEU A 1 52  ? -8.869  -3.889  -7.264  1.00 9.47  ? 168 LEU A CA  1 
ATOM   182  C C   . LEU A 1 52  ? -9.463  -3.294  -8.545  1.00 11.60 ? 168 LEU A C   1 
ATOM   183  O O   . LEU A 1 52  ? -9.872  -2.130  -8.567  1.00 11.49 ? 168 LEU A O   1 
ATOM   184  C CB  . LEU A 1 52  ? -7.413  -3.433  -7.095  1.00 3.98  ? 168 LEU A CB  1 
ATOM   185  C CG  . LEU A 1 52  ? -6.764  -3.702  -5.728  1.00 5.24  ? 168 LEU A CG  1 
ATOM   186  C CD1 . LEU A 1 52  ? -5.275  -3.377  -5.775  1.00 3.26  ? 168 LEU A CD1 1 
ATOM   187  C CD2 . LEU A 1 52  ? -7.457  -2.862  -4.669  1.00 3.26  ? 168 LEU A CD2 1 
ATOM   188  N N   . LYS A 1 53  ? -9.512  -4.098  -9.604  1.00 12.50 ? 169 LYS A N   1 
ATOM   189  C CA  . LYS A 1 53  ? -10.068 -3.658  -10.881 1.00 13.52 ? 169 LYS A CA  1 
ATOM   190  C C   . LYS A 1 53  ? -11.484 -3.138  -10.661 1.00 16.99 ? 169 LYS A C   1 
ATOM   191  O O   . LYS A 1 53  ? -11.971 -2.284  -11.405 1.00 17.40 ? 169 LYS A O   1 
ATOM   192  C CB  . LYS A 1 53  ? -10.082 -4.813  -11.880 1.00 9.22  ? 169 LYS A CB  1 
ATOM   193  N N   . GLU A 1 54  ? -12.146 -3.665  -9.635  1.00 16.86 ? 170 GLU A N   1 
ATOM   194  C CA  . GLU A 1 54  ? -13.501 -3.238  -9.303  1.00 17.39 ? 170 GLU A CA  1 
ATOM   195  C C   . GLU A 1 54  ? -13.423 -1.872  -8.635  1.00 15.93 ? 170 GLU A C   1 
ATOM   196  O O   . GLU A 1 54  ? -14.230 -0.983  -8.908  1.00 17.36 ? 170 GLU A O   1 
ATOM   197  C CB  . GLU A 1 54  ? -14.163 -4.237  -8.349  1.00 22.04 ? 170 GLU A CB  1 
ATOM   198  C CG  . GLU A 1 54  ? -15.494 -3.756  -7.782  1.00 27.82 ? 170 GLU A CG  1 
ATOM   199  C CD  . GLU A 1 54  ? -16.044 -4.685  -6.714  1.00 32.56 ? 170 GLU A CD  1 
ATOM   200  O OE1 . GLU A 1 54  ? -15.317 -4.965  -5.739  1.00 35.93 ? 170 GLU A OE1 1 
ATOM   201  O OE2 . GLU A 1 54  ? -17.203 -5.129  -6.848  1.00 33.85 ? 170 GLU A OE2 1 
ATOM   202  N N   . ILE A 1 55  ? -12.445 -1.719  -7.750  1.00 11.36 ? 171 ILE A N   1 
ATOM   203  C CA  . ILE A 1 55  ? -12.242 -0.468  -7.035  1.00 10.70 ? 171 ILE A CA  1 
ATOM   204  C C   . ILE A 1 55  ? -11.920 0.641   -8.028  1.00 12.18 ? 171 ILE A C   1 
ATOM   205  O O   . ILE A 1 55  ? -12.365 1.779   -7.874  1.00 10.35 ? 171 ILE A O   1 
ATOM   206  C CB  . ILE A 1 55  ? -11.075 -0.587  -6.037  1.00 8.90  ? 171 ILE A CB  1 
ATOM   207  C CG1 . ILE A 1 55  ? -11.374 -1.691  -5.020  1.00 5.98  ? 171 ILE A CG1 1 
ATOM   208  C CG2 . ILE A 1 55  ? -10.845 0.744   -5.336  1.00 3.51  ? 171 ILE A CG2 1 
ATOM   209  C CD1 . ILE A 1 55  ? -12.585 -1.420  -4.155  1.00 4.48  ? 171 ILE A CD1 1 
ATOM   210  N N   . VAL A 1 56  ? -11.148 0.294   -9.050  1.00 9.81  ? 172 VAL A N   1 
ATOM   211  C CA  . VAL A 1 56  ? -10.753 1.252   -10.070 1.00 7.40  ? 172 VAL A CA  1 
ATOM   212  C C   . VAL A 1 56  ? -11.943 1.741   -10.889 1.00 6.62  ? 172 VAL A C   1 
ATOM   213  O O   . VAL A 1 56  ? -12.056 2.932   -11.177 1.00 5.40  ? 172 VAL A O   1 
ATOM   214  C CB  . VAL A 1 56  ? -9.712  0.640   -11.022 1.00 7.14  ? 172 VAL A CB  1 
ATOM   215  C CG1 . VAL A 1 56  ? -9.288  1.669   -12.058 1.00 4.50  ? 172 VAL A CG1 1 
ATOM   216  C CG2 . VAL A 1 56  ? -8.507  0.160   -10.227 1.00 5.94  ? 172 VAL A CG2 1 
ATOM   217  N N   . GLU A 1 57  ? -12.826 0.820   -11.265 1.00 12.00 ? 173 GLU A N   1 
ATOM   218  C CA  . GLU A 1 57  ? -13.997 1.179   -12.054 1.00 13.37 ? 173 GLU A CA  1 
ATOM   219  C C   . GLU A 1 57  ? -15.072 1.898   -11.243 1.00 8.99  ? 173 GLU A C   1 
ATOM   220  O O   . GLU A 1 57  ? -15.859 2.664   -11.797 1.00 7.25  ? 173 GLU A O   1 
ATOM   221  C CB  . GLU A 1 57  ? -14.579 -0.061  -12.741 1.00 18.43 ? 173 GLU A CB  1 
ATOM   222  C CG  . GLU A 1 57  ? -13.867 -0.413  -14.046 1.00 30.25 ? 173 GLU A CG  1 
ATOM   223  C CD  . GLU A 1 57  ? -14.444 -1.639  -14.731 1.00 41.12 ? 173 GLU A CD  1 
ATOM   224  O OE1 . GLU A 1 57  ? -15.676 -1.689  -14.929 1.00 46.60 ? 173 GLU A OE1 1 
ATOM   225  O OE2 . GLU A 1 57  ? -13.662 -2.547  -15.079 1.00 46.97 ? 173 GLU A OE2 1 
ATOM   226  N N   . PHE A 1 58  ? -15.115 1.652   -9.937  1.00 6.07  ? 174 PHE A N   1 
ATOM   227  C CA  . PHE A 1 58  ? -16.090 2.334   -9.092  1.00 5.16  ? 174 PHE A CA  1 
ATOM   228  C C   . PHE A 1 58  ? -15.659 3.792   -9.027  1.00 6.40  ? 174 PHE A C   1 
ATOM   229  O O   . PHE A 1 58  ? -16.487 4.703   -9.033  1.00 7.95  ? 174 PHE A O   1 
ATOM   230  C CB  . PHE A 1 58  ? -16.102 1.749   -7.678  1.00 5.26  ? 174 PHE A CB  1 
ATOM   231  C CG  . PHE A 1 58  ? -16.818 2.615   -6.675  1.00 6.57  ? 174 PHE A CG  1 
ATOM   232  C CD1 . PHE A 1 58  ? -18.198 2.790   -6.743  1.00 6.42  ? 174 PHE A CD1 1 
ATOM   233  C CD2 . PHE A 1 58  ? -16.106 3.289   -5.687  1.00 6.05  ? 174 PHE A CD2 1 
ATOM   234  C CE1 . PHE A 1 58  ? -18.856 3.628   -5.843  1.00 7.29  ? 174 PHE A CE1 1 
ATOM   235  C CE2 . PHE A 1 58  ? -16.755 4.129   -4.784  1.00 5.55  ? 174 PHE A CE2 1 
ATOM   236  C CZ  . PHE A 1 58  ? -18.132 4.299   -4.863  1.00 8.47  ? 174 PHE A CZ  1 
ATOM   237  N N   . LEU A 1 59  ? -14.347 3.995   -8.957  1.00 6.72  ? 175 LEU A N   1 
ATOM   238  C CA  . LEU A 1 59  ? -13.761 5.328   -8.899  1.00 8.03  ? 175 LEU A CA  1 
ATOM   239  C C   . LEU A 1 59  ? -13.973 6.046   -10.226 1.00 11.20 ? 175 LEU A C   1 
ATOM   240  O O   . LEU A 1 59  ? -14.231 7.248   -10.257 1.00 13.99 ? 175 LEU A O   1 
ATOM   241  C CB  . LEU A 1 59  ? -12.263 5.219   -8.588  1.00 5.35  ? 175 LEU A CB  1 
ATOM   242  C CG  . LEU A 1 59  ? -11.779 5.651   -7.200  1.00 6.00  ? 175 LEU A CG  1 
ATOM   243  C CD1 . LEU A 1 59  ? -12.840 5.359   -6.155  1.00 3.26  ? 175 LEU A CD1 1 
ATOM   244  C CD2 . LEU A 1 59  ? -10.472 4.935   -6.868  1.00 3.26  ? 175 LEU A CD2 1 
ATOM   245  N N   . LYS A 1 60  ? -13.867 5.297   -11.319 1.00 14.44 ? 176 LYS A N   1 
ATOM   246  C CA  . LYS A 1 60  ? -14.049 5.857   -12.652 1.00 15.39 ? 176 LYS A CA  1 
ATOM   247  C C   . LYS A 1 60  ? -15.501 6.234   -12.924 1.00 18.44 ? 176 LYS A C   1 
ATOM   248  O O   . LYS A 1 60  ? -15.777 7.281   -13.507 1.00 20.66 ? 176 LYS A O   1 
ATOM   249  C CB  . LYS A 1 60  ? -13.575 4.861   -13.715 1.00 11.95 ? 176 LYS A CB  1 
ATOM   250  C CG  . LYS A 1 60  ? -12.066 4.666   -13.777 1.00 7.96  ? 176 LYS A CG  1 
ATOM   251  C CD  . LYS A 1 60  ? -11.678 3.782   -14.960 1.00 10.38 ? 176 LYS A CD  1 
ATOM   252  C CE  . LYS A 1 60  ? -10.168 3.729   -15.156 1.00 14.14 ? 176 LYS A CE  1 
ATOM   253  N NZ  . LYS A 1 60  ? -9.788  2.923   -16.349 1.00 18.51 ? 176 LYS A NZ  1 
ATOM   254  N N   . ASN A 1 61  ? -16.430 5.381   -12.500 1.00 20.04 ? 177 ASN A N   1 
ATOM   255  C CA  . ASN A 1 61  ? -17.850 5.637   -12.723 1.00 23.64 ? 177 ASN A CA  1 
ATOM   256  C C   . ASN A 1 61  ? -18.705 5.299   -11.501 1.00 19.91 ? 177 ASN A C   1 
ATOM   257  O O   . ASN A 1 61  ? -19.581 4.437   -11.570 1.00 16.05 ? 177 ASN A O   1 
ATOM   258  C CB  . ASN A 1 61  ? -18.339 4.825   -13.927 1.00 30.49 ? 177 ASN A CB  1 
ATOM   259  C CG  . ASN A 1 61  ? -17.792 5.343   -15.248 1.00 36.43 ? 177 ASN A CG  1 
ATOM   260  O OD1 . ASN A 1 61  ? -16.609 5.667   -15.359 1.00 40.26 ? 177 ASN A OD1 1 
ATOM   261  N ND2 . ASN A 1 61  ? -18.654 5.410   -16.260 1.00 38.61 ? 177 ASN A ND2 1 
ATOM   262  N N   . PRO A 1 62  ? -18.472 5.982   -10.368 1.00 17.36 ? 178 PRO A N   1 
ATOM   263  C CA  . PRO A 1 62  ? -19.265 5.695   -9.167  1.00 16.23 ? 178 PRO A CA  1 
ATOM   264  C C   . PRO A 1 62  ? -20.763 5.758   -9.442  1.00 16.73 ? 178 PRO A C   1 
ATOM   265  O O   . PRO A 1 62  ? -21.544 4.995   -8.875  1.00 17.45 ? 178 PRO A O   1 
ATOM   266  C CB  . PRO A 1 62  ? -18.798 6.766   -8.179  1.00 12.88 ? 178 PRO A CB  1 
ATOM   267  C CG  . PRO A 1 62  ? -18.410 7.907   -9.071  1.00 11.20 ? 178 PRO A CG  1 
ATOM   268  C CD  . PRO A 1 62  ? -17.665 7.202   -10.184 1.00 14.68 ? 178 PRO A CD  1 
ATOM   269  N N   . SER A 1 63  ? -21.149 6.669   -10.328 1.00 16.48 ? 179 SER A N   1 
ATOM   270  C CA  . SER A 1 63  ? -22.544 6.850   -10.706 1.00 12.90 ? 179 SER A CA  1 
ATOM   271  C C   . SER A 1 63  ? -23.154 5.514   -11.120 1.00 8.84  ? 179 SER A C   1 
ATOM   272  O O   . SER A 1 63  ? -24.146 5.068   -10.547 1.00 7.35  ? 179 SER A O   1 
ATOM   273  C CB  . SER A 1 63  ? -22.643 7.840   -11.869 1.00 15.88 ? 179 SER A CB  1 
ATOM   274  O OG  . SER A 1 63  ? -21.884 9.011   -11.611 1.00 18.62 ? 179 SER A OG  1 
ATOM   275  N N   . ARG A 1 64  ? -22.546 4.885   -12.121 1.00 8.54  ? 180 ARG A N   1 
ATOM   276  C CA  . ARG A 1 64  ? -23.011 3.604   -12.635 1.00 4.60  ? 180 ARG A CA  1 
ATOM   277  C C   . ARG A 1 64  ? -23.257 2.593   -11.528 1.00 5.05  ? 180 ARG A C   1 
ATOM   278  O O   . ARG A 1 64  ? -24.315 1.969   -11.468 1.00 8.28  ? 180 ARG A O   1 
ATOM   279  C CB  . ARG A 1 64  ? -21.997 3.046   -13.624 1.00 3.26  ? 180 ARG A CB  1 
ATOM   280  N N   . PHE A 1 65  ? -22.273 2.429   -10.652 1.00 6.50  ? 181 PHE A N   1 
ATOM   281  C CA  . PHE A 1 65  ? -22.392 1.480   -9.558  1.00 6.86  ? 181 PHE A CA  1 
ATOM   282  C C   . PHE A 1 65  ? -23.643 1.697   -8.717  1.00 7.29  ? 181 PHE A C   1 
ATOM   283  O O   . PHE A 1 65  ? -24.463 0.792   -8.581  1.00 6.96  ? 181 PHE A O   1 
ATOM   284  C CB  . PHE A 1 65  ? -21.143 1.531   -8.677  1.00 7.25  ? 181 PHE A CB  1 
ATOM   285  C CG  . PHE A 1 65  ? -19.983 0.747   -9.225  1.00 7.99  ? 181 PHE A CG  1 
ATOM   286  C CD1 . PHE A 1 65  ? -19.444 1.051   -10.472 1.00 10.29 ? 181 PHE A CD1 1 
ATOM   287  C CD2 . PHE A 1 65  ? -19.437 -0.306  -8.499  1.00 8.69  ? 181 PHE A CD2 1 
ATOM   288  C CE1 . PHE A 1 65  ? -18.374 0.320   -10.984 1.00 12.67 ? 181 PHE A CE1 1 
ATOM   289  C CE2 . PHE A 1 65  ? -18.367 -1.044  -9.001  1.00 9.86  ? 181 PHE A CE2 1 
ATOM   290  C CZ  . PHE A 1 65  ? -17.836 -0.731  -10.248 1.00 12.05 ? 181 PHE A CZ  1 
ATOM   291  N N   . HIS A 1 66  ? -23.796 2.891   -8.156  1.00 7.43  ? 182 HIS A N   1 
ATOM   292  C CA  . HIS A 1 66  ? -24.967 3.178   -7.337  1.00 8.35  ? 182 HIS A CA  1 
ATOM   293  C C   . HIS A 1 66  ? -26.256 2.920   -8.112  1.00 11.02 ? 182 HIS A C   1 
ATOM   294  O O   . HIS A 1 66  ? -27.217 2.378   -7.565  1.00 12.45 ? 182 HIS A O   1 
ATOM   295  C CB  . HIS A 1 66  ? -24.937 4.626   -6.849  1.00 6.86  ? 182 HIS A CB  1 
ATOM   296  C CG  . HIS A 1 66  ? -23.896 4.892   -5.807  1.00 6.92  ? 182 HIS A CG  1 
ATOM   297  N ND1 . HIS A 1 66  ? -23.870 4.242   -4.594  1.00 9.78  ? 182 HIS A ND1 1 
ATOM   298  C CD2 . HIS A 1 66  ? -22.861 5.768   -5.784  1.00 10.68 ? 182 HIS A CD2 1 
ATOM   299  C CE1 . HIS A 1 66  ? -22.869 4.705   -3.866  1.00 14.38 ? 182 HIS A CE1 1 
ATOM   300  N NE2 . HIS A 1 66  ? -22.243 5.633   -4.568  1.00 13.18 ? 182 HIS A NE2 1 
ATOM   301  N N   . GLU A 1 67  ? -26.271 3.308   -9.384  1.00 13.97 ? 183 GLU A N   1 
ATOM   302  C CA  . GLU A 1 67  ? -27.444 3.104   -10.226 1.00 15.53 ? 183 GLU A CA  1 
ATOM   303  C C   . GLU A 1 67  ? -27.829 1.631   -10.169 1.00 14.12 ? 183 GLU A C   1 
ATOM   304  O O   . GLU A 1 67  ? -28.978 1.288   -9.892  1.00 13.93 ? 183 GLU A O   1 
ATOM   305  C CB  . GLU A 1 67  ? -27.138 3.516   -11.667 1.00 19.40 ? 183 GLU A CB  1 
ATOM   306  C CG  . GLU A 1 67  ? -28.328 3.425   -12.607 1.00 27.81 ? 183 GLU A CG  1 
ATOM   307  C CD  . GLU A 1 67  ? -28.019 3.996   -13.979 1.00 33.68 ? 183 GLU A CD  1 
ATOM   308  O OE1 . GLU A 1 67  ? -28.926 4.009   -14.835 1.00 34.18 ? 183 GLU A OE1 1 
ATOM   309  O OE2 . GLU A 1 67  ? -26.869 4.430   -14.193 1.00 38.62 ? 183 GLU A OE2 1 
ATOM   310  N N   . MET A 1 68  ? -26.858 0.763   -10.432 1.00 13.53 ? 184 MET A N   1 
ATOM   311  C CA  . MET A 1 68  ? -27.086 -0.673  -10.383 1.00 14.88 ? 184 MET A CA  1 
ATOM   312  C C   . MET A 1 68  ? -26.975 -1.087  -8.917  1.00 17.55 ? 184 MET A C   1 
ATOM   313  O O   . MET A 1 68  ? -26.724 -0.247  -8.052  1.00 20.10 ? 184 MET A O   1 
ATOM   314  C CB  . MET A 1 68  ? -26.039 -1.399  -11.221 1.00 12.12 ? 184 MET A CB  1 
ATOM   315  N N   . GLY A 1 69  ? -27.163 -2.372  -8.634  1.00 16.51 ? 185 GLY A N   1 
ATOM   316  C CA  . GLY A 1 69  ? -27.064 -2.839  -7.262  1.00 18.65 ? 185 GLY A CA  1 
ATOM   317  C C   . GLY A 1 69  ? -25.618 -3.071  -6.865  1.00 19.86 ? 185 GLY A C   1 
ATOM   318  O O   . GLY A 1 69  ? -25.327 -3.810  -5.922  1.00 20.45 ? 185 GLY A O   1 
ATOM   319  N N   . ALA A 1 70  ? -24.714 -2.423  -7.594  1.00 20.84 ? 186 ALA A N   1 
ATOM   320  C CA  . ALA A 1 70  ? -23.277 -2.536  -7.369  1.00 22.78 ? 186 ALA A CA  1 
ATOM   321  C C   . ALA A 1 70  ? -22.859 -2.606  -5.903  1.00 23.16 ? 186 ALA A C   1 
ATOM   322  O O   . ALA A 1 70  ? -23.550 -2.101  -5.017  1.00 23.03 ? 186 ALA A O   1 
ATOM   323  C CB  . ALA A 1 70  ? -22.563 -1.387  -8.053  1.00 23.45 ? 186 ALA A CB  1 
ATOM   324  N N   . ARG A 1 71  ? -21.704 -3.226  -5.670  1.00 22.01 ? 187 ARG A N   1 
ATOM   325  C CA  . ARG A 1 71  ? -21.153 -3.406  -4.331  1.00 22.21 ? 187 ARG A CA  1 
ATOM   326  C C   . ARG A 1 71  ? -20.863 -2.102  -3.596  1.00 20.90 ? 187 ARG A C   1 
ATOM   327  O O   . ARG A 1 71  ? -21.151 -1.978  -2.404  1.00 20.02 ? 187 ARG A O   1 
ATOM   328  C CB  . ARG A 1 71  ? -19.886 -4.246  -4.409  1.00 25.02 ? 187 ARG A CB  1 
ATOM   329  N N   . ILE A 1 72  ? -20.286 -1.135  -4.303  1.00 20.07 ? 188 ILE A N   1 
ATOM   330  C CA  . ILE A 1 72  ? -19.955 0.153   -3.701  1.00 20.35 ? 188 ILE A CA  1 
ATOM   331  C C   . ILE A 1 72  ? -18.959 -0.027  -2.561  1.00 20.63 ? 188 ILE A C   1 
ATOM   332  O O   . ILE A 1 72  ? -19.347 -0.175  -1.402  1.00 20.04 ? 188 ILE A O   1 
ATOM   333  C CB  . ILE A 1 72  ? -21.205 0.852   -3.126  1.00 16.83 ? 188 ILE A CB  1 
ATOM   334  C CG1 . ILE A 1 72  ? -22.266 0.997   -4.213  1.00 17.12 ? 188 ILE A CG1 1 
ATOM   335  C CG2 . ILE A 1 72  ? -20.831 2.219   -2.573  1.00 15.00 ? 188 ILE A CG2 1 
ATOM   336  C CD1 . ILE A 1 72  ? -21.818 1.839   -5.387  1.00 21.41 ? 188 ILE A CD1 1 
ATOM   337  N N   . PRO A 1 73  ? -17.657 -0.020  -2.876  1.00 17.51 ? 189 PRO A N   1 
ATOM   338  C CA  . PRO A 1 73  ? -16.662 -0.188  -1.816  1.00 13.30 ? 189 PRO A CA  1 
ATOM   339  C C   . PRO A 1 73  ? -16.615 1.041   -0.909  1.00 12.02 ? 189 PRO A C   1 
ATOM   340  O O   . PRO A 1 73  ? -17.220 2.070   -1.214  1.00 11.01 ? 189 PRO A O   1 
ATOM   341  C CB  . PRO A 1 73  ? -15.369 -0.387  -2.599  1.00 13.68 ? 189 PRO A CB  1 
ATOM   342  C CG  . PRO A 1 73  ? -15.581 0.485   -3.801  1.00 13.62 ? 189 PRO A CG  1 
ATOM   343  C CD  . PRO A 1 73  ? -17.009 0.166   -4.187  1.00 15.05 ? 189 PRO A CD  1 
ATOM   344  N N   . LYS A 1 74  ? -15.905 0.919   0.209   1.00 14.18 ? 190 LYS A N   1 
ATOM   345  C CA  . LYS A 1 74  ? -15.743 2.012   1.167   1.00 13.24 ? 190 LYS A CA  1 
ATOM   346  C C   . LYS A 1 74  ? -14.401 1.904   1.881   1.00 13.22 ? 190 LYS A C   1 
ATOM   347  O O   . LYS A 1 74  ? -13.720 2.905   2.103   1.00 15.37 ? 190 LYS A O   1 
ATOM   348  C CB  . LYS A 1 74  ? -16.865 2.009   2.211   1.00 14.44 ? 190 LYS A CB  1 
ATOM   349  C CG  . LYS A 1 74  ? -18.126 2.737   1.778   1.00 19.57 ? 190 LYS A CG  1 
ATOM   350  C CD  . LYS A 1 74  ? -19.067 2.924   2.949   1.00 22.63 ? 190 LYS A CD  1 
ATOM   351  C CE  . LYS A 1 74  ? -20.203 3.865   2.607   1.00 24.93 ? 190 LYS A CE  1 
ATOM   352  N NZ  . LYS A 1 74  ? -21.064 4.091   3.802   1.00 30.83 ? 190 LYS A NZ  1 
ATOM   353  N N   . GLY A 1 75  ? -14.024 0.682   2.240   1.00 13.23 ? 191 GLY A N   1 
ATOM   354  C CA  . GLY A 1 75  ? -12.765 0.476   2.928   1.00 12.42 ? 191 GLY A CA  1 
ATOM   355  C C   . GLY A 1 75  ? -12.051 -0.774  2.464   1.00 13.92 ? 191 GLY A C   1 
ATOM   356  O O   . GLY A 1 75  ? -12.529 -1.890  2.662   1.00 16.97 ? 191 GLY A O   1 
ATOM   357  N N   . VAL A 1 76  ? -10.898 -0.584  1.837   1.00 10.47 ? 192 VAL A N   1 
ATOM   358  C CA  . VAL A 1 76  ? -10.110 -1.699  1.347   1.00 4.66  ? 192 VAL A CA  1 
ATOM   359  C C   . VAL A 1 76  ? -8.864  -1.831  2.205   1.00 7.81  ? 192 VAL A C   1 
ATOM   360  O O   . VAL A 1 76  ? -7.989  -0.967  2.178   1.00 9.15  ? 192 VAL A O   1 
ATOM   361  C CB  . VAL A 1 76  ? -9.690  -1.478  -0.107  1.00 3.89  ? 192 VAL A CB  1 
ATOM   362  C CG1 . VAL A 1 76  ? -8.896  -2.672  -0.600  1.00 3.26  ? 192 VAL A CG1 1 
ATOM   363  C CG2 . VAL A 1 76  ? -10.922 -1.255  -0.967  1.00 4.37  ? 192 VAL A CG2 1 
ATOM   364  N N   . LEU A 1 77  ? -8.791  -2.914  2.968   1.00 7.30  ? 193 LEU A N   1 
ATOM   365  C CA  . LEU A 1 77  ? -7.652  -3.149  3.842   1.00 5.91  ? 193 LEU A CA  1 
ATOM   366  C C   . LEU A 1 77  ? -6.682  -4.163  3.242   1.00 4.71  ? 193 LEU A C   1 
ATOM   367  O O   . LEU A 1 77  ? -6.993  -5.350  3.152   1.00 3.97  ? 193 LEU A O   1 
ATOM   368  C CB  . LEU A 1 77  ? -8.140  -3.641  5.210   1.00 8.26  ? 193 LEU A CB  1 
ATOM   369  C CG  . LEU A 1 77  ? -7.071  -3.942  6.266   1.00 7.04  ? 193 LEU A CG  1 
ATOM   370  C CD1 . LEU A 1 77  ? -6.275  -2.678  6.541   1.00 7.04  ? 193 LEU A CD1 1 
ATOM   371  C CD2 . LEU A 1 77  ? -7.719  -4.458  7.547   1.00 4.49  ? 193 LEU A CD2 1 
ATOM   372  N N   . LEU A 1 78  ? -5.510  -3.689  2.827   1.00 3.26  ? 194 LEU A N   1 
ATOM   373  C CA  . LEU A 1 78  ? -4.495  -4.564  2.251   1.00 3.26  ? 194 LEU A CA  1 
ATOM   374  C C   . LEU A 1 78  ? -3.768  -5.307  3.362   1.00 5.54  ? 194 LEU A C   1 
ATOM   375  O O   . LEU A 1 78  ? -3.289  -4.697  4.317   1.00 3.26  ? 194 LEU A O   1 
ATOM   376  C CB  . LEU A 1 78  ? -3.479  -3.758  1.441   1.00 3.26  ? 194 LEU A CB  1 
ATOM   377  C CG  . LEU A 1 78  ? -4.018  -3.010  0.222   1.00 4.36  ? 194 LEU A CG  1 
ATOM   378  C CD1 . LEU A 1 78  ? -2.881  -2.276  -0.473  1.00 3.26  ? 194 LEU A CD1 1 
ATOM   379  C CD2 . LEU A 1 78  ? -4.676  -3.996  -0.728  1.00 3.35  ? 194 LEU A CD2 1 
ATOM   380  N N   . VAL A 1 79  ? -3.686  -6.626  3.226   1.00 9.55  ? 195 VAL A N   1 
ATOM   381  C CA  . VAL A 1 79  ? -3.023  -7.461  4.218   1.00 10.07 ? 195 VAL A CA  1 
ATOM   382  C C   . VAL A 1 79  ? -1.812  -8.169  3.621   1.00 12.65 ? 195 VAL A C   1 
ATOM   383  O O   . VAL A 1 79  ? -1.918  -8.835  2.591   1.00 12.07 ? 195 VAL A O   1 
ATOM   384  C CB  . VAL A 1 79  ? -3.984  -8.529  4.772   1.00 12.11 ? 195 VAL A CB  1 
ATOM   385  C CG1 . VAL A 1 79  ? -3.281  -9.369  5.824   1.00 7.79  ? 195 VAL A CG1 1 
ATOM   386  C CG2 . VAL A 1 79  ? -5.214  -7.860  5.358   1.00 12.26 ? 195 VAL A CG2 1 
ATOM   387  N N   . GLY A 1 80  ? -0.665  -8.026  4.276   1.00 13.10 ? 196 GLY A N   1 
ATOM   388  C CA  . GLY A 1 80  ? 0.548   -8.661  3.795   1.00 11.49 ? 196 GLY A CA  1 
ATOM   389  C C   . GLY A 1 80  ? 1.757   -8.273  4.623   1.00 11.57 ? 196 GLY A C   1 
ATOM   390  O O   . GLY A 1 80  ? 1.665   -7.381  5.464   1.00 12.93 ? 196 GLY A O   1 
ATOM   391  N N   . PRO A 1 81  ? 2.907   -8.932  4.419   1.00 12.04 ? 197 PRO A N   1 
ATOM   392  C CA  . PRO A 1 81  ? 4.124   -8.619  5.176   1.00 13.01 ? 197 PRO A CA  1 
ATOM   393  C C   . PRO A 1 81  ? 4.633   -7.216  4.834   1.00 13.68 ? 197 PRO A C   1 
ATOM   394  O O   . PRO A 1 81  ? 4.147   -6.587  3.896   1.00 13.03 ? 197 PRO A O   1 
ATOM   395  C CB  . PRO A 1 81  ? 5.100   -9.710  4.725   1.00 14.15 ? 197 PRO A CB  1 
ATOM   396  C CG  . PRO A 1 81  ? 4.194   -10.848 4.324   1.00 15.35 ? 197 PRO A CG  1 
ATOM   397  C CD  . PRO A 1 81  ? 3.103   -10.126 3.581   1.00 12.59 ? 197 PRO A CD  1 
ATOM   398  N N   . PRO A 1 82  ? 5.601   -6.697  5.607   1.00 15.44 ? 198 PRO A N   1 
ATOM   399  C CA  . PRO A 1 82  ? 6.122   -5.358  5.309   1.00 13.34 ? 198 PRO A CA  1 
ATOM   400  C C   . PRO A 1 82  ? 6.921   -5.373  4.005   1.00 11.53 ? 198 PRO A C   1 
ATOM   401  O O   . PRO A 1 82  ? 7.291   -6.438  3.513   1.00 12.79 ? 198 PRO A O   1 
ATOM   402  C CB  . PRO A 1 82  ? 7.003   -5.052  6.520   1.00 13.56 ? 198 PRO A CB  1 
ATOM   403  C CG  . PRO A 1 82  ? 6.349   -5.835  7.623   1.00 15.18 ? 198 PRO A CG  1 
ATOM   404  C CD  . PRO A 1 82  ? 6.046   -7.145  6.939   1.00 15.38 ? 198 PRO A CD  1 
ATOM   405  N N   . GLY A 1 83  ? 7.178   -4.194  3.447   1.00 9.02  ? 199 GLY A N   1 
ATOM   406  C CA  . GLY A 1 83  ? 7.942   -4.103  2.213   1.00 6.45  ? 199 GLY A CA  1 
ATOM   407  C C   . GLY A 1 83  ? 7.427   -4.947  1.059   1.00 7.09  ? 199 GLY A C   1 
ATOM   408  O O   . GLY A 1 83  ? 8.158   -5.204  0.101   1.00 7.60  ? 199 GLY A O   1 
ATOM   409  N N   . VAL A 1 84  ? 6.174   -5.379  1.140   1.00 6.84  ? 200 VAL A N   1 
ATOM   410  C CA  . VAL A 1 84  ? 5.586   -6.187  0.078   1.00 9.95  ? 200 VAL A CA  1 
ATOM   411  C C   . VAL A 1 84  ? 4.999   -5.280  -1.004  1.00 11.61 ? 200 VAL A C   1 
ATOM   412  O O   . VAL A 1 84  ? 4.569   -5.747  -2.058  1.00 12.41 ? 200 VAL A O   1 
ATOM   413  C CB  . VAL A 1 84  ? 4.485   -7.124  0.629   1.00 11.48 ? 200 VAL A CB  1 
ATOM   414  C CG1 . VAL A 1 84  ? 3.876   -7.944  -0.498  1.00 14.79 ? 200 VAL A CG1 1 
ATOM   415  C CG2 . VAL A 1 84  ? 5.081   -8.051  1.675   1.00 16.60 ? 200 VAL A CG2 1 
ATOM   416  N N   . GLY A 1 85  ? 4.987   -3.978  -0.732  1.00 8.38  ? 201 GLY A N   1 
ATOM   417  C CA  . GLY A 1 85  ? 4.472   -3.023  -1.697  1.00 6.88  ? 201 GLY A CA  1 
ATOM   418  C C   . GLY A 1 85  ? 2.984   -2.746  -1.613  1.00 9.14  ? 201 GLY A C   1 
ATOM   419  O O   . GLY A 1 85  ? 2.324   -2.566  -2.639  1.00 8.95  ? 201 GLY A O   1 
ATOM   420  N N   . LYS A 1 86  ? 2.453   -2.708  -0.395  1.00 9.59  ? 202 LYS A N   1 
ATOM   421  C CA  . LYS A 1 86  ? 1.033   -2.441  -0.189  1.00 10.45 ? 202 LYS A CA  1 
ATOM   422  C C   . LYS A 1 86  ? 0.701   -0.984  -0.487  1.00 11.40 ? 202 LYS A C   1 
ATOM   423  O O   . LYS A 1 86  ? -0.204  -0.688  -1.269  1.00 8.86  ? 202 LYS A O   1 
ATOM   424  C CB  . LYS A 1 86  ? 0.633   -2.792  1.250   1.00 9.05  ? 202 LYS A CB  1 
ATOM   425  C CG  . LYS A 1 86  ? 0.406   -4.282  1.475   1.00 7.39  ? 202 LYS A CG  1 
ATOM   426  C CD  . LYS A 1 86  ? 0.073   -4.611  2.925   1.00 3.26  ? 202 LYS A CD  1 
ATOM   427  C CE  . LYS A 1 86  ? 1.324   -4.868  3.751   1.00 3.98  ? 202 LYS A CE  1 
ATOM   428  N NZ  . LYS A 1 86  ? 2.284   -3.734  3.717   1.00 4.31  ? 202 LYS A NZ  1 
ATOM   429  N N   . THR A 1 87  ? 1.442   -0.076  0.138   1.00 13.38 ? 203 THR A N   1 
ATOM   430  C CA  . THR A 1 87  ? 1.234   1.349   -0.069  1.00 16.39 ? 203 THR A CA  1 
ATOM   431  C C   . THR A 1 87  ? 1.477   1.688   -1.535  1.00 19.68 ? 203 THR A C   1 
ATOM   432  O O   . THR A 1 87  ? 0.788   2.528   -2.116  1.00 18.00 ? 203 THR A O   1 
ATOM   433  C CB  . THR A 1 87  ? 2.193   2.178   0.796   1.00 15.45 ? 203 THR A CB  1 
ATOM   434  O OG1 . THR A 1 87  ? 2.026   1.816   2.172   1.00 15.73 ? 203 THR A OG1 1 
ATOM   435  C CG2 . THR A 1 87  ? 1.908   3.662   0.627   1.00 14.54 ? 203 THR A CG2 1 
ATOM   436  N N   . HIS A 1 88  ? 2.463   1.023   -2.128  1.00 21.85 ? 204 HIS A N   1 
ATOM   437  C CA  . HIS A 1 88  ? 2.815   1.241   -3.527  1.00 20.83 ? 204 HIS A CA  1 
ATOM   438  C C   . HIS A 1 88  ? 1.699   0.787   -4.467  1.00 17.20 ? 204 HIS A C   1 
ATOM   439  O O   . HIS A 1 88  ? 1.560   1.303   -5.575  1.00 14.66 ? 204 HIS A O   1 
ATOM   440  C CB  . HIS A 1 88  ? 4.114   0.492   -3.855  1.00 26.86 ? 204 HIS A CB  1 
ATOM   441  C CG  . HIS A 1 88  ? 4.534   0.599   -5.287  1.00 31.68 ? 204 HIS A CG  1 
ATOM   442  N ND1 . HIS A 1 88  ? 4.754   1.806   -5.916  1.00 35.55 ? 204 HIS A ND1 1 
ATOM   443  C CD2 . HIS A 1 88  ? 4.794   -0.356  -6.214  1.00 33.44 ? 204 HIS A CD2 1 
ATOM   444  C CE1 . HIS A 1 88  ? 5.128   1.592   -7.165  1.00 36.29 ? 204 HIS A CE1 1 
ATOM   445  N NE2 . HIS A 1 88  ? 5.160   0.286   -7.370  1.00 35.74 ? 204 HIS A NE2 1 
ATOM   446  N N   . LEU A 1 89  ? 0.910   -0.182  -4.013  1.00 15.30 ? 205 LEU A N   1 
ATOM   447  C CA  . LEU A 1 89  ? -0.192  -0.710  -4.802  1.00 17.44 ? 205 LEU A CA  1 
ATOM   448  C C   . LEU A 1 89  ? -1.424  0.168   -4.671  1.00 18.29 ? 205 LEU A C   1 
ATOM   449  O O   . LEU A 1 89  ? -2.076  0.490   -5.661  1.00 16.84 ? 205 LEU A O   1 
ATOM   450  C CB  . LEU A 1 89  ? -0.521  -2.130  -4.355  1.00 19.29 ? 205 LEU A CB  1 
ATOM   451  C CG  . LEU A 1 89  ? -1.593  -2.852  -5.170  1.00 20.63 ? 205 LEU A CG  1 
ATOM   452  C CD1 . LEU A 1 89  ? -1.185  -2.933  -6.639  1.00 19.73 ? 205 LEU A CD1 1 
ATOM   453  C CD2 . LEU A 1 89  ? -1.789  -4.235  -4.595  1.00 19.90 ? 205 LEU A CD2 1 
ATOM   454  N N   . ALA A 1 90  ? -1.752  0.561   -3.451  1.00 18.22 ? 206 ALA A N   1 
ATOM   455  C CA  . ALA A 1 90  ? -2.902  1.410   -3.275  1.00 14.06 ? 206 ALA A CA  1 
ATOM   456  C C   . ALA A 1 90  ? -2.684  2.697   -4.097  1.00 15.53 ? 206 ALA A C   1 
ATOM   457  O O   . ALA A 1 90  ? -3.640  3.357   -4.468  1.00 18.97 ? 206 ALA A O   1 
ATOM   458  C CB  . ALA A 1 90  ? -3.109  1.703   -1.782  1.00 10.89 ? 206 ALA A CB  1 
ATOM   459  N N   . ARG A 1 91  ? -1.432  3.024   -4.418  1.00 15.21 ? 207 ARG A N   1 
ATOM   460  C CA  . ARG A 1 91  ? -1.111  4.208   -5.213  1.00 17.98 ? 207 ARG A CA  1 
ATOM   461  C C   . ARG A 1 91  ? -1.405  3.910   -6.683  1.00 18.34 ? 207 ARG A C   1 
ATOM   462  O O   . ARG A 1 91  ? -1.938  4.738   -7.415  1.00 18.36 ? 207 ARG A O   1 
ATOM   463  C CB  . ARG A 1 91  ? 0.368   4.532   -5.067  1.00 17.42 ? 207 ARG A CB  1 
ATOM   464  C CG  . ARG A 1 91  ? 0.753   5.817   -5.781  1.00 22.26 ? 207 ARG A CG  1 
ATOM   465  C CD  . ARG A 1 91  ? 1.597   6.697   -4.870  1.00 22.26 ? 207 ARG A CD  1 
ATOM   466  N NE  . ARG A 1 91  ? 1.490   8.103   -5.244  1.00 22.26 ? 207 ARG A NE  1 
ATOM   467  C CZ  . ARG A 1 91  ? 2.534   8.901   -5.335  1.00 22.26 ? 207 ARG A CZ  1 
ATOM   468  N NH1 . ARG A 1 91  ? 2.334   10.185  -5.652  1.00 22.26 ? 207 ARG A NH1 1 
ATOM   469  N NH2 . ARG A 1 91  ? 3.735   8.394   -5.173  1.00 22.26 ? 207 ARG A NH2 1 
ATOM   470  N N   . ALA A 1 92  ? -1.030  2.717   -7.121  1.00 16.66 ? 208 ALA A N   1 
ATOM   471  C CA  . ALA A 1 92  ? -1.268  2.335   -8.503  1.00 12.16 ? 208 ALA A CA  1 
ATOM   472  C C   . ALA A 1 92  ? -2.766  2.285   -8.769  1.00 8.97  ? 208 ALA A C   1 
ATOM   473  O O   . ALA A 1 92  ? -3.208  2.395   -9.910  1.00 8.32  ? 208 ALA A O   1 
ATOM   474  C CB  . ALA A 1 92  ? -0.636  1.000   -8.783  1.00 11.07 ? 208 ALA A CB  1 
ATOM   475  N N   . VAL A 1 93  ? -3.545  2.137   -7.705  1.00 7.16  ? 209 VAL A N   1 
ATOM   476  C CA  . VAL A 1 93  ? -4.997  2.087   -7.823  1.00 5.68  ? 209 VAL A CA  1 
ATOM   477  C C   . VAL A 1 93  ? -5.534  3.476   -8.152  1.00 5.83  ? 209 VAL A C   1 
ATOM   478  O O   . VAL A 1 93  ? -6.353  3.647   -9.060  1.00 3.26  ? 209 VAL A O   1 
ATOM   479  C CB  . VAL A 1 93  ? -5.641  1.613   -6.512  1.00 3.26  ? 209 VAL A CB  1 
ATOM   480  C CG1 . VAL A 1 93  ? -7.146  1.527   -6.674  1.00 3.26  ? 209 VAL A CG1 1 
ATOM   481  C CG2 . VAL A 1 93  ? -5.059  0.273   -6.110  1.00 3.26  ? 209 VAL A CG2 1 
ATOM   482  N N   . ALA A 1 94  ? -5.068  4.470   -7.402  1.00 3.74  ? 210 ALA A N   1 
ATOM   483  C CA  . ALA A 1 94  ? -5.493  5.847   -7.617  1.00 3.26  ? 210 ALA A CA  1 
ATOM   484  C C   . ALA A 1 94  ? -5.103  6.309   -9.017  1.00 3.41  ? 210 ALA A C   1 
ATOM   485  O O   . ALA A 1 94  ? -5.853  7.030   -9.675  1.00 4.93  ? 210 ALA A O   1 
ATOM   486  C CB  . ALA A 1 94  ? -4.864  6.762   -6.575  1.00 3.26  ? 210 ALA A CB  1 
ATOM   487  N N   . GLY A 1 95  ? -3.924  5.886   -9.463  1.00 3.26  ? 211 GLY A N   1 
ATOM   488  C CA  . GLY A 1 95  ? -3.453  6.262   -10.782 1.00 3.37  ? 211 GLY A CA  1 
ATOM   489  C C   . GLY A 1 95  ? -4.185  5.502   -11.868 1.00 6.03  ? 211 GLY A C   1 
ATOM   490  O O   . GLY A 1 95  ? -4.480  6.046   -12.932 1.00 6.17  ? 211 GLY A O   1 
ATOM   491  N N   . GLU A 1 96  ? -4.478  4.236   -11.592 1.00 6.24  ? 212 GLU A N   1 
ATOM   492  C CA  . GLU A 1 96  ? -5.180  3.381   -12.538 1.00 7.08  ? 212 GLU A CA  1 
ATOM   493  C C   . GLU A 1 96  ? -6.544  3.980   -12.865 1.00 6.79  ? 212 GLU A C   1 
ATOM   494  O O   . GLU A 1 96  ? -7.081  3.768   -13.950 1.00 9.25  ? 212 GLU A O   1 
ATOM   495  C CB  . GLU A 1 96  ? -5.366  1.984   -11.939 1.00 11.43 ? 212 GLU A CB  1 
ATOM   496  C CG  . GLU A 1 96  ? -5.870  0.939   -12.918 1.00 11.03 ? 212 GLU A CG  1 
ATOM   497  C CD  . GLU A 1 96  ? -4.854  0.620   -13.996 1.00 14.66 ? 212 GLU A CD  1 
ATOM   498  O OE1 . GLU A 1 96  ? -3.710  0.258   -13.644 1.00 14.08 ? 212 GLU A OE1 1 
ATOM   499  O OE2 . GLU A 1 96  ? -5.197  0.732   -15.193 1.00 15.05 ? 212 GLU A OE2 1 
ATOM   500  N N   . ALA A 1 97  ? -7.100  4.732   -11.922 1.00 5.08  ? 213 ALA A N   1 
ATOM   501  C CA  . ALA A 1 97  ? -8.406  5.340   -12.122 1.00 3.26  ? 213 ALA A CA  1 
ATOM   502  C C   . ALA A 1 97  ? -8.311  6.831   -12.427 1.00 6.06  ? 213 ALA A C   1 
ATOM   503  O O   . ALA A 1 97  ? -9.331  7.514   -12.541 1.00 8.82  ? 213 ALA A O   1 
ATOM   504  C CB  . ALA A 1 97  ? -9.278  5.110   -10.894 1.00 3.26  ? 213 ALA A CB  1 
ATOM   505  N N   . ARG A 1 98  ? -7.085  7.328   -12.571 1.00 7.68  ? 214 ARG A N   1 
ATOM   506  C CA  . ARG A 1 98  ? -6.850  8.742   -12.850 1.00 9.15  ? 214 ARG A CA  1 
ATOM   507  C C   . ARG A 1 98  ? -7.583  9.578   -11.806 1.00 11.92 ? 214 ARG A C   1 
ATOM   508  O O   . ARG A 1 98  ? -8.203  10.593  -12.125 1.00 15.18 ? 214 ARG A O   1 
ATOM   509  C CB  . ARG A 1 98  ? -7.343  9.097   -14.254 1.00 4.28  ? 214 ARG A CB  1 
ATOM   510  N N   . VAL A 1 99  ? -7.505  9.136   -10.554 1.00 8.47  ? 215 VAL A N   1 
ATOM   511  C CA  . VAL A 1 99  ? -8.166  9.822   -9.451  1.00 8.05  ? 215 VAL A CA  1 
ATOM   512  C C   . VAL A 1 99  ? -7.129  10.266  -8.410  1.00 5.72  ? 215 VAL A C   1 
ATOM   513  O O   . VAL A 1 99  ? -6.032  9.713   -8.342  1.00 7.81  ? 215 VAL A O   1 
ATOM   514  C CB  . VAL A 1 99  ? -9.208  8.880   -8.779  1.00 9.90  ? 215 VAL A CB  1 
ATOM   515  C CG1 . VAL A 1 99  ? -8.553  8.069   -7.666  1.00 12.11 ? 215 VAL A CG1 1 
ATOM   516  C CG2 . VAL A 1 99  ? -10.383 9.680   -8.262  1.00 10.83 ? 215 VAL A CG2 1 
ATOM   517  N N   . PRO A 1 100 ? -7.462  11.284  -7.598  1.00 6.02  ? 216 PRO A N   1 
ATOM   518  C CA  . PRO A 1 100 ? -6.550  11.788  -6.564  1.00 6.90  ? 216 PRO A CA  1 
ATOM   519  C C   . PRO A 1 100 ? -6.203  10.731  -5.518  1.00 7.08  ? 216 PRO A C   1 
ATOM   520  O O   . PRO A 1 100 ? -6.972  9.797   -5.293  1.00 7.22  ? 216 PRO A O   1 
ATOM   521  C CB  . PRO A 1 100 ? -7.326  12.953  -5.957  1.00 7.89  ? 216 PRO A CB  1 
ATOM   522  C CG  . PRO A 1 100 ? -8.094  13.475  -7.117  1.00 7.35  ? 216 PRO A CG  1 
ATOM   523  C CD  . PRO A 1 100 ? -8.602  12.203  -7.769  1.00 6.83  ? 216 PRO A CD  1 
ATOM   524  N N   . PHE A 1 101 ? -5.050  10.891  -4.877  1.00 11.61 ? 217 PHE A N   1 
ATOM   525  C CA  . PHE A 1 101 ? -4.599  9.949   -3.857  1.00 11.87 ? 217 PHE A CA  1 
ATOM   526  C C   . PHE A 1 101 ? -4.148  10.677  -2.594  1.00 11.55 ? 217 PHE A C   1 
ATOM   527  O O   . PHE A 1 101 ? -2.966  10.983  -2.435  1.00 13.43 ? 217 PHE A O   1 
ATOM   528  C CB  . PHE A 1 101 ? -3.443  9.107   -4.400  1.00 7.88  ? 217 PHE A CB  1 
ATOM   529  C CG  . PHE A 1 101 ? -3.011  7.999   -3.481  1.00 7.33  ? 217 PHE A CG  1 
ATOM   530  C CD1 . PHE A 1 101 ? -3.862  6.935   -3.204  1.00 10.71 ? 217 PHE A CD1 1 
ATOM   531  C CD2 . PHE A 1 101 ? -1.747  8.013   -2.899  1.00 3.74  ? 217 PHE A CD2 1 
ATOM   532  C CE1 . PHE A 1 101 ? -3.462  5.900   -2.361  1.00 9.85  ? 217 PHE A CE1 1 
ATOM   533  C CE2 . PHE A 1 101 ? -1.338  6.983   -2.054  1.00 3.26  ? 217 PHE A CE2 1 
ATOM   534  C CZ  . PHE A 1 101 ? -2.197  5.924   -1.786  1.00 6.07  ? 217 PHE A CZ  1 
ATOM   535  N N   . ILE A 1 102 ? -5.092  10.951  -1.700  1.00 11.20 ? 218 ILE A N   1 
ATOM   536  C CA  . ILE A 1 102 ? -4.781  11.641  -0.453  1.00 11.13 ? 218 ILE A CA  1 
ATOM   537  C C   . ILE A 1 102 ? -4.247  10.647  0.573   1.00 10.67 ? 218 ILE A C   1 
ATOM   538  O O   . ILE A 1 102 ? -4.857  9.608   0.818   1.00 12.48 ? 218 ILE A O   1 
ATOM   539  C CB  . ILE A 1 102 ? -6.033  12.323  0.137   1.00 11.07 ? 218 ILE A CB  1 
ATOM   540  C CG1 . ILE A 1 102 ? -6.684  13.221  -0.916  1.00 10.46 ? 218 ILE A CG1 1 
ATOM   541  C CG2 . ILE A 1 102 ? -5.652  13.150  1.354   1.00 15.99 ? 218 ILE A CG2 1 
ATOM   542  C CD1 . ILE A 1 102 ? -7.980  13.852  -0.456  1.00 6.35  ? 218 ILE A CD1 1 
ATOM   543  N N   . THR A 1 103 ? -3.105  10.966  1.171   1.00 9.49  ? 219 THR A N   1 
ATOM   544  C CA  . THR A 1 103 ? -2.510  10.092  2.174   1.00 9.42  ? 219 THR A CA  1 
ATOM   545  C C   . THR A 1 103 ? -2.595  10.751  3.545   1.00 9.70  ? 219 THR A C   1 
ATOM   546  O O   . THR A 1 103 ? -2.785  11.960  3.651   1.00 10.26 ? 219 THR A O   1 
ATOM   547  C CB  . THR A 1 103 ? -1.026  9.800   1.862   1.00 7.84  ? 219 THR A CB  1 
ATOM   548  O OG1 . THR A 1 103 ? -0.268  11.013  1.950   1.00 6.68  ? 219 THR A OG1 1 
ATOM   549  C CG2 . THR A 1 103 ? -0.880  9.220   0.466   1.00 5.03  ? 219 THR A CG2 1 
ATOM   550  N N   . ALA A 1 104 ? -2.462  9.951   4.593   1.00 7.31  ? 220 ALA A N   1 
ATOM   551  C CA  . ALA A 1 104 ? -2.506  10.461  5.954   1.00 5.05  ? 220 ALA A CA  1 
ATOM   552  C C   . ALA A 1 104 ? -1.847  9.415   6.830   1.00 7.15  ? 220 ALA A C   1 
ATOM   553  O O   . ALA A 1 104 ? -1.709  8.260   6.426   1.00 3.88  ? 220 ALA A O   1 
ATOM   554  C CB  . ALA A 1 104 ? -3.947  10.693  6.393   1.00 3.26  ? 220 ALA A CB  1 
ATOM   555  N N   . SER A 1 105 ? -1.427  9.816   8.021   1.00 11.61 ? 221 SER A N   1 
ATOM   556  C CA  . SER A 1 105 ? -0.776  8.878   8.919   1.00 13.21 ? 221 SER A CA  1 
ATOM   557  C C   . SER A 1 105 ? -1.563  8.723   10.210  1.00 10.40 ? 221 SER A C   1 
ATOM   558  O O   . SER A 1 105 ? -1.647  9.653   11.012  1.00 7.09  ? 221 SER A O   1 
ATOM   559  C CB  . SER A 1 105 ? 0.651   9.344   9.226   1.00 16.21 ? 221 SER A CB  1 
ATOM   560  O OG  . SER A 1 105 ? 1.388   8.322   9.879   1.00 24.46 ? 221 SER A OG  1 
ATOM   561  N N   . GLY A 1 106 ? -2.146  7.544   10.400  1.00 12.82 ? 222 GLY A N   1 
ATOM   562  C CA  . GLY A 1 106 ? -2.908  7.287   11.606  1.00 16.08 ? 222 GLY A CA  1 
ATOM   563  C C   . GLY A 1 106 ? -2.020  7.503   12.811  1.00 19.57 ? 222 GLY A C   1 
ATOM   564  O O   . GLY A 1 106 ? -2.490  7.571   13.946  1.00 18.94 ? 222 GLY A O   1 
ATOM   565  N N   . SER A 1 107 ? -0.722  7.609   12.550  1.00 21.52 ? 223 SER A N   1 
ATOM   566  C CA  . SER A 1 107 ? 0.269   7.835   13.590  1.00 22.23 ? 223 SER A CA  1 
ATOM   567  C C   . SER A 1 107 ? 0.222   9.305   13.987  1.00 21.00 ? 223 SER A C   1 
ATOM   568  O O   . SER A 1 107 ? 0.367   9.647   15.158  1.00 16.36 ? 223 SER A O   1 
ATOM   569  C CB  . SER A 1 107 ? 1.666   7.477   13.071  1.00 25.57 ? 223 SER A CB  1 
ATOM   570  O OG  . SER A 1 107 ? 2.642   7.605   14.089  1.00 30.94 ? 223 SER A OG  1 
ATOM   571  N N   . ASP A 1 108 ? 0.012   10.170  12.999  1.00 26.87 ? 224 ASP A N   1 
ATOM   572  C CA  . ASP A 1 108 ? -0.065  11.610  13.233  1.00 32.07 ? 224 ASP A CA  1 
ATOM   573  C C   . ASP A 1 108 ? -1.331  11.978  13.991  1.00 33.57 ? 224 ASP A C   1 
ATOM   574  O O   . ASP A 1 108 ? -1.378  12.996  14.682  1.00 33.19 ? 224 ASP A O   1 
ATOM   575  C CB  . ASP A 1 108 ? -0.037  12.360  11.902  1.00 38.42 ? 224 ASP A CB  1 
ATOM   576  C CG  . ASP A 1 108 ? 1.361   12.473  11.329  1.00 44.93 ? 224 ASP A CG  1 
ATOM   577  O OD1 . ASP A 1 108 ? 2.046   11.433  11.230  1.00 47.77 ? 224 ASP A OD1 1 
ATOM   578  O OD2 . ASP A 1 108 ? 1.767   13.599  10.979  1.00 48.61 ? 224 ASP A OD2 1 
ATOM   579  N N   . PHE A 1 109 ? -2.355  11.144  13.850  1.00 35.71 ? 225 PHE A N   1 
ATOM   580  C CA  . PHE A 1 109 ? -3.633  11.373  14.512  1.00 38.40 ? 225 PHE A CA  1 
ATOM   581  C C   . PHE A 1 109 ? -3.566  11.181  16.025  1.00 42.22 ? 225 PHE A C   1 
ATOM   582  O O   . PHE A 1 109 ? -4.056  12.018  16.784  1.00 43.58 ? 225 PHE A O   1 
ATOM   583  C CB  . PHE A 1 109 ? -4.693  10.439  13.924  1.00 35.77 ? 225 PHE A CB  1 
ATOM   584  C CG  . PHE A 1 109 ? -5.086  10.779  12.514  1.00 32.66 ? 225 PHE A CG  1 
ATOM   585  C CD1 . PHE A 1 109 ? -5.620  9.805   11.678  1.00 29.90 ? 225 PHE A CD1 1 
ATOM   586  C CD2 . PHE A 1 109 ? -4.957  12.080  12.029  1.00 31.97 ? 225 PHE A CD2 1 
ATOM   587  C CE1 . PHE A 1 109 ? -6.011  10.115  10.377  1.00 29.68 ? 225 PHE A CE1 1 
ATOM   588  C CE2 . PHE A 1 109 ? -5.347  12.399  10.730  1.00 29.26 ? 225 PHE A CE2 1 
ATOM   589  C CZ  . PHE A 1 109 ? -5.879  11.415  9.905   1.00 27.55 ? 225 PHE A CZ  1 
ATOM   590  N N   . VAL A 1 110 ? -2.961  10.080  16.461  1.00 44.45 ? 226 VAL A N   1 
ATOM   591  C CA  . VAL A 1 110 ? -2.853  9.785   17.886  1.00 47.49 ? 226 VAL A CA  1 
ATOM   592  C C   . VAL A 1 110 ? -1.601  10.398  18.506  1.00 50.50 ? 226 VAL A C   1 
ATOM   593  O O   . VAL A 1 110 ? -1.533  10.599  19.722  1.00 51.48 ? 226 VAL A O   1 
ATOM   594  C CB  . VAL A 1 110 ? -2.833  8.263   18.138  1.00 46.94 ? 226 VAL A CB  1 
ATOM   595  C CG1 . VAL A 1 110 ? -2.968  7.981   19.630  1.00 47.47 ? 226 VAL A CG1 1 
ATOM   596  C CG2 . VAL A 1 110 ? -3.960  7.591   17.367  1.00 44.47 ? 226 VAL A CG2 1 
ATOM   597  N N   . GLU A 1 111 ? -0.611  10.683  17.666  1.00 54.95 ? 227 GLU A N   1 
ATOM   598  C CA  . GLU A 1 111 ? 0.640   11.279  18.124  1.00 58.53 ? 227 GLU A CA  1 
ATOM   599  C C   . GLU A 1 111 ? 0.355   12.544  18.927  1.00 61.55 ? 227 GLU A C   1 
ATOM   600  O O   . GLU A 1 111 ? 0.803   12.680  20.065  1.00 62.76 ? 227 GLU A O   1 
ATOM   601  C CB  . GLU A 1 111 ? 1.530   11.603  16.930  1.00 58.13 ? 227 GLU A CB  1 
ATOM   602  N N   . MET A 1 112 ? -0.391  13.468  18.328  1.00 62.97 ? 228 MET A N   1 
ATOM   603  C CA  . MET A 1 112 ? -0.745  14.717  18.994  1.00 64.47 ? 228 MET A CA  1 
ATOM   604  C C   . MET A 1 112 ? -1.974  14.498  19.872  1.00 65.66 ? 228 MET A C   1 
ATOM   605  O O   . MET A 1 112 ? -3.038  14.122  19.378  1.00 66.47 ? 228 MET A O   1 
ATOM   606  C CB  . MET A 1 112 ? -1.022  15.802  17.962  1.00 63.46 ? 228 MET A CB  1 
ATOM   607  N N   . PHE A 1 113 ? -1.823  14.736  21.172  1.00 64.94 ? 229 PHE A N   1 
ATOM   608  C CA  . PHE A 1 113 ? -2.915  14.551  22.126  1.00 63.99 ? 229 PHE A CA  1 
ATOM   609  C C   . PHE A 1 113 ? -4.055  15.547  21.930  1.00 62.60 ? 229 PHE A C   1 
ATOM   610  O O   . PHE A 1 113 ? -4.299  16.019  20.820  1.00 63.23 ? 229 PHE A O   1 
ATOM   611  C CB  . PHE A 1 113 ? -2.379  14.650  23.549  1.00 63.95 ? 229 PHE A CB  1 
ATOM   612  N N   . VAL A 1 114 ? -4.753  15.854  23.020  1.00 60.29 ? 230 VAL A N   1 
ATOM   613  C CA  . VAL A 1 114 ? -5.868  16.792  22.977  1.00 57.57 ? 230 VAL A CA  1 
ATOM   614  C C   . VAL A 1 114 ? -6.975  16.263  22.072  1.00 55.25 ? 230 VAL A C   1 
ATOM   615  O O   . VAL A 1 114 ? -6.833  15.209  21.452  1.00 56.76 ? 230 VAL A O   1 
ATOM   616  C CB  . VAL A 1 114 ? -5.385  18.147  22.476  1.00 56.76 ? 230 VAL A CB  1 
ATOM   617  N N   . GLY A 1 115 ? -8.079  17.001  22.000  1.00 50.58 ? 231 GLY A N   1 
ATOM   618  C CA  . GLY A 1 115 ? -9.188  16.588  21.162  1.00 47.52 ? 231 GLY A CA  1 
ATOM   619  C C   . GLY A 1 115 ? -8.836  16.683  19.690  1.00 46.47 ? 231 GLY A C   1 
ATOM   620  O O   . GLY A 1 115 ? -9.711  16.629  18.824  1.00 45.74 ? 231 GLY A O   1 
ATOM   621  N N   . VAL A 1 116 ? -7.544  16.827  19.412  1.00 45.99 ? 232 VAL A N   1 
ATOM   622  C CA  . VAL A 1 116 ? -7.054  16.939  18.047  1.00 43.51 ? 232 VAL A CA  1 
ATOM   623  C C   . VAL A 1 116 ? -7.303  15.659  17.254  1.00 42.22 ? 232 VAL A C   1 
ATOM   624  O O   . VAL A 1 116 ? -7.910  15.693  16.183  1.00 41.88 ? 232 VAL A O   1 
ATOM   625  C CB  . VAL A 1 116 ? -5.543  17.237  18.028  1.00 43.29 ? 232 VAL A CB  1 
ATOM   626  C CG1 . VAL A 1 116 ? -5.113  17.636  16.631  1.00 44.37 ? 232 VAL A CG1 1 
ATOM   627  C CG2 . VAL A 1 116 ? -5.214  18.341  19.021  1.00 43.03 ? 232 VAL A CG2 1 
ATOM   628  N N   . GLY A 1 117 ? -6.825  14.539  17.792  1.00 41.09 ? 233 GLY A N   1 
ATOM   629  C CA  . GLY A 1 117 ? -6.990  13.249  17.141  1.00 40.45 ? 233 GLY A CA  1 
ATOM   630  C C   . GLY A 1 117 ? -8.179  13.137  16.205  1.00 38.96 ? 233 GLY A C   1 
ATOM   631  O O   . GLY A 1 117 ? -8.022  12.790  15.034  1.00 37.91 ? 233 GLY A O   1 
ATOM   632  N N   . ALA A 1 118 ? -9.370  13.429  16.719  1.00 36.72 ? 234 ALA A N   1 
ATOM   633  C CA  . ALA A 1 118 ? -10.584 13.354  15.916  1.00 34.71 ? 234 ALA A CA  1 
ATOM   634  C C   . ALA A 1 118 ? -10.689 14.540  14.965  1.00 34.83 ? 234 ALA A C   1 
ATOM   635  O O   . ALA A 1 118 ? -10.889 14.366  13.763  1.00 36.24 ? 234 ALA A O   1 
ATOM   636  C CB  . ALA A 1 118 ? -11.807 13.305  16.826  1.00 34.56 ? 234 ALA A CB  1 
ATOM   637  N N   . ALA A 1 119 ? -10.559 15.744  15.515  1.00 33.69 ? 235 ALA A N   1 
ATOM   638  C CA  . ALA A 1 119 ? -10.641 16.968  14.723  1.00 32.49 ? 235 ALA A CA  1 
ATOM   639  C C   . ALA A 1 119 ? -9.858  16.837  13.419  1.00 30.87 ? 235 ALA A C   1 
ATOM   640  O O   . ALA A 1 119 ? -10.244 17.403  12.397  1.00 28.40 ? 235 ALA A O   1 
ATOM   641  C CB  . ALA A 1 119 ? -10.112 18.147  15.534  1.00 34.40 ? 235 ALA A CB  1 
ATOM   642  N N   . ARG A 1 120 ? -8.758  16.091  13.464  1.00 29.59 ? 236 ARG A N   1 
ATOM   643  C CA  . ARG A 1 120 ? -7.930  15.884  12.280  1.00 29.22 ? 236 ARG A CA  1 
ATOM   644  C C   . ARG A 1 120 ? -8.586  14.885  11.336  1.00 29.23 ? 236 ARG A C   1 
ATOM   645  O O   . ARG A 1 120 ? -8.734  15.150  10.144  1.00 31.03 ? 236 ARG A O   1 
ATOM   646  C CB  . ARG A 1 120 ? -6.539  15.395  12.690  1.00 30.32 ? 236 ARG A CB  1 
ATOM   647  C CG  . ARG A 1 120 ? -5.695  16.471  13.356  1.00 30.78 ? 236 ARG A CG  1 
ATOM   648  C CD  . ARG A 1 120 ? -4.348  15.938  13.816  1.00 33.42 ? 236 ARG A CD  1 
ATOM   649  N NE  . ARG A 1 120 ? -3.514  16.996  14.385  1.00 37.66 ? 236 ARG A NE  1 
ATOM   650  C CZ  . ARG A 1 120 ? -2.342  16.787  14.976  1.00 39.04 ? 236 ARG A CZ  1 
ATOM   651  N NH1 . ARG A 1 120 ? -1.857  15.557  15.080  1.00 40.11 ? 236 ARG A NH1 1 
ATOM   652  N NH2 . ARG A 1 120 ? -1.652  17.809  15.466  1.00 38.47 ? 236 ARG A NH2 1 
ATOM   653  N N   . VAL A 1 121 ? -8.975  13.734  11.875  1.00 27.34 ? 237 VAL A N   1 
ATOM   654  C CA  . VAL A 1 121 ? -9.641  12.711  11.083  1.00 26.37 ? 237 VAL A CA  1 
ATOM   655  C C   . VAL A 1 121 ? -10.842 13.357  10.407  1.00 27.09 ? 237 VAL A C   1 
ATOM   656  O O   . VAL A 1 121 ? -11.172 13.050  9.264   1.00 28.77 ? 237 VAL A O   1 
ATOM   657  C CB  . VAL A 1 121 ? -10.135 11.552  11.970  1.00 27.55 ? 237 VAL A CB  1 
ATOM   658  C CG1 . VAL A 1 121 ? -11.009 10.608  11.162  1.00 25.15 ? 237 VAL A CG1 1 
ATOM   659  C CG2 . VAL A 1 121 ? -8.948  10.807  12.556  1.00 27.21 ? 237 VAL A CG2 1 
ATOM   660  N N   . ARG A 1 122 ? -11.488 14.260  11.136  1.00 28.52 ? 238 ARG A N   1 
ATOM   661  C CA  . ARG A 1 122 ? -12.650 14.969  10.624  1.00 31.23 ? 238 ARG A CA  1 
ATOM   662  C C   . ARG A 1 122 ? -12.217 15.790  9.410   1.00 30.94 ? 238 ARG A C   1 
ATOM   663  O O   . ARG A 1 122 ? -12.913 15.827  8.396   1.00 30.43 ? 238 ARG A O   1 
ATOM   664  C CB  . ARG A 1 122 ? -13.219 15.877  11.717  1.00 33.43 ? 238 ARG A CB  1 
ATOM   665  C CG  . ARG A 1 122 ? -14.664 16.302  11.518  1.00 38.70 ? 238 ARG A CG  1 
ATOM   666  C CD  . ARG A 1 122 ? -15.115 17.189  12.669  1.00 44.31 ? 238 ARG A CD  1 
ATOM   667  N NE  . ARG A 1 122 ? -14.965 16.525  13.964  1.00 45.04 ? 238 ARG A NE  1 
ATOM   668  C CZ  . ARG A 1 122 ? -14.296 17.037  14.992  1.00 44.87 ? 238 ARG A CZ  1 
ATOM   669  N NH1 . ARG A 1 122 ? -13.709 18.223  14.881  1.00 45.96 ? 238 ARG A NH1 1 
ATOM   670  N NH2 . ARG A 1 122 ? -14.215 16.368  16.134  1.00 44.51 ? 238 ARG A NH2 1 
ATOM   671  N N   . ASP A 1 123 ? -11.059 16.437  9.512   1.00 30.49 ? 239 ASP A N   1 
ATOM   672  C CA  . ASP A 1 123 ? -10.535 17.242  8.410   1.00 30.68 ? 239 ASP A CA  1 
ATOM   673  C C   . ASP A 1 123 ? -10.177 16.377  7.211   1.00 26.91 ? 239 ASP A C   1 
ATOM   674  O O   . ASP A 1 123 ? -10.601 16.646  6.089   1.00 25.59 ? 239 ASP A O   1 
ATOM   675  C CB  . ASP A 1 123 ? -9.287  18.014  8.847   1.00 38.49 ? 239 ASP A CB  1 
ATOM   676  C CG  . ASP A 1 123 ? -9.619  19.275  9.612   1.00 47.15 ? 239 ASP A CG  1 
ATOM   677  O OD1 . ASP A 1 123 ? -8.677  19.968  10.055  1.00 52.49 ? 239 ASP A OD1 1 
ATOM   678  O OD2 . ASP A 1 123 ? -10.821 19.578  9.766   1.00 55.37 ? 239 ASP A OD2 1 
ATOM   679  N N   . LEU A 1 124 ? -9.385  15.339  7.462   1.00 22.39 ? 240 LEU A N   1 
ATOM   680  C CA  . LEU A 1 124 ? -8.941  14.424  6.421   1.00 16.01 ? 240 LEU A CA  1 
ATOM   681  C C   . LEU A 1 124 ? -10.022 14.084  5.402   1.00 13.89 ? 240 LEU A C   1 
ATOM   682  O O   . LEU A 1 124 ? -9.743  13.972  4.210   1.00 12.49 ? 240 LEU A O   1 
ATOM   683  C CB  . LEU A 1 124 ? -8.417  13.136  7.053   1.00 12.19 ? 240 LEU A CB  1 
ATOM   684  C CG  . LEU A 1 124 ? -7.993  12.021  6.096   1.00 9.95  ? 240 LEU A CG  1 
ATOM   685  C CD1 . LEU A 1 124 ? -6.914  12.507  5.138   1.00 5.49  ? 240 LEU A CD1 1 
ATOM   686  C CD2 . LEU A 1 124 ? -7.495  10.857  6.917   1.00 11.30 ? 240 LEU A CD2 1 
ATOM   687  N N   . PHE A 1 125 ? -11.254 13.916  5.870   1.00 11.82 ? 241 PHE A N   1 
ATOM   688  C CA  . PHE A 1 125 ? -12.346 13.582  4.966   1.00 9.87  ? 241 PHE A CA  1 
ATOM   689  C C   . PHE A 1 125 ? -13.074 14.814  4.457   1.00 7.48  ? 241 PHE A C   1 
ATOM   690  O O   . PHE A 1 125 ? -13.887 14.731  3.535   1.00 3.26  ? 241 PHE A O   1 
ATOM   691  C CB  . PHE A 1 125 ? -13.318 12.618  5.644   1.00 10.74 ? 241 PHE A CB  1 
ATOM   692  C CG  . PHE A 1 125 ? -12.709 11.285  5.958   1.00 11.18 ? 241 PHE A CG  1 
ATOM   693  C CD1 . PHE A 1 125 ? -11.847 11.137  7.038   1.00 11.33 ? 241 PHE A CD1 1 
ATOM   694  C CD2 . PHE A 1 125 ? -12.957 10.187  5.143   1.00 11.24 ? 241 PHE A CD2 1 
ATOM   695  C CE1 . PHE A 1 125 ? -11.238 9.912   7.303   1.00 12.35 ? 241 PHE A CE1 1 
ATOM   696  C CE2 . PHE A 1 125 ? -12.353 8.960   5.396   1.00 11.54 ? 241 PHE A CE2 1 
ATOM   697  C CZ  . PHE A 1 125 ? -11.492 8.821   6.478   1.00 11.95 ? 241 PHE A CZ  1 
ATOM   698  N N   . GLU A 1 126 ? -12.781 15.959  5.063   1.00 7.41  ? 242 GLU A N   1 
ATOM   699  C CA  . GLU A 1 126 ? -13.380 17.212  4.630   1.00 8.14  ? 242 GLU A CA  1 
ATOM   700  C C   . GLU A 1 126 ? -12.634 17.566  3.348   1.00 5.78  ? 242 GLU A C   1 
ATOM   701  O O   . GLU A 1 126 ? -13.226 17.991  2.354   1.00 3.26  ? 242 GLU A O   1 
ATOM   702  C CB  . GLU A 1 126 ? -13.171 18.292  5.684   1.00 6.56  ? 242 GLU A CB  1 
ATOM   703  N N   . THR A 1 127 ? -11.320 17.361  3.392   1.00 5.19  ? 243 THR A N   1 
ATOM   704  C CA  . THR A 1 127 ? -10.438 17.615  2.262   1.00 6.79  ? 243 THR A CA  1 
ATOM   705  C C   . THR A 1 127 ? -10.642 16.512  1.225   1.00 6.93  ? 243 THR A C   1 
ATOM   706  O O   . THR A 1 127 ? -10.323 16.677  0.046   1.00 4.54  ? 243 THR A O   1 
ATOM   707  C CB  . THR A 1 127 ? -8.955  17.625  2.716   1.00 8.36  ? 243 THR A CB  1 
ATOM   708  O OG1 . THR A 1 127 ? -8.716  18.774  3.536   1.00 8.48  ? 243 THR A OG1 1 
ATOM   709  C CG2 . THR A 1 127 ? -8.017  17.654  1.517   1.00 7.54  ? 243 THR A CG2 1 
ATOM   710  N N   . ALA A 1 128 ? -11.185 15.388  1.678   1.00 6.58  ? 244 ALA A N   1 
ATOM   711  C CA  . ALA A 1 128 ? -11.442 14.254  0.801   1.00 5.71  ? 244 ALA A CA  1 
ATOM   712  C C   . ALA A 1 128 ? -12.739 14.461  0.028   1.00 3.57  ? 244 ALA A C   1 
ATOM   713  O O   . ALA A 1 128 ? -12.812 14.166  -1.164  1.00 3.26  ? 244 ALA A O   1 
ATOM   714  C CB  . ALA A 1 128 ? -11.516 12.969  1.617   1.00 8.28  ? 244 ALA A CB  1 
ATOM   715  N N   . LYS A 1 129 ? -13.763 14.965  0.709   1.00 3.26  ? 245 LYS A N   1 
ATOM   716  C CA  . LYS A 1 129 ? -15.049 15.210  0.065   1.00 4.73  ? 245 LYS A CA  1 
ATOM   717  C C   . LYS A 1 129 ? -14.891 16.241  -1.050  1.00 4.73  ? 245 LYS A C   1 
ATOM   718  O O   . LYS A 1 129 ? -15.653 16.245  -2.017  1.00 3.85  ? 245 LYS A O   1 
ATOM   719  C CB  . LYS A 1 129 ? -16.065 15.692  1.092   1.00 3.37  ? 245 LYS A CB  1 
ATOM   720  N N   . ARG A 1 130 ? -13.886 17.102  -0.912  1.00 4.71  ? 246 ARG A N   1 
ATOM   721  C CA  . ARG A 1 130 ? -13.610 18.147  -1.891  1.00 3.26  ? 246 ARG A CA  1 
ATOM   722  C C   . ARG A 1 130 ? -12.948 17.587  -3.146  1.00 3.26  ? 246 ARG A C   1 
ATOM   723  O O   . ARG A 1 130 ? -12.999 18.205  -4.210  1.00 3.26  ? 246 ARG A O   1 
ATOM   724  C CB  . ARG A 1 130 ? -12.722 19.220  -1.268  1.00 3.26  ? 246 ARG A CB  1 
ATOM   725  N N   . HIS A 1 131 ? -12.330 16.415  -3.024  1.00 4.17  ? 247 HIS A N   1 
ATOM   726  C CA  . HIS A 1 131 ? -11.657 15.797  -4.161  1.00 3.72  ? 247 HIS A CA  1 
ATOM   727  C C   . HIS A 1 131 ? -12.267 14.465  -4.593  1.00 3.26  ? 247 HIS A C   1 
ATOM   728  O O   . HIS A 1 131 ? -11.669 13.742  -5.387  1.00 3.26  ? 247 HIS A O   1 
ATOM   729  C CB  . HIS A 1 131 ? -10.167 15.600  -3.853  1.00 3.26  ? 247 HIS A CB  1 
ATOM   730  C CG  . HIS A 1 131 ? -9.455  16.866  -3.488  1.00 3.26  ? 247 HIS A CG  1 
ATOM   731  N ND1 . HIS A 1 131 ? -9.536  18.011  -4.248  1.00 4.17  ? 247 HIS A ND1 1 
ATOM   732  C CD2 . HIS A 1 131 ? -8.648  17.165  -2.442  1.00 3.59  ? 247 HIS A CD2 1 
ATOM   733  C CE1 . HIS A 1 131 ? -8.813  18.965  -3.686  1.00 3.26  ? 247 HIS A CE1 1 
ATOM   734  N NE2 . HIS A 1 131 ? -8.264  18.476  -2.589  1.00 3.26  ? 247 HIS A NE2 1 
ATOM   735  N N   . ALA A 1 132 ? -13.451 14.140  -4.081  1.00 3.26  ? 248 ALA A N   1 
ATOM   736  C CA  . ALA A 1 132 ? -14.115 12.888  -4.444  1.00 3.38  ? 248 ALA A CA  1 
ATOM   737  C C   . ALA A 1 132 ? -14.569 12.931  -5.906  1.00 4.57  ? 248 ALA A C   1 
ATOM   738  O O   . ALA A 1 132 ? -15.053 13.961  -6.377  1.00 4.93  ? 248 ALA A O   1 
ATOM   739  C CB  . ALA A 1 132 ? -15.313 12.645  -3.530  1.00 3.26  ? 248 ALA A CB  1 
ATOM   740  N N   . PRO A 1 133 ? -14.421 11.815  -6.638  1.00 3.77  ? 249 PRO A N   1 
ATOM   741  C CA  . PRO A 1 133 ? -13.853 10.539  -6.181  1.00 3.26  ? 249 PRO A CA  1 
ATOM   742  C C   . PRO A 1 133 ? -12.370 10.668  -5.846  1.00 3.26  ? 249 PRO A C   1 
ATOM   743  O O   . PRO A 1 133 ? -11.670 11.499  -6.424  1.00 5.23  ? 249 PRO A O   1 
ATOM   744  C CB  . PRO A 1 133 ? -14.086 9.607   -7.370  1.00 3.26  ? 249 PRO A CB  1 
ATOM   745  C CG  . PRO A 1 133 ? -15.293 10.193  -8.036  1.00 3.26  ? 249 PRO A CG  1 
ATOM   746  C CD  . PRO A 1 133 ? -14.991 11.665  -7.989  1.00 3.26  ? 249 PRO A CD  1 
ATOM   747  N N   . CYS A 1 134 ? -11.895 9.842   -4.918  1.00 3.26  ? 250 CYS A N   1 
ATOM   748  C CA  . CYS A 1 134 ? -10.493 9.877   -4.520  1.00 3.26  ? 250 CYS A CA  1 
ATOM   749  C C   . CYS A 1 134 ? -10.163 8.813   -3.480  1.00 3.26  ? 250 CYS A C   1 
ATOM   750  O O   . CYS A 1 134 ? -10.996 8.470   -2.642  1.00 5.53  ? 250 CYS A O   1 
ATOM   751  C CB  . CYS A 1 134 ? -10.141 11.255  -3.953  1.00 3.26  ? 250 CYS A CB  1 
ATOM   752  S SG  . CYS A 1 134 ? -10.993 11.669  -2.410  1.00 3.26  ? 250 CYS A SG  1 
ATOM   753  N N   . ILE A 1 135 ? -8.941  8.296   -3.536  1.00 3.26  ? 251 ILE A N   1 
ATOM   754  C CA  . ILE A 1 135 ? -8.502  7.284   -2.585  1.00 3.26  ? 251 ILE A CA  1 
ATOM   755  C C   . ILE A 1 135 ? -7.837  7.933   -1.378  1.00 3.26  ? 251 ILE A C   1 
ATOM   756  O O   . ILE A 1 135 ? -6.883  8.699   -1.520  1.00 3.26  ? 251 ILE A O   1 
ATOM   757  C CB  . ILE A 1 135 ? -7.487  6.304   -3.213  1.00 3.26  ? 251 ILE A CB  1 
ATOM   758  C CG1 . ILE A 1 135 ? -8.171  5.449   -4.280  1.00 3.26  ? 251 ILE A CG1 1 
ATOM   759  C CG2 . ILE A 1 135 ? -6.878  5.420   -2.130  1.00 3.69  ? 251 ILE A CG2 1 
ATOM   760  C CD1 . ILE A 1 135 ? -7.253  4.435   -4.924  1.00 5.25  ? 251 ILE A CD1 1 
ATOM   761  N N   . VAL A 1 136 ? -8.351  7.627   -0.192  1.00 3.26  ? 252 VAL A N   1 
ATOM   762  C CA  . VAL A 1 136 ? -7.794  8.156   1.045   1.00 3.26  ? 252 VAL A CA  1 
ATOM   763  C C   . VAL A 1 136 ? -7.018  7.032   1.718   1.00 3.26  ? 252 VAL A C   1 
ATOM   764  O O   . VAL A 1 136 ? -7.596  6.036   2.158   1.00 3.26  ? 252 VAL A O   1 
ATOM   765  C CB  . VAL A 1 136 ? -8.899  8.664   1.995   1.00 3.26  ? 252 VAL A CB  1 
ATOM   766  C CG1 . VAL A 1 136 ? -8.299  9.038   3.345   1.00 3.26  ? 252 VAL A CG1 1 
ATOM   767  C CG2 . VAL A 1 136 ? -9.592  9.867   1.377   1.00 3.64  ? 252 VAL A CG2 1 
ATOM   768  N N   . PHE A 1 137 ? -5.703  7.198   1.790   1.00 4.85  ? 253 PHE A N   1 
ATOM   769  C CA  . PHE A 1 137 ? -4.843  6.184   2.379   1.00 4.96  ? 253 PHE A CA  1 
ATOM   770  C C   . PHE A 1 137 ? -4.366  6.508   3.785   1.00 7.45  ? 253 PHE A C   1 
ATOM   771  O O   . PHE A 1 137 ? -3.544  7.402   3.981   1.00 9.09  ? 253 PHE A O   1 
ATOM   772  C CB  . PHE A 1 137 ? -3.622  5.952   1.492   1.00 3.26  ? 253 PHE A CB  1 
ATOM   773  C CG  . PHE A 1 137 ? -2.796  4.769   1.901   1.00 3.26  ? 253 PHE A CG  1 
ATOM   774  C CD1 . PHE A 1 137 ? -3.283  3.478   1.731   1.00 5.20  ? 253 PHE A CD1 1 
ATOM   775  C CD2 . PHE A 1 137 ? -1.530  4.941   2.451   1.00 3.56  ? 253 PHE A CD2 1 
ATOM   776  C CE1 . PHE A 1 137 ? -2.523  2.373   2.101   1.00 4.13  ? 253 PHE A CE1 1 
ATOM   777  C CE2 . PHE A 1 137 ? -0.761  3.840   2.826   1.00 3.26  ? 253 PHE A CE2 1 
ATOM   778  C CZ  . PHE A 1 137 ? -1.259  2.554   2.649   1.00 3.26  ? 253 PHE A CZ  1 
ATOM   779  N N   . ILE A 1 138 ? -4.883  5.766   4.758   1.00 6.57  ? 254 ILE A N   1 
ATOM   780  C CA  . ILE A 1 138 ? -4.492  5.949   6.150   1.00 4.99  ? 254 ILE A CA  1 
ATOM   781  C C   . ILE A 1 138 ? -3.310  5.032   6.433   1.00 6.40  ? 254 ILE A C   1 
ATOM   782  O O   . ILE A 1 138 ? -3.484  3.821   6.561   1.00 5.67  ? 254 ILE A O   1 
ATOM   783  C CB  . ILE A 1 138 ? -5.627  5.560   7.114   1.00 4.05  ? 254 ILE A CB  1 
ATOM   784  C CG1 . ILE A 1 138 ? -6.873  6.392   6.825   1.00 4.99  ? 254 ILE A CG1 1 
ATOM   785  C CG2 . ILE A 1 138 ? -5.172  5.767   8.551   1.00 4.33  ? 254 ILE A CG2 1 
ATOM   786  C CD1 . ILE A 1 138 ? -6.690  7.856   7.094   1.00 6.67  ? 254 ILE A CD1 1 
ATOM   787  N N   . ASP A 1 139 ? -2.112  5.600   6.522   1.00 7.80  ? 255 ASP A N   1 
ATOM   788  C CA  . ASP A 1 139 ? -0.918  4.806   6.799   1.00 9.49  ? 255 ASP A CA  1 
ATOM   789  C C   . ASP A 1 139 ? -0.874  4.444   8.280   1.00 10.47 ? 255 ASP A C   1 
ATOM   790  O O   . ASP A 1 139 ? -1.417  5.165   9.118   1.00 8.43  ? 255 ASP A O   1 
ATOM   791  C CB  . ASP A 1 139 ? 0.345   5.590   6.417   1.00 10.80 ? 255 ASP A CB  1 
ATOM   792  C CG  . ASP A 1 139 ? 1.617   4.770   6.584   1.00 15.48 ? 255 ASP A CG  1 
ATOM   793  O OD1 . ASP A 1 139 ? 1.745   3.721   5.919   1.00 12.88 ? 255 ASP A OD1 1 
ATOM   794  O OD2 . ASP A 1 139 ? 2.491   5.179   7.380   1.00 16.79 ? 255 ASP A OD2 1 
ATOM   795  N N   . GLU A 1 140 ? -0.231  3.322   8.596   1.00 12.72 ? 256 GLU A N   1 
ATOM   796  C CA  . GLU A 1 140 ? -0.118  2.864   9.977   1.00 16.20 ? 256 GLU A CA  1 
ATOM   797  C C   . GLU A 1 140 ? -1.464  2.908   10.694  1.00 16.49 ? 256 GLU A C   1 
ATOM   798  O O   . GLU A 1 140 ? -1.568  3.433   11.803  1.00 16.31 ? 256 GLU A O   1 
ATOM   799  C CB  . GLU A 1 140 ? 0.889   3.731   10.736  1.00 18.37 ? 256 GLU A CB  1 
ATOM   800  C CG  . GLU A 1 140 ? 2.348   3.391   10.476  1.00 24.37 ? 256 GLU A CG  1 
ATOM   801  C CD  . GLU A 1 140 ? 3.290   4.478   10.964  1.00 28.16 ? 256 GLU A CD  1 
ATOM   802  O OE1 . GLU A 1 140 ? 3.477   5.474   10.229  1.00 33.43 ? 256 GLU A OE1 1 
ATOM   803  O OE2 . GLU A 1 140 ? 3.831   4.345   12.085  1.00 28.47 ? 256 GLU A OE2 1 
ATOM   804  N N   . ILE A 1 141 ? -2.494  2.354   10.062  1.00 16.28 ? 257 ILE A N   1 
ATOM   805  C CA  . ILE A 1 141 ? -3.819  2.351   10.667  1.00 16.30 ? 257 ILE A CA  1 
ATOM   806  C C   . ILE A 1 141 ? -3.803  1.534   11.955  1.00 18.96 ? 257 ILE A C   1 
ATOM   807  O O   . ILE A 1 141 ? -4.727  1.613   12.765  1.00 20.16 ? 257 ILE A O   1 
ATOM   808  C CB  . ILE A 1 141 ? -4.883  1.774   9.702   1.00 12.07 ? 257 ILE A CB  1 
ATOM   809  C CG1 . ILE A 1 141 ? -6.282  2.013   10.280  1.00 6.72  ? 257 ILE A CG1 1 
ATOM   810  C CG2 . ILE A 1 141 ? -4.630  0.290   9.468   1.00 8.74  ? 257 ILE A CG2 1 
ATOM   811  C CD1 . ILE A 1 141 ? -7.414  1.636   9.347   1.00 3.26  ? 257 ILE A CD1 1 
ATOM   812  N N   . ASP A 1 142 ? -2.743  0.751   12.138  1.00 21.05 ? 258 ASP A N   1 
ATOM   813  C CA  . ASP A 1 142 ? -2.596  -0.061  13.338  1.00 20.83 ? 258 ASP A CA  1 
ATOM   814  C C   . ASP A 1 142 ? -2.577  0.849   14.555  1.00 20.65 ? 258 ASP A C   1 
ATOM   815  O O   . ASP A 1 142 ? -3.085  0.499   15.616  1.00 19.58 ? 258 ASP A O   1 
ATOM   816  C CB  . ASP A 1 142 ? -1.301  -0.873  13.278  1.00 20.78 ? 258 ASP A CB  1 
ATOM   817  C CG  . ASP A 1 142 ? -1.451  -2.143  12.470  1.00 21.19 ? 258 ASP A CG  1 
ATOM   818  O OD1 . ASP A 1 142 ? -0.426  -2.804  12.201  1.00 22.04 ? 258 ASP A OD1 1 
ATOM   819  O OD2 . ASP A 1 142 ? -2.596  -2.487  12.113  1.00 26.16 ? 258 ASP A OD2 1 
ATOM   820  N N   . ALA A 1 143 ? -1.988  2.028   14.390  1.00 23.58 ? 259 ALA A N   1 
ATOM   821  C CA  . ALA A 1 143 ? -1.910  2.995   15.472  1.00 23.25 ? 259 ALA A CA  1 
ATOM   822  C C   . ALA A 1 143 ? -3.309  3.472   15.840  1.00 20.61 ? 259 ALA A C   1 
ATOM   823  O O   . ALA A 1 143 ? -3.582  3.797   16.995  1.00 20.93 ? 259 ALA A O   1 
ATOM   824  C CB  . ALA A 1 143 ? -1.047  4.178   15.049  1.00 21.56 ? 259 ALA A CB  1 
ATOM   825  N N   . VAL A 1 144 ? -4.197  3.498   14.850  1.00 20.03 ? 260 VAL A N   1 
ATOM   826  C CA  . VAL A 1 144 ? -5.568  3.950   15.057  1.00 21.15 ? 260 VAL A CA  1 
ATOM   827  C C   . VAL A 1 144 ? -6.494  2.855   15.580  1.00 24.21 ? 260 VAL A C   1 
ATOM   828  O O   . VAL A 1 144 ? -7.189  3.048   16.577  1.00 24.28 ? 260 VAL A O   1 
ATOM   829  C CB  . VAL A 1 144 ? -6.174  4.496   13.746  1.00 20.02 ? 260 VAL A CB  1 
ATOM   830  C CG1 . VAL A 1 144 ? -7.488  5.204   14.034  1.00 18.55 ? 260 VAL A CG1 1 
ATOM   831  C CG2 . VAL A 1 144 ? -5.191  5.429   13.069  1.00 19.41 ? 260 VAL A CG2 1 
ATOM   832  N N   . GLY A 1 145 ? -6.496  1.706   14.908  1.00 24.94 ? 261 GLY A N   1 
ATOM   833  C CA  . GLY A 1 145 ? -7.370  0.620   15.314  1.00 27.07 ? 261 GLY A CA  1 
ATOM   834  C C   . GLY A 1 145 ? -6.744  -0.611  15.945  1.00 30.86 ? 261 GLY A C   1 
ATOM   835  O O   . GLY A 1 145 ? -7.227  -1.723  15.729  1.00 31.71 ? 261 GLY A O   1 
ATOM   836  N N   . ARG A 1 146 ? -5.680  -0.430  16.722  1.00 32.10 ? 262 ARG A N   1 
ATOM   837  C CA  . ARG A 1 146 ? -5.027  -1.557  17.385  1.00 31.91 ? 262 ARG A CA  1 
ATOM   838  C C   . ARG A 1 146 ? -5.835  -1.932  18.625  1.00 35.05 ? 262 ARG A C   1 
ATOM   839  O O   . ARG A 1 146 ? -5.423  -1.648  19.751  1.00 38.36 ? 262 ARG A O   1 
ATOM   840  C CB  . ARG A 1 146 ? -3.601  -1.185  17.780  1.00 27.75 ? 262 ARG A CB  1 
ATOM   841  N N   . LYS A 1 147 ? -6.986  -2.564  18.398  1.00 33.89 ? 263 LYS A N   1 
ATOM   842  C CA  . LYS A 1 147 ? -7.903  -2.994  19.458  1.00 30.77 ? 263 LYS A CA  1 
ATOM   843  C C   . LYS A 1 147 ? -7.406  -2.716  20.873  1.00 31.57 ? 263 LYS A C   1 
ATOM   844  O O   . LYS A 1 147 ? -7.187  -3.638  21.661  1.00 31.52 ? 263 LYS A O   1 
ATOM   845  C CB  . LYS A 1 147 ? -8.216  -4.478  19.303  1.00 26.60 ? 263 LYS A CB  1 
ATOM   846  N N   . ASN A 1 156 ? -5.043  5.619   26.689  1.00 50.35 ? 272 ASN A N   1 
ATOM   847  C CA  . ASN A 1 156 ? -5.453  4.678   25.653  1.00 48.49 ? 272 ASN A CA  1 
ATOM   848  C C   . ASN A 1 156 ? -6.796  5.083   25.054  1.00 48.19 ? 272 ASN A C   1 
ATOM   849  O O   . ASN A 1 156 ? -7.313  4.415   24.155  1.00 47.99 ? 272 ASN A O   1 
ATOM   850  C CB  . ASN A 1 156 ? -5.539  3.271   26.232  1.00 46.87 ? 272 ASN A CB  1 
ATOM   851  N N   . ASP A 1 157 ? -7.356  6.177   25.559  1.00 47.92 ? 273 ASP A N   1 
ATOM   852  C CA  . ASP A 1 157 ? -8.633  6.682   25.069  1.00 47.21 ? 273 ASP A CA  1 
ATOM   853  C C   . ASP A 1 157 ? -8.381  7.584   23.867  1.00 46.75 ? 273 ASP A C   1 
ATOM   854  O O   . ASP A 1 157 ? -9.270  7.802   23.040  1.00 46.76 ? 273 ASP A O   1 
ATOM   855  C CB  . ASP A 1 157 ? -9.348  7.459   26.168  1.00 43.18 ? 273 ASP A CB  1 
ATOM   856  N N   . GLU A 1 158 ? -7.161  8.102   23.775  1.00 46.13 ? 274 GLU A N   1 
ATOM   857  C CA  . GLU A 1 158 ? -6.788  8.973   22.669  1.00 43.49 ? 274 GLU A CA  1 
ATOM   858  C C   . GLU A 1 158 ? -7.086  8.295   21.334  1.00 44.22 ? 274 GLU A C   1 
ATOM   859  O O   . GLU A 1 158 ? -7.530  8.949   20.388  1.00 45.31 ? 274 GLU A O   1 
ATOM   860  C CB  . GLU A 1 158 ? -5.308  9.333   22.761  1.00 43.19 ? 274 GLU A CB  1 
ATOM   861  N N   . ARG A 1 159 ? -6.855  6.986   21.255  1.00 41.79 ? 275 ARG A N   1 
ATOM   862  C CA  . ARG A 1 159 ? -7.113  6.256   20.017  1.00 38.58 ? 275 ARG A CA  1 
ATOM   863  C C   . ARG A 1 159 ? -8.609  6.115   19.773  1.00 34.46 ? 275 ARG A C   1 
ATOM   864  O O   . ARG A 1 159 ? -9.114  6.498   18.718  1.00 32.57 ? 275 ARG A O   1 
ATOM   865  C CB  . ARG A 1 159 ? -6.494  4.856   20.058  1.00 39.84 ? 275 ARG A CB  1 
ATOM   866  C CG  . ARG A 1 159 ? -5.264  4.702   20.935  1.00 43.44 ? 275 ARG A CG  1 
ATOM   867  C CD  . ARG A 1 159 ? -4.540  3.405   20.591  1.00 48.33 ? 275 ARG A CD  1 
ATOM   868  N NE  . ARG A 1 159 ? -5.471  2.347   20.201  1.00 52.18 ? 275 ARG A NE  1 
ATOM   869  C CZ  . ARG A 1 159 ? -6.439  1.865   20.982  1.00 54.87 ? 275 ARG A CZ  1 
ATOM   870  N NH1 . ARG A 1 159 ? -6.621  2.336   22.219  1.00 55.41 ? 275 ARG A NH1 1 
ATOM   871  N NH2 . ARG A 1 159 ? -7.246  0.921   20.522  1.00 53.37 ? 275 ARG A NH2 1 
ATOM   872  N N   . GLU A 1 160 ? -9.309  5.553   20.756  1.00 31.08 ? 276 GLU A N   1 
ATOM   873  C CA  . GLU A 1 160 ? -10.749 5.343   20.667  1.00 29.80 ? 276 GLU A CA  1 
ATOM   874  C C   . GLU A 1 160 ? -11.437 6.543   20.034  1.00 29.51 ? 276 GLU A C   1 
ATOM   875  O O   . GLU A 1 160 ? -12.286 6.394   19.156  1.00 28.18 ? 276 GLU A O   1 
ATOM   876  C CB  . GLU A 1 160 ? -11.324 5.086   22.056  1.00 29.30 ? 276 GLU A CB  1 
ATOM   877  N N   . GLN A 1 161 ? -11.072 7.738   20.486  1.00 29.73 ? 277 GLN A N   1 
ATOM   878  C CA  . GLN A 1 161 ? -11.666 8.954   19.950  1.00 30.47 ? 277 GLN A CA  1 
ATOM   879  C C   . GLN A 1 161 ? -11.357 9.088   18.464  1.00 29.85 ? 277 GLN A C   1 
ATOM   880  O O   . GLN A 1 161 ? -12.202 9.523   17.682  1.00 29.68 ? 277 GLN A O   1 
ATOM   881  C CB  . GLN A 1 161 ? -11.141 10.172  20.707  1.00 34.04 ? 277 GLN A CB  1 
ATOM   882  N N   . THR A 1 162 ? -10.141 8.721   18.076  1.00 27.15 ? 278 THR A N   1 
ATOM   883  C CA  . THR A 1 162 ? -9.731  8.818   16.683  1.00 25.05 ? 278 THR A CA  1 
ATOM   884  C C   . THR A 1 162 ? -10.404 7.745   15.836  1.00 24.78 ? 278 THR A C   1 
ATOM   885  O O   . THR A 1 162 ? -10.817 7.993   14.704  1.00 27.58 ? 278 THR A O   1 
ATOM   886  C CB  . THR A 1 162 ? -8.210  8.681   16.565  1.00 26.52 ? 278 THR A CB  1 
ATOM   887  O OG1 . THR A 1 162 ? -7.582  9.657   17.409  1.00 25.18 ? 278 THR A OG1 1 
ATOM   888  C CG2 . THR A 1 162 ? -7.762  8.905   15.131  1.00 26.97 ? 278 THR A CG2 1 
ATOM   889  N N   . LEU A 1 163 ? -10.517 6.553   16.404  1.00 22.64 ? 279 LEU A N   1 
ATOM   890  C CA  . LEU A 1 163 ? -11.131 5.424   15.727  1.00 20.25 ? 279 LEU A CA  1 
ATOM   891  C C   . LEU A 1 163 ? -12.610 5.674   15.480  1.00 21.47 ? 279 LEU A C   1 
ATOM   892  O O   . LEU A 1 163 ? -13.107 5.499   14.367  1.00 19.95 ? 279 LEU A O   1 
ATOM   893  C CB  . LEU A 1 163 ? -10.943 4.179   16.584  1.00 15.82 ? 279 LEU A CB  1 
ATOM   894  C CG  . LEU A 1 163 ? -11.502 2.852   16.089  1.00 22.26 ? 279 LEU A CG  1 
ATOM   895  C CD1 . LEU A 1 163 ? -10.745 1.723   16.769  1.00 22.26 ? 279 LEU A CD1 1 
ATOM   896  C CD2 . LEU A 1 163 ? -13.013 2.764   16.367  1.00 22.26 ? 279 LEU A CD2 1 
ATOM   897  N N   . ASN A 1 164 ? -13.310 6.073   16.538  1.00 25.18 ? 280 ASN A N   1 
ATOM   898  C CA  . ASN A 1 164 ? -14.739 6.354   16.469  1.00 27.77 ? 280 ASN A CA  1 
ATOM   899  C C   . ASN A 1 164 ? -15.094 7.300   15.341  1.00 26.73 ? 280 ASN A C   1 
ATOM   900  O O   . ASN A 1 164 ? -16.048 7.065   14.595  1.00 25.63 ? 280 ASN A O   1 
ATOM   901  C CB  . ASN A 1 164 ? -15.220 6.941   17.793  1.00 30.61 ? 280 ASN A CB  1 
ATOM   902  C CG  . ASN A 1 164 ? -15.403 5.884   18.857  1.00 35.93 ? 280 ASN A CG  1 
ATOM   903  O OD1 . ASN A 1 164 ? -16.157 4.925   18.668  1.00 36.56 ? 280 ASN A OD1 1 
ATOM   904  N ND2 . ASN A 1 164 ? -14.717 6.047   19.981  1.00 36.80 ? 280 ASN A ND2 1 
ATOM   905  N N   . GLN A 1 165 ? -14.327 8.375   15.217  1.00 24.76 ? 281 GLN A N   1 
ATOM   906  C CA  . GLN A 1 165 ? -14.583 9.354   14.175  1.00 22.99 ? 281 GLN A CA  1 
ATOM   907  C C   . GLN A 1 165 ? -14.434 8.727   12.795  1.00 21.88 ? 281 GLN A C   1 
ATOM   908  O O   . GLN A 1 165 ? -15.153 9.086   11.864  1.00 19.11 ? 281 GLN A O   1 
ATOM   909  C CB  . GLN A 1 165 ? -13.627 10.542  14.315  1.00 22.83 ? 281 GLN A CB  1 
ATOM   910  C CG  . GLN A 1 165 ? -14.017 11.751  13.474  1.00 25.35 ? 281 GLN A CG  1 
ATOM   911  C CD  . GLN A 1 165 ? -15.362 12.327  13.878  1.00 28.60 ? 281 GLN A CD  1 
ATOM   912  O OE1 . GLN A 1 165 ? -16.393 11.648  13.822  1.00 30.77 ? 281 GLN A OE1 1 
ATOM   913  N NE2 . GLN A 1 165 ? -15.357 13.587  14.289  1.00 28.85 ? 281 GLN A NE2 1 
ATOM   914  N N   . LEU A 1 166 ? -13.502 7.787   12.660  1.00 18.76 ? 282 LEU A N   1 
ATOM   915  C CA  . LEU A 1 166 ? -13.265 7.134   11.374  1.00 16.21 ? 282 LEU A CA  1 
ATOM   916  C C   . LEU A 1 166 ? -14.476 6.330   10.907  1.00 16.85 ? 282 LEU A C   1 
ATOM   917  O O   . LEU A 1 166 ? -14.708 6.192   9.703   1.00 14.20 ? 282 LEU A O   1 
ATOM   918  C CB  . LEU A 1 166 ? -12.032 6.232   11.467  1.00 15.45 ? 282 LEU A CB  1 
ATOM   919  C CG  . LEU A 1 166 ? -11.453 5.736   10.137  1.00 14.21 ? 282 LEU A CG  1 
ATOM   920  C CD1 . LEU A 1 166 ? -11.099 6.921   9.249   1.00 14.65 ? 282 LEU A CD1 1 
ATOM   921  C CD2 . LEU A 1 166 ? -10.218 4.871   10.386  1.00 12.25 ? 282 LEU A CD2 1 
ATOM   922  N N   . LEU A 1 167 ? -15.235 5.793   11.864  1.00 19.16 ? 283 LEU A N   1 
ATOM   923  C CA  . LEU A 1 167 ? -16.443 5.014   11.575  1.00 19.09 ? 283 LEU A CA  1 
ATOM   924  C C   . LEU A 1 167 ? -17.579 5.961   11.161  1.00 19.30 ? 283 LEU A C   1 
ATOM   925  O O   . LEU A 1 167 ? -18.356 5.657   10.252  1.00 21.67 ? 283 LEU A O   1 
ATOM   926  C CB  . LEU A 1 167 ? -16.867 4.193   12.812  1.00 19.32 ? 283 LEU A CB  1 
ATOM   927  C CG  . LEU A 1 167 ? -16.130 2.915   13.260  1.00 18.21 ? 283 LEU A CG  1 
ATOM   928  C CD1 . LEU A 1 167 ? -15.031 2.558   12.275  1.00 17.24 ? 283 LEU A CD1 1 
ATOM   929  C CD2 . LEU A 1 167 ? -15.544 3.106   14.677  1.00 13.84 ? 283 LEU A CD2 1 
ATOM   930  N N   . VAL A 1 168 ? -17.664 7.112   11.827  1.00 19.30 ? 284 VAL A N   1 
ATOM   931  C CA  . VAL A 1 168 ? -18.700 8.100   11.525  1.00 20.11 ? 284 VAL A CA  1 
ATOM   932  C C   . VAL A 1 168 ? -18.483 8.708   10.135  1.00 22.36 ? 284 VAL A C   1 
ATOM   933  O O   . VAL A 1 168 ? -19.440 8.965   9.400   1.00 21.77 ? 284 VAL A O   1 
ATOM   934  C CB  . VAL A 1 168 ? -18.726 9.241   12.578  1.00 17.69 ? 284 VAL A CB  1 
ATOM   935  C CG1 . VAL A 1 168 ? -19.892 10.187  12.301  1.00 15.39 ? 284 VAL A CG1 1 
ATOM   936  C CG2 . VAL A 1 168 ? -18.833 8.658   13.974  1.00 14.40 ? 284 VAL A CG2 1 
ATOM   937  N N   . GLU A 1 169 ? -17.226 8.936   9.774   1.00 23.56 ? 285 GLU A N   1 
ATOM   938  C CA  . GLU A 1 169 ? -16.913 9.501   8.468   1.00 24.70 ? 285 GLU A CA  1 
ATOM   939  C C   . GLU A 1 169 ? -17.238 8.498   7.366   1.00 23.12 ? 285 GLU A C   1 
ATOM   940  O O   . GLU A 1 169 ? -17.876 8.841   6.370   1.00 22.08 ? 285 GLU A O   1 
ATOM   941  C CB  . GLU A 1 169 ? -15.437 9.892   8.404   1.00 26.58 ? 285 GLU A CB  1 
ATOM   942  C CG  . GLU A 1 169 ? -15.047 10.926  9.441   1.00 31.70 ? 285 GLU A CG  1 
ATOM   943  C CD  . GLU A 1 169 ? -15.755 12.250  9.230   1.00 34.23 ? 285 GLU A CD  1 
ATOM   944  O OE1 . GLU A 1 169 ? -15.580 13.163  10.065  1.00 38.50 ? 285 GLU A OE1 1 
ATOM   945  O OE2 . GLU A 1 169 ? -16.483 12.379  8.223   1.00 35.27 ? 285 GLU A OE2 1 
ATOM   946  N N   . MET A 1 170 ? -16.802 7.256   7.555   1.00 22.41 ? 286 MET A N   1 
ATOM   947  C CA  . MET A 1 170 ? -17.047 6.205   6.577   1.00 20.53 ? 286 MET A CA  1 
ATOM   948  C C   . MET A 1 170 ? -18.521 5.822   6.507   1.00 22.03 ? 286 MET A C   1 
ATOM   949  O O   . MET A 1 170 ? -19.071 5.644   5.422   1.00 23.33 ? 286 MET A O   1 
ATOM   950  C CB  . MET A 1 170 ? -16.205 4.970   6.905   1.00 20.43 ? 286 MET A CB  1 
ATOM   951  C CG  . MET A 1 170 ? -14.706 5.211   6.820   1.00 21.16 ? 286 MET A CG  1 
ATOM   952  S SD  . MET A 1 170 ? -13.723 3.745   7.196   1.00 23.56 ? 286 MET A SD  1 
ATOM   953  C CE  . MET A 1 170 ? -13.793 2.869   5.625   1.00 21.10 ? 286 MET A CE  1 
ATOM   954  N N   . ASP A 1 171 ? -19.159 5.697   7.664   1.00 23.06 ? 287 ASP A N   1 
ATOM   955  C CA  . ASP A 1 171 ? -20.572 5.344   7.706   1.00 22.72 ? 287 ASP A CA  1 
ATOM   956  C C   . ASP A 1 171 ? -21.421 6.522   7.260   1.00 21.86 ? 287 ASP A C   1 
ATOM   957  O O   . ASP A 1 171 ? -22.642 6.410   7.158   1.00 21.67 ? 287 ASP A O   1 
ATOM   958  C CB  . ASP A 1 171 ? -20.985 4.938   9.121   1.00 21.38 ? 287 ASP A CB  1 
ATOM   959  C CG  . ASP A 1 171 ? -20.319 3.663   9.572   1.00 21.75 ? 287 ASP A CG  1 
ATOM   960  O OD1 . ASP A 1 171 ? -20.327 2.690   8.791   1.00 20.77 ? 287 ASP A OD1 1 
ATOM   961  O OD2 . ASP A 1 171 ? -19.794 3.632   10.705  1.00 21.84 ? 287 ASP A OD2 1 
ATOM   962  N N   . GLY A 1 172 ? -20.767 7.649   6.992   1.00 23.12 ? 288 GLY A N   1 
ATOM   963  C CA  . GLY A 1 172 ? -21.482 8.842   6.574   1.00 24.87 ? 288 GLY A CA  1 
ATOM   964  C C   . GLY A 1 172 ? -21.134 9.314   5.173   1.00 25.59 ? 288 GLY A C   1 
ATOM   965  O O   . GLY A 1 172 ? -21.284 10.497  4.854   1.00 26.79 ? 288 GLY A O   1 
ATOM   966  N N   . PHE A 1 173 ? -20.671 8.382   4.342   1.00 25.53 ? 289 PHE A N   1 
ATOM   967  C CA  . PHE A 1 173 ? -20.306 8.668   2.958   1.00 24.60 ? 289 PHE A CA  1 
ATOM   968  C C   . PHE A 1 173 ? -21.538 8.703   2.069   1.00 24.88 ? 289 PHE A C   1 
ATOM   969  O O   . PHE A 1 173 ? -22.269 7.718   1.970   1.00 25.57 ? 289 PHE A O   1 
ATOM   970  C CB  . PHE A 1 173 ? -19.336 7.606   2.426   1.00 19.15 ? 289 PHE A CB  1 
ATOM   971  C CG  . PHE A 1 173 ? -17.942 7.743   2.960   1.00 13.66 ? 289 PHE A CG  1 
ATOM   972  C CD1 . PHE A 1 173 ? -17.412 9.001   3.229   1.00 11.21 ? 289 PHE A CD1 1 
ATOM   973  C CD2 . PHE A 1 173 ? -17.141 6.623   3.161   1.00 13.46 ? 289 PHE A CD2 1 
ATOM   974  C CE1 . PHE A 1 173 ? -16.115 9.141   3.694   1.00 12.11 ? 289 PHE A CE1 1 
ATOM   975  C CE2 . PHE A 1 173 ? -15.834 6.755   3.627   1.00 10.65 ? 289 PHE A CE2 1 
ATOM   976  C CZ  . PHE A 1 173 ? -15.321 8.018   3.892   1.00 8.68  ? 289 PHE A CZ  1 
ATOM   977  N N   . GLU A 1 174 ? -21.757 9.838   1.414   1.00 24.32 ? 290 GLU A N   1 
ATOM   978  C CA  . GLU A 1 174 ? -22.901 10.005  0.524   1.00 27.94 ? 290 GLU A CA  1 
ATOM   979  C C   . GLU A 1 174 ? -22.538 9.546   -0.891  1.00 29.66 ? 290 GLU A C   1 
ATOM   980  O O   . GLU A 1 174 ? -21.361 9.507   -1.251  1.00 32.99 ? 290 GLU A O   1 
ATOM   981  C CB  . GLU A 1 174 ? -23.339 11.469  0.518   1.00 32.36 ? 290 GLU A CB  1 
ATOM   982  C CG  . GLU A 1 174 ? -23.829 11.983  1.873   1.00 38.15 ? 290 GLU A CG  1 
ATOM   983  C CD  . GLU A 1 174 ? -24.262 13.433  1.807   1.00 40.80 ? 290 GLU A CD  1 
ATOM   984  O OE1 . GLU A 1 174 ? -24.799 13.955  2.803   1.00 42.63 ? 290 GLU A OE1 1 
ATOM   985  O OE2 . GLU A 1 174 ? -24.057 14.050  0.744   1.00 44.63 ? 290 GLU A OE2 1 
ATOM   986  N N   . LYS A 1 175 ? -23.545 9.206   -1.691  1.00 28.30 ? 291 LYS A N   1 
ATOM   987  C CA  . LYS A 1 175 ? -23.310 8.728   -3.053  1.00 24.27 ? 291 LYS A CA  1 
ATOM   988  C C   . LYS A 1 175 ? -22.426 9.660   -3.870  1.00 19.87 ? 291 LYS A C   1 
ATOM   989  O O   . LYS A 1 175 ? -21.543 9.211   -4.604  1.00 17.96 ? 291 LYS A O   1 
ATOM   990  C CB  . LYS A 1 175 ? -24.645 8.511   -3.770  1.00 23.53 ? 291 LYS A CB  1 
ATOM   991  C CG  . LYS A 1 175 ? -25.513 7.444   -3.123  1.00 22.26 ? 291 LYS A CG  1 
ATOM   992  C CD  . LYS A 1 175 ? -26.822 7.244   -3.874  1.00 22.26 ? 291 LYS A CD  1 
ATOM   993  C CE  . LYS A 1 175 ? -27.621 6.080   -3.302  1.00 22.26 ? 291 LYS A CE  1 
ATOM   994  N NZ  . LYS A 1 175 ? -28.902 5.889   -4.028  1.00 22.26 ? 291 LYS A NZ  1 
ATOM   995  N N   . ASP A 1 176 ? -22.658 10.960  -3.750  1.00 22.22 ? 292 ASP A N   1 
ATOM   996  C CA  . ASP A 1 176 ? -21.858 11.925  -4.493  1.00 23.17 ? 292 ASP A CA  1 
ATOM   997  C C   . ASP A 1 176 ? -20.424 11.959  -3.962  1.00 21.67 ? 292 ASP A C   1 
ATOM   998  O O   . ASP A 1 176 ? -19.514 12.455  -4.627  1.00 21.26 ? 292 ASP A O   1 
ATOM   999  C CB  . ASP A 1 176 ? -22.513 13.302  -4.411  1.00 26.34 ? 292 ASP A CB  1 
ATOM   1000 C CG  . ASP A 1 176 ? -23.324 13.476  -3.145  1.00 32.66 ? 292 ASP A CG  1 
ATOM   1001 O OD1 . ASP A 1 176 ? -22.781 13.999  -2.157  1.00 34.77 ? 292 ASP A OD1 1 
ATOM   1002 O OD2 . ASP A 1 176 ? -24.500 13.064  -3.133  1.00 38.04 ? 292 ASP A OD2 1 
ATOM   1003 N N   . THR A 1 177 ? -20.225 11.417  -2.765  1.00 21.30 ? 293 THR A N   1 
ATOM   1004 C CA  . THR A 1 177 ? -18.899 11.379  -2.165  1.00 17.80 ? 293 THR A CA  1 
ATOM   1005 C C   . THR A 1 177 ? -18.283 10.010  -2.439  1.00 17.18 ? 293 THR A C   1 
ATOM   1006 O O   . THR A 1 177 ? -18.447 9.080   -1.651  1.00 15.93 ? 293 THR A O   1 
ATOM   1007 C CB  . THR A 1 177 ? -18.976 11.602  -0.644  1.00 16.50 ? 293 THR A CB  1 
ATOM   1008 O OG1 . THR A 1 177 ? -19.800 12.743  -0.372  1.00 18.90 ? 293 THR A OG1 1 
ATOM   1009 C CG2 . THR A 1 177 ? -17.588 11.849  -0.073  1.00 17.27 ? 293 THR A CG2 1 
ATOM   1010 N N   . ALA A 1 178 ? -17.583 9.879   -3.560  1.00 14.33 ? 294 ALA A N   1 
ATOM   1011 C CA  . ALA A 1 178 ? -16.975 8.602   -3.911  1.00 9.03  ? 294 ALA A CA  1 
ATOM   1012 C C   . ALA A 1 178 ? -15.568 8.458   -3.343  1.00 8.40  ? 294 ALA A C   1 
ATOM   1013 O O   . ALA A 1 178 ? -14.589 8.453   -4.085  1.00 10.24 ? 294 ALA A O   1 
ATOM   1014 C CB  . ALA A 1 178 ? -16.940 8.442   -5.424  1.00 7.22  ? 294 ALA A CB  1 
ATOM   1015 N N   . ILE A 1 179 ? -15.468 8.328   -2.025  1.00 4.94  ? 295 ILE A N   1 
ATOM   1016 C CA  . ILE A 1 179 ? -14.169 8.178   -1.385  1.00 5.08  ? 295 ILE A CA  1 
ATOM   1017 C C   . ILE A 1 179 ? -13.910 6.728   -0.982  1.00 4.13  ? 295 ILE A C   1 
ATOM   1018 O O   . ILE A 1 179 ? -14.677 6.143   -0.219  1.00 3.26  ? 295 ILE A O   1 
ATOM   1019 C CB  . ILE A 1 179 ? -14.063 9.054   -0.120  1.00 7.42  ? 295 ILE A CB  1 
ATOM   1020 C CG1 . ILE A 1 179 ? -14.337 10.517  -0.473  1.00 7.60  ? 295 ILE A CG1 1 
ATOM   1021 C CG2 . ILE A 1 179 ? -12.680 8.907   0.497   1.00 6.52  ? 295 ILE A CG2 1 
ATOM   1022 C CD1 . ILE A 1 179 ? -14.373 11.441  0.725   1.00 3.26  ? 295 ILE A CD1 1 
ATOM   1023 N N   . VAL A 1 180 ? -12.826 6.152   -1.490  1.00 3.26  ? 296 VAL A N   1 
ATOM   1024 C CA  . VAL A 1 180 ? -12.476 4.776   -1.156  1.00 5.04  ? 296 VAL A CA  1 
ATOM   1025 C C   . VAL A 1 180 ? -11.260 4.773   -0.229  1.00 5.81  ? 296 VAL A C   1 
ATOM   1026 O O   . VAL A 1 180 ? -10.120 4.886   -0.680  1.00 7.59  ? 296 VAL A O   1 
ATOM   1027 C CB  . VAL A 1 180 ? -12.165 3.946   -2.431  1.00 4.89  ? 296 VAL A CB  1 
ATOM   1028 C CG1 . VAL A 1 180 ? -11.708 2.546   -2.047  1.00 3.26  ? 296 VAL A CG1 1 
ATOM   1029 C CG2 . VAL A 1 180 ? -13.404 3.862   -3.311  1.00 3.26  ? 296 VAL A CG2 1 
ATOM   1030 N N   . VAL A 1 181 ? -11.511 4.646   1.072   1.00 5.46  ? 297 VAL A N   1 
ATOM   1031 C CA  . VAL A 1 181 ? -10.438 4.642   2.062   1.00 4.86  ? 297 VAL A CA  1 
ATOM   1032 C C   . VAL A 1 181 ? -9.639  3.341   2.023   1.00 5.76  ? 297 VAL A C   1 
ATOM   1033 O O   . VAL A 1 181 ? -10.194 2.252   2.180   1.00 8.66  ? 297 VAL A O   1 
ATOM   1034 C CB  . VAL A 1 181 ? -10.994 4.849   3.496   1.00 3.26  ? 297 VAL A CB  1 
ATOM   1035 C CG1 . VAL A 1 181 ? -9.848  4.955   4.493   1.00 3.26  ? 297 VAL A CG1 1 
ATOM   1036 C CG2 . VAL A 1 181 ? -11.861 6.093   3.542   1.00 3.26  ? 297 VAL A CG2 1 
ATOM   1037 N N   . MET A 1 182 ? -8.333  3.460   1.807   1.00 4.94  ? 298 MET A N   1 
ATOM   1038 C CA  . MET A 1 182 ? -7.459  2.294   1.748   1.00 7.04  ? 298 MET A CA  1 
ATOM   1039 C C   . MET A 1 182 ? -6.425  2.315   2.866   1.00 7.25  ? 298 MET A C   1 
ATOM   1040 O O   . MET A 1 182 ? -5.863  3.360   3.186   1.00 9.15  ? 298 MET A O   1 
ATOM   1041 C CB  . MET A 1 182 ? -6.742  2.229   0.397   1.00 7.36  ? 298 MET A CB  1 
ATOM   1042 C CG  . MET A 1 182 ? -7.632  1.862   -0.776  1.00 9.85  ? 298 MET A CG  1 
ATOM   1043 S SD  . MET A 1 182 ? -6.672  1.565   -2.271  1.00 14.62 ? 298 MET A SD  1 
ATOM   1044 C CE  . MET A 1 182 ? -5.979  -0.074  -1.901  1.00 10.71 ? 298 MET A CE  1 
ATOM   1045 N N   . ALA A 1 183 ? -6.180  1.153   3.459   1.00 6.50  ? 299 ALA A N   1 
ATOM   1046 C CA  . ALA A 1 183 ? -5.202  1.040   4.531   1.00 8.13  ? 299 ALA A CA  1 
ATOM   1047 C C   . ALA A 1 183 ? -4.495  -0.304  4.424   1.00 8.21  ? 299 ALA A C   1 
ATOM   1048 O O   . ALA A 1 183 ? -5.001  -1.226  3.787   1.00 9.53  ? 299 ALA A O   1 
ATOM   1049 C CB  . ALA A 1 183 ? -5.891  1.172   5.887   1.00 6.68  ? 299 ALA A CB  1 
ATOM   1050 N N   . ALA A 1 184 ? -3.323  -0.412  5.036   1.00 9.51  ? 300 ALA A N   1 
ATOM   1051 C CA  . ALA A 1 184 ? -2.564  -1.656  4.996   1.00 11.29 ? 300 ALA A CA  1 
ATOM   1052 C C   . ALA A 1 184 ? -2.187  -2.101  6.405   1.00 15.52 ? 300 ALA A C   1 
ATOM   1053 O O   . ALA A 1 184 ? -2.206  -1.303  7.341   1.00 19.70 ? 300 ALA A O   1 
ATOM   1054 C CB  . ALA A 1 184 ? -1.310  -1.476  4.145   1.00 8.76  ? 300 ALA A CB  1 
ATOM   1055 N N   . THR A 1 185 ? -1.849  -3.378  6.550   1.00 16.63 ? 301 THR A N   1 
ATOM   1056 C CA  . THR A 1 185 ? -1.467  -3.933  7.844   1.00 17.97 ? 301 THR A CA  1 
ATOM   1057 C C   . THR A 1 185 ? -1.025  -5.385  7.688   1.00 19.80 ? 301 THR A C   1 
ATOM   1058 O O   . THR A 1 185 ? -0.979  -5.912  6.576   1.00 17.27 ? 301 THR A O   1 
ATOM   1059 C CB  . THR A 1 185 ? -2.640  -3.876  8.843   1.00 16.24 ? 301 THR A CB  1 
ATOM   1060 O OG1 . THR A 1 185 ? -2.194  -4.314  10.132  1.00 15.93 ? 301 THR A OG1 1 
ATOM   1061 C CG2 . THR A 1 185 ? -3.781  -4.770  8.377   1.00 11.64 ? 301 THR A CG2 1 
ATOM   1062 N N   . ASN A 1 186 ? -0.703  -6.030  8.805   1.00 24.37 ? 302 ASN A N   1 
ATOM   1063 C CA  . ASN A 1 186 ? -0.268  -7.422  8.782   1.00 28.83 ? 302 ASN A CA  1 
ATOM   1064 C C   . ASN A 1 186 ? -0.869  -8.173  9.964   1.00 29.06 ? 302 ASN A C   1 
ATOM   1065 O O   . ASN A 1 186 ? -0.498  -9.314  10.247  1.00 30.04 ? 302 ASN A O   1 
ATOM   1066 C CB  . ASN A 1 186 ? 1.262   -7.496  8.841   1.00 30.88 ? 302 ASN A CB  1 
ATOM   1067 C CG  . ASN A 1 186 ? 1.785   -8.909  8.651   1.00 35.84 ? 302 ASN A CG  1 
ATOM   1068 O OD1 . ASN A 1 186 ? 1.503   -9.556  7.641   1.00 35.50 ? 302 ASN A OD1 1 
ATOM   1069 N ND2 . ASN A 1 186 ? 2.556   -9.391  9.621   1.00 37.23 ? 302 ASN A ND2 1 
ATOM   1070 N N   . ARG A 1 187 ? -1.805  -7.523  10.648  1.00 29.40 ? 303 ARG A N   1 
ATOM   1071 C CA  . ARG A 1 187 ? -2.460  -8.112  11.809  1.00 29.31 ? 303 ARG A CA  1 
ATOM   1072 C C   . ARG A 1 187 ? -3.941  -7.745  11.872  1.00 28.36 ? 303 ARG A C   1 
ATOM   1073 O O   . ARG A 1 187 ? -4.382  -7.062  12.797  1.00 28.95 ? 303 ARG A O   1 
ATOM   1074 C CB  . ARG A 1 187 ? -1.757  -7.655  13.079  1.00 30.29 ? 303 ARG A CB  1 
ATOM   1075 N N   . PRO A 1 188 ? -4.729  -8.198  10.885  1.00 28.80 ? 304 PRO A N   1 
ATOM   1076 C CA  . PRO A 1 188 ? -6.166  -7.907  10.848  1.00 31.67 ? 304 PRO A CA  1 
ATOM   1077 C C   . PRO A 1 188 ? -6.919  -8.566  12.000  1.00 34.71 ? 304 PRO A C   1 
ATOM   1078 O O   . PRO A 1 188 ? -8.120  -8.357  12.175  1.00 34.87 ? 304 PRO A O   1 
ATOM   1079 C CB  . PRO A 1 188 ? -6.590  -8.453  9.488   1.00 30.37 ? 304 PRO A CB  1 
ATOM   1080 C CG  . PRO A 1 188 ? -5.666  -9.612  9.298   1.00 31.40 ? 304 PRO A CG  1 
ATOM   1081 C CD  . PRO A 1 188 ? -4.337  -9.044  9.744   1.00 28.64 ? 304 PRO A CD  1 
ATOM   1082 N N   . ASP A 1 189 ? -6.202  -9.362  12.786  1.00 38.51 ? 305 ASP A N   1 
ATOM   1083 C CA  . ASP A 1 189 ? -6.798  -10.052 13.921  1.00 39.85 ? 305 ASP A CA  1 
ATOM   1084 C C   . ASP A 1 189 ? -6.726  -9.195  15.185  1.00 35.57 ? 305 ASP A C   1 
ATOM   1085 O O   . ASP A 1 189 ? -7.617  -9.256  16.032  1.00 35.92 ? 305 ASP A O   1 
ATOM   1086 C CB  . ASP A 1 189 ? -6.092  -11.394 14.141  1.00 44.97 ? 305 ASP A CB  1 
ATOM   1087 C CG  . ASP A 1 189 ? -4.607  -11.238 14.395  1.00 48.74 ? 305 ASP A CG  1 
ATOM   1088 O OD1 . ASP A 1 189 ? -4.241  -10.781 15.496  1.00 50.52 ? 305 ASP A OD1 1 
ATOM   1089 O OD2 . ASP A 1 189 ? -3.807  -11.567 13.492  1.00 50.83 ? 305 ASP A OD2 1 
ATOM   1090 N N   . ILE A 1 190 ? -5.670  -8.393  15.306  1.00 31.37 ? 306 ILE A N   1 
ATOM   1091 C CA  . ILE A 1 190 ? -5.508  -7.527  16.470  1.00 28.82 ? 306 ILE A CA  1 
ATOM   1092 C C   . ILE A 1 190 ? -6.150  -6.169  16.183  1.00 28.20 ? 306 ILE A C   1 
ATOM   1093 O O   . ILE A 1 190 ? -6.052  -5.231  16.975  1.00 27.56 ? 306 ILE A O   1 
ATOM   1094 C CB  . ILE A 1 190 ? -3.991  -7.369  16.860  1.00 27.78 ? 306 ILE A CB  1 
ATOM   1095 C CG1 . ILE A 1 190 ? -3.497  -5.930  16.660  1.00 29.57 ? 306 ILE A CG1 1 
ATOM   1096 C CG2 . ILE A 1 190 ? -3.146  -8.331  16.046  1.00 25.96 ? 306 ILE A CG2 1 
ATOM   1097 C CD1 . ILE A 1 190 ? -3.368  -5.484  15.214  1.00 32.82 ? 306 ILE A CD1 1 
ATOM   1098 N N   . LEU A 1 191 ? -6.828  -6.089  15.042  1.00 25.92 ? 307 LEU A N   1 
ATOM   1099 C CA  . LEU A 1 191 ? -7.490  -4.862  14.626  1.00 23.98 ? 307 LEU A CA  1 
ATOM   1100 C C   . LEU A 1 191 ? -8.937  -4.847  15.113  1.00 24.11 ? 307 LEU A C   1 
ATOM   1101 O O   . LEU A 1 191 ? -9.676  -5.815  14.926  1.00 24.21 ? 307 LEU A O   1 
ATOM   1102 C CB  . LEU A 1 191 ? -7.453  -4.751  13.103  1.00 22.25 ? 307 LEU A CB  1 
ATOM   1103 C CG  . LEU A 1 191 ? -7.288  -3.342  12.534  1.00 23.81 ? 307 LEU A CG  1 
ATOM   1104 C CD1 . LEU A 1 191 ? -5.960  -2.756  13.001  1.00 22.98 ? 307 LEU A CD1 1 
ATOM   1105 C CD2 . LEU A 1 191 ? -7.334  -3.401  11.016  1.00 23.79 ? 307 LEU A CD2 1 
ATOM   1106 N N   . ASP A 1 192 ? -9.331  -3.741  15.740  1.00 22.51 ? 308 ASP A N   1 
ATOM   1107 C CA  . ASP A 1 192 ? -10.682 -3.578  16.271  1.00 22.38 ? 308 ASP A CA  1 
ATOM   1108 C C   . ASP A 1 192 ? -11.743 -3.997  15.254  1.00 23.18 ? 308 ASP A C   1 
ATOM   1109 O O   . ASP A 1 192 ? -11.875 -3.387  14.194  1.00 22.69 ? 308 ASP A O   1 
ATOM   1110 C CB  . ASP A 1 192 ? -10.908 -2.119  16.677  1.00 23.87 ? 308 ASP A CB  1 
ATOM   1111 C CG  . ASP A 1 192 ? -12.203 -1.920  17.442  1.00 24.98 ? 308 ASP A CG  1 
ATOM   1112 O OD1 . ASP A 1 192 ? -13.276 -2.257  16.900  1.00 25.73 ? 308 ASP A OD1 1 
ATOM   1113 O OD2 . ASP A 1 192 ? -12.146 -1.425  18.586  1.00 28.53 ? 308 ASP A OD2 1 
ATOM   1114 N N   . PRO A 1 193 ? -12.519 -5.048  15.575  1.00 24.62 ? 309 PRO A N   1 
ATOM   1115 C CA  . PRO A 1 193 ? -13.582 -5.585  14.719  1.00 28.71 ? 309 PRO A CA  1 
ATOM   1116 C C   . PRO A 1 193 ? -14.525 -4.538  14.125  1.00 31.14 ? 309 PRO A C   1 
ATOM   1117 O O   . PRO A 1 193 ? -15.199 -4.800  13.126  1.00 33.82 ? 309 PRO A O   1 
ATOM   1118 C CB  . PRO A 1 193 ? -14.305 -6.554  15.649  1.00 28.22 ? 309 PRO A CB  1 
ATOM   1119 C CG  . PRO A 1 193 ? -13.186 -7.090  16.477  1.00 25.87 ? 309 PRO A CG  1 
ATOM   1120 C CD  . PRO A 1 193 ? -12.407 -5.835  16.816  1.00 23.86 ? 309 PRO A CD  1 
ATOM   1121 N N   . ALA A 1 194 ? -14.576 -3.359  14.736  1.00 30.80 ? 310 ALA A N   1 
ATOM   1122 C CA  . ALA A 1 194 ? -15.440 -2.288  14.250  1.00 31.89 ? 310 ALA A CA  1 
ATOM   1123 C C   . ALA A 1 194 ? -15.043 -1.885  12.832  1.00 32.98 ? 310 ALA A C   1 
ATOM   1124 O O   . ALA A 1 194 ? -15.856 -1.943  11.911  1.00 33.17 ? 310 ALA A O   1 
ATOM   1125 C CB  . ALA A 1 194 ? -15.356 -1.083  15.179  1.00 31.08 ? 310 ALA A CB  1 
ATOM   1126 N N   . LEU A 1 195 ? -13.786 -1.481  12.667  1.00 31.24 ? 311 LEU A N   1 
ATOM   1127 C CA  . LEU A 1 195 ? -13.269 -1.068  11.367  1.00 28.54 ? 311 LEU A CA  1 
ATOM   1128 C C   . LEU A 1 195 ? -13.547 -2.087  10.267  1.00 28.24 ? 311 LEU A C   1 
ATOM   1129 O O   . LEU A 1 195 ? -13.738 -1.720  9.108   1.00 29.66 ? 311 LEU A O   1 
ATOM   1130 C CB  . LEU A 1 195 ? -11.757 -0.830  11.448  1.00 27.60 ? 311 LEU A CB  1 
ATOM   1131 C CG  . LEU A 1 195 ? -11.240 0.467   12.075  1.00 26.92 ? 311 LEU A CG  1 
ATOM   1132 C CD1 . LEU A 1 195 ? -9.727  0.391   12.211  1.00 25.84 ? 311 LEU A CD1 1 
ATOM   1133 C CD2 . LEU A 1 195 ? -11.639 1.656   11.210  1.00 25.33 ? 311 LEU A CD2 1 
ATOM   1134 N N   . LEU A 1 196 ? -13.568 -3.365  10.633  1.00 25.80 ? 312 LEU A N   1 
ATOM   1135 C CA  . LEU A 1 196 ? -13.804 -4.431  9.666   1.00 23.49 ? 312 LEU A CA  1 
ATOM   1136 C C   . LEU A 1 196 ? -15.278 -4.722  9.398   1.00 21.48 ? 312 LEU A C   1 
ATOM   1137 O O   . LEU A 1 196 ? -15.617 -5.350  8.395   1.00 22.19 ? 312 LEU A O   1 
ATOM   1138 C CB  . LEU A 1 196 ? -13.099 -5.712  10.122  1.00 24.40 ? 312 LEU A CB  1 
ATOM   1139 C CG  . LEU A 1 196 ? -11.570 -5.626  10.161  1.00 26.42 ? 312 LEU A CG  1 
ATOM   1140 C CD1 . LEU A 1 196 ? -10.985 -6.906  10.739  1.00 27.81 ? 312 LEU A CD1 1 
ATOM   1141 C CD2 . LEU A 1 196 ? -11.049 -5.381  8.751   1.00 31.64 ? 312 LEU A CD2 1 
ATOM   1142 N N   . ARG A 1 197 ? -16.155 -4.268  10.287  1.00 18.25 ? 313 ARG A N   1 
ATOM   1143 C CA  . ARG A 1 197 ? -17.585 -4.497  10.110  1.00 18.06 ? 313 ARG A CA  1 
ATOM   1144 C C   . ARG A 1 197 ? -18.052 -3.877  8.796   1.00 19.51 ? 313 ARG A C   1 
ATOM   1145 O O   . ARG A 1 197 ? -17.487 -2.887  8.335   1.00 18.87 ? 313 ARG A O   1 
ATOM   1146 C CB  . ARG A 1 197 ? -18.360 -3.898  11.278  1.00 17.39 ? 313 ARG A CB  1 
ATOM   1147 N N   . PRO A 1 198 ? -19.093 -4.457  8.173   1.00 22.27 ? 314 PRO A N   1 
ATOM   1148 C CA  . PRO A 1 198 ? -19.623 -3.944  6.905   1.00 22.84 ? 314 PRO A CA  1 
ATOM   1149 C C   . PRO A 1 198 ? -19.913 -2.448  6.961   1.00 21.12 ? 314 PRO A C   1 
ATOM   1150 O O   . PRO A 1 198 ? -20.507 -1.959  7.921   1.00 22.28 ? 314 PRO A O   1 
ATOM   1151 C CB  . PRO A 1 198 ? -20.892 -4.765  6.708   1.00 22.64 ? 314 PRO A CB  1 
ATOM   1152 C CG  . PRO A 1 198 ? -20.530 -6.074  7.317   1.00 26.36 ? 314 PRO A CG  1 
ATOM   1153 C CD  . PRO A 1 198 ? -19.836 -5.656  8.599   1.00 25.54 ? 314 PRO A CD  1 
ATOM   1154 N N   . GLY A 1 199 ? -19.499 -1.732  5.922   1.00 17.74 ? 315 GLY A N   1 
ATOM   1155 C CA  . GLY A 1 199 ? -19.719 -0.298  5.877   1.00 13.99 ? 315 GLY A CA  1 
ATOM   1156 C C   . GLY A 1 199 ? -18.417 0.449   6.066   1.00 11.33 ? 315 GLY A C   1 
ATOM   1157 O O   . GLY A 1 199 ? -18.306 1.629   5.730   1.00 8.31  ? 315 GLY A O   1 
ATOM   1158 N N   . ARG A 1 200 ? -17.426 -0.250  6.610   1.00 12.77 ? 316 ARG A N   1 
ATOM   1159 C CA  . ARG A 1 200 ? -16.109 0.326   6.851   1.00 13.39 ? 316 ARG A CA  1 
ATOM   1160 C C   . ARG A 1 200 ? -15.101 -0.393  5.958   1.00 12.11 ? 316 ARG A C   1 
ATOM   1161 O O   . ARG A 1 200 ? -15.174 -0.297  4.733   1.00 13.22 ? 316 ARG A O   1 
ATOM   1162 C CB  . ARG A 1 200 ? -15.719 0.167   8.324   1.00 13.50 ? 316 ARG A CB  1 
ATOM   1163 C CG  . ARG A 1 200 ? -16.715 0.765   9.313   1.00 12.71 ? 316 ARG A CG  1 
ATOM   1164 C CD  . ARG A 1 200 ? -17.985 -0.069  9.405   1.00 13.33 ? 316 ARG A CD  1 
ATOM   1165 N NE  . ARG A 1 200 ? -18.974 0.524   10.300  1.00 13.41 ? 316 ARG A NE  1 
ATOM   1166 C CZ  . ARG A 1 200 ? -18.785 0.726   11.600  1.00 9.65  ? 316 ARG A CZ  1 
ATOM   1167 N NH1 . ARG A 1 200 ? -17.636 0.383   12.167  1.00 3.26  ? 316 ARG A NH1 1 
ATOM   1168 N NH2 . ARG A 1 200 ? -19.744 1.274   12.334  1.00 7.00  ? 316 ARG A NH2 1 
ATOM   1169 N N   . PHE A 1 201 ? -14.160 -1.105  6.569   1.00 12.23 ? 317 PHE A N   1 
ATOM   1170 C CA  . PHE A 1 201 ? -13.165 -1.850  5.808   1.00 14.47 ? 317 PHE A CA  1 
ATOM   1171 C C   . PHE A 1 201 ? -13.637 -3.292  5.633   1.00 15.68 ? 317 PHE A C   1 
ATOM   1172 O O   . PHE A 1 201 ? -12.993 -4.229  6.105   1.00 17.81 ? 317 PHE A O   1 
ATOM   1173 C CB  . PHE A 1 201 ? -11.804 -1.829  6.522   1.00 12.79 ? 317 PHE A CB  1 
ATOM   1174 C CG  . PHE A 1 201 ? -11.105 -0.494  6.471   1.00 11.23 ? 317 PHE A CG  1 
ATOM   1175 C CD1 . PHE A 1 201 ? -11.574 0.586   7.211   1.00 9.70  ? 317 PHE A CD1 1 
ATOM   1176 C CD2 . PHE A 1 201 ? -9.982  -0.317  5.668   1.00 9.57  ? 317 PHE A CD2 1 
ATOM   1177 C CE1 . PHE A 1 201 ? -10.935 1.826   7.150   1.00 3.26  ? 317 PHE A CE1 1 
ATOM   1178 C CE2 . PHE A 1 201 ? -9.336  0.918   5.601   1.00 6.58  ? 317 PHE A CE2 1 
ATOM   1179 C CZ  . PHE A 1 201 ? -9.814  1.990   6.344   1.00 3.69  ? 317 PHE A CZ  1 
ATOM   1180 N N   . ASP A 1 202 ? -14.769 -3.465  4.956   1.00 15.06 ? 318 ASP A N   1 
ATOM   1181 C CA  . ASP A 1 202 ? -15.321 -4.796  4.731   1.00 13.16 ? 318 ASP A CA  1 
ATOM   1182 C C   . ASP A 1 202 ? -14.784 -5.410  3.442   1.00 12.48 ? 318 ASP A C   1 
ATOM   1183 O O   . ASP A 1 202 ? -15.527 -6.031  2.681   1.00 11.67 ? 318 ASP A O   1 
ATOM   1184 C CB  . ASP A 1 202 ? -16.848 -4.728  4.676   1.00 12.33 ? 318 ASP A CB  1 
ATOM   1185 C CG  . ASP A 1 202 ? -17.344 -3.724  3.661   1.00 11.54 ? 318 ASP A CG  1 
ATOM   1186 O OD1 . ASP A 1 202 ? -16.893 -3.785  2.501   1.00 11.88 ? 318 ASP A OD1 1 
ATOM   1187 O OD2 . ASP A 1 202 ? -18.183 -2.876  4.020   1.00 10.76 ? 318 ASP A OD2 1 
ATOM   1188 N N   . ARG A 1 203 ? -13.487 -5.237  3.205   1.00 15.19 ? 319 ARG A N   1 
ATOM   1189 C CA  . ARG A 1 203 ? -12.847 -5.772  2.007   1.00 18.24 ? 319 ARG A CA  1 
ATOM   1190 C C   . ARG A 1 203 ? -11.340 -5.894  2.208   1.00 18.99 ? 319 ARG A C   1 
ATOM   1191 O O   . ARG A 1 203 ? -10.613 -4.900  2.166   1.00 18.00 ? 319 ARG A O   1 
ATOM   1192 C CB  . ARG A 1 203 ? -13.143 -4.864  0.806   1.00 21.18 ? 319 ARG A CB  1 
ATOM   1193 C CG  . ARG A 1 203 ? -12.454 -5.267  -0.498  1.00 27.94 ? 319 ARG A CG  1 
ATOM   1194 C CD  . ARG A 1 203 ? -12.774 -6.700  -0.913  1.00 34.85 ? 319 ARG A CD  1 
ATOM   1195 N NE  . ARG A 1 203 ? -12.359 -6.974  -2.288  1.00 39.00 ? 319 ARG A NE  1 
ATOM   1196 C CZ  . ARG A 1 203 ? -12.908 -6.405  -3.357  1.00 41.68 ? 319 ARG A CZ  1 
ATOM   1197 N NH1 . ARG A 1 203 ? -13.898 -5.531  -3.214  1.00 42.49 ? 319 ARG A NH1 1 
ATOM   1198 N NH2 . ARG A 1 203 ? -12.470 -6.705  -4.573  1.00 43.27 ? 319 ARG A NH2 1 
ATOM   1199 N N   . GLN A 1 204 ? -10.873 -7.118  2.430   1.00 18.51 ? 320 GLN A N   1 
ATOM   1200 C CA  . GLN A 1 204 ? -9.453  -7.358  2.635   1.00 16.62 ? 320 GLN A CA  1 
ATOM   1201 C C   . GLN A 1 204 ? -8.815  -8.010  1.414   1.00 16.28 ? 320 GLN A C   1 
ATOM   1202 O O   . GLN A 1 204 ? -9.371  -8.942  0.832   1.00 18.20 ? 320 GLN A O   1 
ATOM   1203 C CB  . GLN A 1 204 ? -9.232  -8.261  3.846   1.00 21.32 ? 320 GLN A CB  1 
ATOM   1204 C CG  . GLN A 1 204 ? -9.845  -7.767  5.142   1.00 28.70 ? 320 GLN A CG  1 
ATOM   1205 C CD  . GLN A 1 204 ? -9.469  -8.658  6.313   1.00 32.26 ? 320 GLN A CD  1 
ATOM   1206 O OE1 . GLN A 1 204 ? -10.018 -8.535  7.409   1.00 38.94 ? 320 GLN A OE1 1 
ATOM   1207 N NE2 . GLN A 1 204 ? -8.519  -9.562  6.085   1.00 28.96 ? 320 GLN A NE2 1 
ATOM   1208 N N   . ILE A 1 205 ? -7.648  -7.512  1.025   1.00 14.31 ? 321 ILE A N   1 
ATOM   1209 C CA  . ILE A 1 205 ? -6.922  -8.068  -0.108  1.00 11.31 ? 321 ILE A CA  1 
ATOM   1210 C C   . ILE A 1 205 ? -5.550  -8.507  0.390   1.00 10.41 ? 321 ILE A C   1 
ATOM   1211 O O   . ILE A 1 205 ? -4.903  -7.790  1.154   1.00 6.07  ? 321 ILE A O   1 
ATOM   1212 C CB  . ILE A 1 205 ? -6.759  -7.033  -1.242  1.00 10.96 ? 321 ILE A CB  1 
ATOM   1213 C CG1 . ILE A 1 205 ? -8.124  -6.709  -1.856  1.00 10.12 ? 321 ILE A CG1 1 
ATOM   1214 C CG2 . ILE A 1 205 ? -5.823  -7.577  -2.312  1.00 13.99 ? 321 ILE A CG2 1 
ATOM   1215 C CD1 . ILE A 1 205 ? -8.062  -5.789  -3.063  1.00 7.00  ? 321 ILE A CD1 1 
ATOM   1216 N N   . ALA A 1 206 ? -5.107  -9.684  -0.037  1.00 9.51  ? 322 ALA A N   1 
ATOM   1217 C CA  . ALA A 1 206 ? -3.819  -10.205 0.404   1.00 8.80  ? 322 ALA A CA  1 
ATOM   1218 C C   . ALA A 1 206 ? -2.654  -9.866  -0.515  1.00 10.36 ? 322 ALA A C   1 
ATOM   1219 O O   . ALA A 1 206 ? -2.647  -10.229 -1.690  1.00 10.03 ? 322 ALA A O   1 
ATOM   1220 C CB  . ALA A 1 206 ? -3.913  -11.716 0.585   1.00 6.74  ? 322 ALA A CB  1 
ATOM   1221 N N   . ILE A 1 207 ? -1.669  -9.162  0.030   1.00 9.60  ? 323 ILE A N   1 
ATOM   1222 C CA  . ILE A 1 207 ? -0.482  -8.796  -0.729  1.00 11.65 ? 323 ILE A CA  1 
ATOM   1223 C C   . ILE A 1 207 ? 0.669   -9.595  -0.125  1.00 12.54 ? 323 ILE A C   1 
ATOM   1224 O O   . ILE A 1 207 ? 1.350   -9.130  0.788   1.00 17.71 ? 323 ILE A O   1 
ATOM   1225 C CB  . ILE A 1 207 ? -0.187  -7.285  -0.613  1.00 11.99 ? 323 ILE A CB  1 
ATOM   1226 C CG1 . ILE A 1 207 ? -1.444  -6.480  -0.953  1.00 12.54 ? 323 ILE A CG1 1 
ATOM   1227 C CG2 . ILE A 1 207 ? 0.931   -6.893  -1.567  1.00 3.26  ? 323 ILE A CG2 1 
ATOM   1228 C CD1 . ILE A 1 207 ? -1.966  -6.711  -2.358  1.00 17.09 ? 323 ILE A CD1 1 
ATOM   1229 N N   . ASP A 1 208 ? 0.877   -10.803 -0.631  1.00 8.13  ? 324 ASP A N   1 
ATOM   1230 C CA  . ASP A 1 208 ? 1.923   -11.673 -0.106  1.00 8.23  ? 324 ASP A CA  1 
ATOM   1231 C C   . ASP A 1 208 ? 3.285   -11.436 -0.747  1.00 9.40  ? 324 ASP A C   1 
ATOM   1232 O O   . ASP A 1 208 ? 3.414   -10.664 -1.699  1.00 10.57 ? 324 ASP A O   1 
ATOM   1233 C CB  . ASP A 1 208 ? 1.513   -13.137 -0.292  1.00 10.24 ? 324 ASP A CB  1 
ATOM   1234 C CG  . ASP A 1 208 ? 0.070   -13.286 -0.740  1.00 14.22 ? 324 ASP A CG  1 
ATOM   1235 O OD1 . ASP A 1 208 ? -0.277  -12.717 -1.797  1.00 16.94 ? 324 ASP A OD1 1 
ATOM   1236 O OD2 . ASP A 1 208 ? -0.711  -13.970 -0.044  1.00 17.28 ? 324 ASP A OD2 1 
ATOM   1237 N N   . ALA A 1 209 ? 4.303   -12.098 -0.206  1.00 8.03  ? 325 ALA A N   1 
ATOM   1238 C CA  . ALA A 1 209 ? 5.651   -11.971 -0.741  1.00 5.47  ? 325 ALA A CA  1 
ATOM   1239 C C   . ALA A 1 209 ? 5.596   -12.499 -2.169  1.00 7.16  ? 325 ALA A C   1 
ATOM   1240 O O   . ALA A 1 209 ? 4.904   -13.479 -2.449  1.00 5.23  ? 325 ALA A O   1 
ATOM   1241 C CB  . ALA A 1 209 ? 6.633   -12.782 0.092   1.00 3.36  ? 325 ALA A CB  1 
ATOM   1242 N N   . PRO A 1 210 ? 6.319   -11.852 -3.094  1.00 7.98  ? 326 PRO A N   1 
ATOM   1243 C CA  . PRO A 1 210 ? 6.318   -12.290 -4.493  1.00 8.72  ? 326 PRO A CA  1 
ATOM   1244 C C   . PRO A 1 210 ? 6.740   -13.748 -4.676  1.00 9.06  ? 326 PRO A C   1 
ATOM   1245 O O   . PRO A 1 210 ? 7.556   -14.266 -3.918  1.00 10.95 ? 326 PRO A O   1 
ATOM   1246 C CB  . PRO A 1 210 ? 7.279   -11.306 -5.159  1.00 9.98  ? 326 PRO A CB  1 
ATOM   1247 C CG  . PRO A 1 210 ? 8.245   -10.986 -4.058  1.00 6.04  ? 326 PRO A CG  1 
ATOM   1248 C CD  . PRO A 1 210 ? 7.343   -10.816 -2.864  1.00 5.17  ? 326 PRO A CD  1 
ATOM   1249 N N   . ASP A 1 211 ? 6.168   -14.414 -5.673  1.00 8.61  ? 327 ASP A N   1 
ATOM   1250 C CA  . ASP A 1 211 ? 6.514   -15.807 -5.929  1.00 11.27 ? 327 ASP A CA  1 
ATOM   1251 C C   . ASP A 1 211 ? 7.777   -15.872 -6.778  1.00 10.28 ? 327 ASP A C   1 
ATOM   1252 O O   . ASP A 1 211 ? 8.271   -14.845 -7.242  1.00 7.97  ? 327 ASP A O   1 
ATOM   1253 C CB  . ASP A 1 211 ? 5.376   -16.528 -6.653  1.00 13.87 ? 327 ASP A CB  1 
ATOM   1254 C CG  . ASP A 1 211 ? 5.049   -15.901 -7.991  1.00 19.01 ? 327 ASP A CG  1 
ATOM   1255 O OD1 . ASP A 1 211 ? 4.416   -16.585 -8.827  1.00 20.27 ? 327 ASP A OD1 1 
ATOM   1256 O OD2 . ASP A 1 211 ? 5.419   -14.724 -8.200  1.00 21.91 ? 327 ASP A OD2 1 
ATOM   1257 N N   . VAL A 1 212 ? 8.288   -17.083 -6.982  1.00 9.59  ? 328 VAL A N   1 
ATOM   1258 C CA  . VAL A 1 212 ? 9.500   -17.288 -7.769  1.00 7.82  ? 328 VAL A CA  1 
ATOM   1259 C C   . VAL A 1 212 ? 9.589   -16.339 -8.962  1.00 9.42  ? 328 VAL A C   1 
ATOM   1260 O O   . VAL A 1 212 ? 10.582  -15.630 -9.122  1.00 11.95 ? 328 VAL A O   1 
ATOM   1261 C CB  . VAL A 1 212 ? 9.595   -18.745 -8.278  1.00 5.87  ? 328 VAL A CB  1 
ATOM   1262 C CG1 . VAL A 1 212 ? 8.353   -19.102 -9.084  1.00 8.04  ? 328 VAL A CG1 1 
ATOM   1263 C CG2 . VAL A 1 212 ? 10.849  -18.919 -9.122  1.00 5.74  ? 328 VAL A CG2 1 
ATOM   1264 N N   . LYS A 1 213 ? 8.553   -16.326 -9.794  1.00 9.02  ? 329 LYS A N   1 
ATOM   1265 C CA  . LYS A 1 213 ? 8.530   -15.459 -10.966 1.00 8.75  ? 329 LYS A CA  1 
ATOM   1266 C C   . LYS A 1 213 ? 8.532   -14.000 -10.532 1.00 9.95  ? 329 LYS A C   1 
ATOM   1267 O O   . LYS A 1 213 ? 9.296   -13.186 -11.056 1.00 10.82 ? 329 LYS A O   1 
ATOM   1268 C CB  . LYS A 1 213 ? 7.300   -15.752 -11.809 1.00 9.11  ? 329 LYS A CB  1 
ATOM   1269 N N   . GLY A 1 214 ? 7.673   -13.681 -9.569  1.00 8.85  ? 330 GLY A N   1 
ATOM   1270 C CA  . GLY A 1 214 ? 7.585   -12.321 -9.071  1.00 8.76  ? 330 GLY A CA  1 
ATOM   1271 C C   . GLY A 1 214 ? 8.952   -11.790 -8.690  1.00 5.42  ? 330 GLY A C   1 
ATOM   1272 O O   . GLY A 1 214 ? 9.368   -10.728 -9.156  1.00 3.26  ? 330 GLY A O   1 
ATOM   1273 N N   . ARG A 1 215 ? 9.651   -12.536 -7.839  1.00 4.99  ? 331 ARG A N   1 
ATOM   1274 C CA  . ARG A 1 215 ? 10.984  -12.147 -7.401  1.00 6.66  ? 331 ARG A CA  1 
ATOM   1275 C C   . ARG A 1 215 ? 11.896  -11.967 -8.608  1.00 8.71  ? 331 ARG A C   1 
ATOM   1276 O O   . ARG A 1 215 ? 12.730  -11.058 -8.643  1.00 8.52  ? 331 ARG A O   1 
ATOM   1277 C CB  . ARG A 1 215 ? 11.576  -13.208 -6.466  1.00 5.80  ? 331 ARG A CB  1 
ATOM   1278 C CG  . ARG A 1 215 ? 10.929  -13.268 -5.091  1.00 5.80  ? 331 ARG A CG  1 
ATOM   1279 C CD  . ARG A 1 215 ? 11.725  -14.160 -4.144  1.00 4.87  ? 331 ARG A CD  1 
ATOM   1280 N NE  . ARG A 1 215 ? 11.711  -15.568 -4.534  1.00 4.43  ? 331 ARG A NE  1 
ATOM   1281 C CZ  . ARG A 1 215 ? 10.676  -16.386 -4.357  1.00 5.88  ? 331 ARG A CZ  1 
ATOM   1282 N NH1 . ARG A 1 215 ? 9.563   -15.941 -3.790  1.00 3.26  ? 331 ARG A NH1 1 
ATOM   1283 N NH2 . ARG A 1 215 ? 10.755  -17.651 -4.744  1.00 9.47  ? 331 ARG A NH2 1 
ATOM   1284 N N   . GLU A 1 216 ? 11.726  -12.836 -9.599  1.00 6.93  ? 332 GLU A N   1 
ATOM   1285 C CA  . GLU A 1 216 ? 12.530  -12.784 -10.813 1.00 6.14  ? 332 GLU A CA  1 
ATOM   1286 C C   . GLU A 1 216 ? 12.369  -11.434 -11.498 1.00 5.69  ? 332 GLU A C   1 
ATOM   1287 O O   . GLU A 1 216 ? 13.349  -10.803 -11.895 1.00 4.34  ? 332 GLU A O   1 
ATOM   1288 C CB  . GLU A 1 216 ? 12.106  -13.896 -11.771 1.00 9.49  ? 332 GLU A CB  1 
ATOM   1289 C CG  . GLU A 1 216 ? 13.028  -14.057 -12.966 1.00 13.31 ? 332 GLU A CG  1 
ATOM   1290 C CD  . GLU A 1 216 ? 12.469  -15.010 -14.004 1.00 16.98 ? 332 GLU A CD  1 
ATOM   1291 O OE1 . GLU A 1 216 ? 11.450  -14.665 -14.638 1.00 16.82 ? 332 GLU A OE1 1 
ATOM   1292 O OE2 . GLU A 1 216 ? 13.047  -16.101 -14.180 1.00 15.84 ? 332 GLU A OE2 1 
ATOM   1293 N N   . GLN A 1 217 ? 11.121  -10.998 -11.634 1.00 6.09  ? 333 GLN A N   1 
ATOM   1294 C CA  . GLN A 1 217 ? 10.819  -9.722  -12.268 1.00 4.40  ? 333 GLN A CA  1 
ATOM   1295 C C   . GLN A 1 217 ? 11.464  -8.584  -11.485 1.00 3.55  ? 333 GLN A C   1 
ATOM   1296 O O   . GLN A 1 217 ? 12.106  -7.707  -12.064 1.00 5.92  ? 333 GLN A O   1 
ATOM   1297 C CB  . GLN A 1 217 ? 9.311   -9.520  -12.340 1.00 3.57  ? 333 GLN A CB  1 
ATOM   1298 N N   . ILE A 1 218 ? 11.290  -8.606  -10.168 1.00 3.26  ? 334 ILE A N   1 
ATOM   1299 C CA  . ILE A 1 218 ? 11.851  -7.578  -9.301  1.00 3.26  ? 334 ILE A CA  1 
ATOM   1300 C C   . ILE A 1 218 ? 13.366  -7.481  -9.458  1.00 4.59  ? 334 ILE A C   1 
ATOM   1301 O O   . ILE A 1 218 ? 13.910  -6.392  -9.644  1.00 5.21  ? 334 ILE A O   1 
ATOM   1302 C CB  . ILE A 1 218 ? 11.529  -7.861  -7.821  1.00 3.26  ? 334 ILE A CB  1 
ATOM   1303 C CG1 . ILE A 1 218 ? 10.016  -7.998  -7.634  1.00 3.26  ? 334 ILE A CG1 1 
ATOM   1304 C CG2 . ILE A 1 218 ? 12.052  -6.728  -6.948  1.00 4.19  ? 334 ILE A CG2 1 
ATOM   1305 C CD1 . ILE A 1 218 ? 9.606   -8.369  -6.224  1.00 3.29  ? 334 ILE A CD1 1 
ATOM   1306 N N   . LEU A 1 219 ? 14.040  -8.625  -9.387  1.00 5.36  ? 335 LEU A N   1 
ATOM   1307 C CA  . LEU A 1 219 ? 15.491  -8.667  -9.517  1.00 3.28  ? 335 LEU A CA  1 
ATOM   1308 C C   . LEU A 1 219 ? 15.990  -8.153  -10.864 1.00 3.26  ? 335 LEU A C   1 
ATOM   1309 O O   . LEU A 1 219 ? 17.046  -7.528  -10.935 1.00 3.26  ? 335 LEU A O   1 
ATOM   1310 C CB  . LEU A 1 219 ? 16.003  -10.092 -9.287  1.00 3.26  ? 335 LEU A CB  1 
ATOM   1311 C CG  . LEU A 1 219 ? 16.242  -10.482 -7.826  1.00 3.26  ? 335 LEU A CG  1 
ATOM   1312 C CD1 . LEU A 1 219 ? 16.608  -11.958 -7.718  1.00 3.26  ? 335 LEU A CD1 1 
ATOM   1313 C CD2 . LEU A 1 219 ? 17.348  -9.609  -7.254  1.00 3.26  ? 335 LEU A CD2 1 
ATOM   1314 N N   . ARG A 1 220 ? 15.237  -8.418  -11.928 1.00 5.67  ? 336 ARG A N   1 
ATOM   1315 C CA  . ARG A 1 220 ? 15.628  -7.970  -13.261 1.00 6.06  ? 336 ARG A CA  1 
ATOM   1316 C C   . ARG A 1 220 ? 15.466  -6.460  -13.383 1.00 4.96  ? 336 ARG A C   1 
ATOM   1317 O O   . ARG A 1 220 ? 16.305  -5.778  -13.972 1.00 6.44  ? 336 ARG A O   1 
ATOM   1318 C CB  . ARG A 1 220 ? 14.780  -8.671  -14.331 1.00 6.13  ? 336 ARG A CB  1 
ATOM   1319 C CG  . ARG A 1 220 ? 15.025  -10.176 -14.447 1.00 9.06  ? 336 ARG A CG  1 
ATOM   1320 C CD  . ARG A 1 220 ? 14.055  -10.823 -15.437 1.00 20.47 ? 336 ARG A CD  1 
ATOM   1321 N NE  . ARG A 1 220 ? 14.188  -12.279 -15.504 1.00 27.37 ? 336 ARG A NE  1 
ATOM   1322 C CZ  . ARG A 1 220 ? 15.109  -12.921 -16.220 1.00 31.97 ? 336 ARG A CZ  1 
ATOM   1323 N NH1 . ARG A 1 220 ? 15.994  -12.241 -16.946 1.00 30.93 ? 336 ARG A NH1 1 
ATOM   1324 N NH2 . ARG A 1 220 ? 15.145  -14.248 -16.220 1.00 28.63 ? 336 ARG A NH2 1 
ATOM   1325 N N   . ILE A 1 221 ? 14.380  -5.944  -12.821 1.00 3.26  ? 337 ILE A N   1 
ATOM   1326 C CA  . ILE A 1 221 ? 14.110  -4.517  -12.870 1.00 3.26  ? 337 ILE A CA  1 
ATOM   1327 C C   . ILE A 1 221 ? 15.219  -3.714  -12.195 1.00 3.26  ? 337 ILE A C   1 
ATOM   1328 O O   . ILE A 1 221 ? 15.673  -2.700  -12.727 1.00 3.26  ? 337 ILE A O   1 
ATOM   1329 C CB  . ILE A 1 221 ? 12.780  -4.183  -12.181 1.00 3.26  ? 337 ILE A CB  1 
ATOM   1330 C CG1 . ILE A 1 221 ? 11.632  -4.897  -12.897 1.00 4.42  ? 337 ILE A CG1 1 
ATOM   1331 C CG2 . ILE A 1 221 ? 12.560  -2.679  -12.186 1.00 3.26  ? 337 ILE A CG2 1 
ATOM   1332 C CD1 . ILE A 1 221 ? 10.281  -4.660  -12.265 1.00 9.11  ? 337 ILE A CD1 1 
ATOM   1333 N N   . HIS A 1 222 ? 15.650  -4.171  -11.022 1.00 6.20  ? 338 HIS A N   1 
ATOM   1334 C CA  . HIS A 1 222 ? 16.705  -3.493  -10.271 1.00 8.30  ? 338 HIS A CA  1 
ATOM   1335 C C   . HIS A 1 222 ? 18.101  -3.795  -10.799 1.00 9.52  ? 338 HIS A C   1 
ATOM   1336 O O   . HIS A 1 222 ? 19.027  -3.001  -10.620 1.00 10.57 ? 338 HIS A O   1 
ATOM   1337 C CB  . HIS A 1 222 ? 16.642  -3.882  -8.790  1.00 14.00 ? 338 HIS A CB  1 
ATOM   1338 C CG  . HIS A 1 222 ? 15.543  -3.198  -8.029  1.00 25.19 ? 338 HIS A CG  1 
ATOM   1339 N ND1 . HIS A 1 222 ? 15.459  -1.827  -7.929  1.00 29.13 ? 338 HIS A ND1 1 
ATOM   1340 C CD2 . HIS A 1 222 ? 14.504  -3.702  -7.336  1.00 28.61 ? 338 HIS A CD2 1 
ATOM   1341 C CE1 . HIS A 1 222 ? 14.401  -1.516  -7.196  1.00 32.65 ? 338 HIS A CE1 1 
ATOM   1342 N NE2 . HIS A 1 222 ? 13.805  -2.625  -6.824  1.00 33.40 ? 338 HIS A NE2 1 
ATOM   1343 N N   . ALA A 1 223 ? 18.249  -4.940  -11.451 1.00 7.38  ? 339 ALA A N   1 
ATOM   1344 C CA  . ALA A 1 223 ? 19.540  -5.351  -11.986 1.00 5.73  ? 339 ALA A CA  1 
ATOM   1345 C C   . ALA A 1 223 ? 19.980  -4.561  -13.214 1.00 7.17  ? 339 ALA A C   1 
ATOM   1346 O O   . ALA A 1 223 ? 21.167  -4.523  -13.532 1.00 8.48  ? 339 ALA A O   1 
ATOM   1347 C CB  . ALA A 1 223 ? 19.510  -6.842  -12.316 1.00 3.26  ? 339 ALA A CB  1 
ATOM   1348 N N   . ARG A 1 224 ? 19.037  -3.935  -13.909 1.00 10.40 ? 340 ARG A N   1 
ATOM   1349 C CA  . ARG A 1 224 ? 19.381  -3.179  -15.110 1.00 12.44 ? 340 ARG A CA  1 
ATOM   1350 C C   . ARG A 1 224 ? 20.214  -1.925  -14.878 1.00 14.24 ? 340 ARG A C   1 
ATOM   1351 O O   . ARG A 1 224 ? 21.044  -1.567  -15.714 1.00 17.41 ? 340 ARG A O   1 
ATOM   1352 C CB  . ARG A 1 224 ? 18.122  -2.818  -15.898 1.00 11.52 ? 340 ARG A CB  1 
ATOM   1353 C CG  . ARG A 1 224 ? 17.579  -3.983  -16.703 1.00 12.65 ? 340 ARG A CG  1 
ATOM   1354 C CD  . ARG A 1 224 ? 16.724  -3.522  -17.873 1.00 17.53 ? 340 ARG A CD  1 
ATOM   1355 N NE  . ARG A 1 224 ? 16.469  -4.620  -18.802 1.00 23.22 ? 340 ARG A NE  1 
ATOM   1356 C CZ  . ARG A 1 224 ? 15.796  -4.504  -19.943 1.00 25.96 ? 340 ARG A CZ  1 
ATOM   1357 N NH1 . ARG A 1 224 ? 15.297  -3.332  -20.314 1.00 29.06 ? 340 ARG A NH1 1 
ATOM   1358 N NH2 . ARG A 1 224 ? 15.625  -5.564  -20.720 1.00 27.79 ? 340 ARG A NH2 1 
ATOM   1359 N N   . GLY A 1 225 ? 19.984  -1.250  -13.759 1.00 15.86 ? 341 GLY A N   1 
ATOM   1360 C CA  . GLY A 1 225 ? 20.748  -0.054  -13.463 1.00 17.02 ? 341 GLY A CA  1 
ATOM   1361 C C   . GLY A 1 225 ? 22.013  -0.441  -12.726 1.00 17.35 ? 341 GLY A C   1 
ATOM   1362 O O   . GLY A 1 225 ? 22.793  0.414   -12.302 1.00 19.59 ? 341 GLY A O   1 
ATOM   1363 N N   . LYS A 1 226 ? 22.220  -1.744  -12.582 1.00 17.21 ? 342 LYS A N   1 
ATOM   1364 C CA  . LYS A 1 226 ? 23.389  -2.249  -11.878 1.00 14.25 ? 342 LYS A CA  1 
ATOM   1365 C C   . LYS A 1 226 ? 24.168  -3.261  -12.722 1.00 12.67 ? 342 LYS A C   1 
ATOM   1366 O O   . LYS A 1 226 ? 23.580  -4.121  -13.368 1.00 15.77 ? 342 LYS A O   1 
ATOM   1367 C CB  . LYS A 1 226 ? 22.941  -2.884  -10.563 1.00 14.16 ? 342 LYS A CB  1 
ATOM   1368 C CG  . LYS A 1 226 ? 23.879  -2.614  -9.407  1.00 11.85 ? 342 LYS A CG  1 
ATOM   1369 C CD  . LYS A 1 226 ? 23.158  -2.748  -8.079  1.00 9.87  ? 342 LYS A CD  1 
ATOM   1370 C CE  . LYS A 1 226 ? 21.960  -1.811  -8.018  1.00 5.01  ? 342 LYS A CE  1 
ATOM   1371 N NZ  . LYS A 1 226 ? 21.955  -1.016  -6.766  1.00 3.26  ? 342 LYS A NZ  1 
ATOM   1372 N N   . PRO A 1 227 ? 25.506  -3.158  -12.737 1.00 11.83 ? 343 PRO A N   1 
ATOM   1373 C CA  . PRO A 1 227 ? 26.365  -4.070  -13.505 1.00 12.30 ? 343 PRO A CA  1 
ATOM   1374 C C   . PRO A 1 227 ? 26.309  -5.502  -12.980 1.00 13.39 ? 343 PRO A C   1 
ATOM   1375 O O   . PRO A 1 227 ? 26.092  -5.723  -11.790 1.00 16.69 ? 343 PRO A O   1 
ATOM   1376 C CB  . PRO A 1 227 ? 27.760  -3.475  -13.325 1.00 8.00  ? 343 PRO A CB  1 
ATOM   1377 C CG  . PRO A 1 227 ? 27.506  -2.031  -13.128 1.00 7.93  ? 343 PRO A CG  1 
ATOM   1378 C CD  . PRO A 1 227 ? 26.290  -2.028  -12.213 1.00 12.09 ? 343 PRO A CD  1 
ATOM   1379 N N   . LEU A 1 228 ? 26.529  -6.470  -13.863 1.00 10.35 ? 344 LEU A N   1 
ATOM   1380 C CA  . LEU A 1 228 ? 26.500  -7.873  -13.465 1.00 9.73  ? 344 LEU A CA  1 
ATOM   1381 C C   . LEU A 1 228 ? 27.374  -8.729  -14.381 1.00 11.15 ? 344 LEU A C   1 
ATOM   1382 O O   . LEU A 1 228 ? 27.507  -8.441  -15.568 1.00 10.30 ? 344 LEU A O   1 
ATOM   1383 C CB  . LEU A 1 228 ? 25.063  -8.398  -13.517 1.00 11.21 ? 344 LEU A CB  1 
ATOM   1384 C CG  . LEU A 1 228 ? 23.991  -7.740  -12.645 1.00 10.09 ? 344 LEU A CG  1 
ATOM   1385 C CD1 . LEU A 1 228 ? 22.620  -8.240  -13.072 1.00 7.54  ? 344 LEU A CD1 1 
ATOM   1386 C CD2 . LEU A 1 228 ? 24.243  -8.050  -11.176 1.00 11.79 ? 344 LEU A CD2 1 
ATOM   1387 N N   . ALA A 1 229 ? 27.967  -9.784  -13.834 1.00 12.80 ? 345 ALA A N   1 
ATOM   1388 C CA  . ALA A 1 229 ? 28.796  -10.667 -14.643 1.00 13.51 ? 345 ALA A CA  1 
ATOM   1389 C C   . ALA A 1 229 ? 27.885  -11.704 -15.294 1.00 15.50 ? 345 ALA A C   1 
ATOM   1390 O O   . ALA A 1 229 ? 26.798  -11.989 -14.789 1.00 16.31 ? 345 ALA A O   1 
ATOM   1391 C CB  . ALA A 1 229 ? 29.848  -11.353 -13.777 1.00 12.78 ? 345 ALA A CB  1 
ATOM   1392 N N   . GLU A 1 230 ? 28.322  -12.261 -16.417 1.00 17.68 ? 346 GLU A N   1 
ATOM   1393 C CA  . GLU A 1 230 ? 27.525  -13.259 -17.118 1.00 20.55 ? 346 GLU A CA  1 
ATOM   1394 C C   . GLU A 1 230 ? 27.246  -14.469 -16.230 1.00 21.46 ? 346 GLU A C   1 
ATOM   1395 O O   . GLU A 1 230 ? 26.276  -15.195 -16.445 1.00 20.11 ? 346 GLU A O   1 
ATOM   1396 C CB  . GLU A 1 230 ? 28.240  -13.699 -18.392 1.00 21.29 ? 346 GLU A CB  1 
ATOM   1397 N N   . ASP A 1 231 ? 28.096  -14.678 -15.230 1.00 22.33 ? 347 ASP A N   1 
ATOM   1398 C CA  . ASP A 1 231 ? 27.943  -15.811 -14.325 1.00 23.71 ? 347 ASP A CA  1 
ATOM   1399 C C   . ASP A 1 231 ? 26.699  -15.678 -13.450 1.00 23.44 ? 347 ASP A C   1 
ATOM   1400 O O   . ASP A 1 231 ? 26.171  -16.673 -12.952 1.00 25.70 ? 347 ASP A O   1 
ATOM   1401 C CB  . ASP A 1 231 ? 29.180  -15.947 -13.432 1.00 30.18 ? 347 ASP A CB  1 
ATOM   1402 C CG  . ASP A 1 231 ? 29.127  -15.042 -12.216 1.00 35.20 ? 347 ASP A CG  1 
ATOM   1403 O OD1 . ASP A 1 231 ? 28.988  -13.813 -12.386 1.00 37.90 ? 347 ASP A OD1 1 
ATOM   1404 O OD2 . ASP A 1 231 ? 29.230  -15.566 -11.086 1.00 39.76 ? 347 ASP A OD2 1 
ATOM   1405 N N   . VAL A 1 232 ? 26.237  -14.446 -13.268 1.00 17.38 ? 348 VAL A N   1 
ATOM   1406 C CA  . VAL A 1 232 ? 25.061  -14.181 -12.449 1.00 9.95  ? 348 VAL A CA  1 
ATOM   1407 C C   . VAL A 1 232 ? 23.772  -14.652 -13.107 1.00 10.13 ? 348 VAL A C   1 
ATOM   1408 O O   . VAL A 1 232 ? 23.378  -14.153 -14.159 1.00 10.14 ? 348 VAL A O   1 
ATOM   1409 C CB  . VAL A 1 232 ? 24.929  -12.683 -12.144 1.00 9.92  ? 348 VAL A CB  1 
ATOM   1410 C CG1 . VAL A 1 232 ? 23.662  -12.425 -11.345 1.00 7.20  ? 348 VAL A CG1 1 
ATOM   1411 C CG2 . VAL A 1 232 ? 26.146  -12.212 -11.373 1.00 10.40 ? 348 VAL A CG2 1 
ATOM   1412 N N   . ASP A 1 233 ? 23.115  -15.611 -12.468 1.00 10.00 ? 349 ASP A N   1 
ATOM   1413 C CA  . ASP A 1 233 ? 21.866  -16.160 -12.977 1.00 11.50 ? 349 ASP A CA  1 
ATOM   1414 C C   . ASP A 1 233 ? 20.691  -15.669 -12.140 1.00 9.84  ? 349 ASP A C   1 
ATOM   1415 O O   . ASP A 1 233 ? 20.424  -16.185 -11.053 1.00 7.91  ? 349 ASP A O   1 
ATOM   1416 C CB  . ASP A 1 233 ? 21.925  -17.688 -12.954 1.00 18.54 ? 349 ASP A CB  1 
ATOM   1417 C CG  . ASP A 1 233 ? 20.640  -18.339 -13.436 1.00 19.70 ? 349 ASP A CG  1 
ATOM   1418 O OD1 . ASP A 1 233 ? 20.568  -19.587 -13.398 1.00 23.69 ? 349 ASP A OD1 1 
ATOM   1419 O OD2 . ASP A 1 233 ? 19.708  -17.617 -13.851 1.00 17.56 ? 349 ASP A OD2 1 
ATOM   1420 N N   . LEU A 1 234 ? 19.995  -14.663 -12.659 1.00 10.05 ? 350 LEU A N   1 
ATOM   1421 C CA  . LEU A 1 234 ? 18.844  -14.089 -11.979 1.00 10.37 ? 350 LEU A CA  1 
ATOM   1422 C C   . LEU A 1 234 ? 17.787  -15.139 -11.655 1.00 11.99 ? 350 LEU A C   1 
ATOM   1423 O O   . LEU A 1 234 ? 17.385  -15.282 -10.500 1.00 11.50 ? 350 LEU A O   1 
ATOM   1424 C CB  . LEU A 1 234 ? 18.241  -12.977 -12.841 1.00 6.59  ? 350 LEU A CB  1 
ATOM   1425 C CG  . LEU A 1 234 ? 18.696  -11.547 -12.529 1.00 3.26  ? 350 LEU A CG  1 
ATOM   1426 C CD1 . LEU A 1 234 ? 20.197  -11.487 -12.259 1.00 3.26  ? 350 LEU A CD1 1 
ATOM   1427 C CD2 . LEU A 1 234 ? 18.304  -10.651 -13.691 1.00 3.70  ? 350 LEU A CD2 1 
ATOM   1428 N N   . ALA A 1 235 ? 17.341  -15.869 -12.675 1.00 14.28 ? 351 ALA A N   1 
ATOM   1429 C CA  . ALA A 1 235 ? 16.336  -16.914 -12.501 1.00 13.80 ? 351 ALA A CA  1 
ATOM   1430 C C   . ALA A 1 235 ? 16.652  -17.750 -11.265 1.00 12.80 ? 351 ALA A C   1 
ATOM   1431 O O   . ALA A 1 235 ? 15.777  -18.019 -10.442 1.00 10.16 ? 351 ALA A O   1 
ATOM   1432 C CB  . ALA A 1 235 ? 16.293  -17.804 -13.736 1.00 17.96 ? 351 ALA A CB  1 
ATOM   1433 N N   . LEU A 1 236 ? 17.913  -18.156 -11.148 1.00 12.72 ? 352 LEU A N   1 
ATOM   1434 C CA  . LEU A 1 236 ? 18.376  -18.950 -10.015 1.00 14.87 ? 352 LEU A CA  1 
ATOM   1435 C C   . LEU A 1 236 ? 18.234  -18.148 -8.727  1.00 14.62 ? 352 LEU A C   1 
ATOM   1436 O O   . LEU A 1 236 ? 17.671  -18.627 -7.743  1.00 15.92 ? 352 LEU A O   1 
ATOM   1437 C CB  . LEU A 1 236 ? 19.846  -19.339 -10.209 1.00 19.89 ? 352 LEU A CB  1 
ATOM   1438 C CG  . LEU A 1 236 ? 20.566  -19.958 -9.003  1.00 21.65 ? 352 LEU A CG  1 
ATOM   1439 C CD1 . LEU A 1 236 ? 19.919  -21.287 -8.651  1.00 19.97 ? 352 LEU A CD1 1 
ATOM   1440 C CD2 . LEU A 1 236 ? 22.046  -20.148 -9.314  1.00 22.49 ? 352 LEU A CD2 1 
ATOM   1441 N N   . LEU A 1 237 ? 18.750  -16.922 -8.746  1.00 12.13 ? 353 LEU A N   1 
ATOM   1442 C CA  . LEU A 1 237 ? 18.704  -16.038 -7.585  1.00 8.33  ? 353 LEU A CA  1 
ATOM   1443 C C   . LEU A 1 237 ? 17.268  -15.856 -7.104  1.00 7.03  ? 353 LEU A C   1 
ATOM   1444 O O   . LEU A 1 237 ? 17.010  -15.766 -5.903  1.00 3.26  ? 353 LEU A O   1 
ATOM   1445 C CB  . LEU A 1 237 ? 19.306  -14.674 -7.942  1.00 3.46  ? 353 LEU A CB  1 
ATOM   1446 C CG  . LEU A 1 237 ? 19.981  -13.866 -6.827  1.00 3.26  ? 353 LEU A CG  1 
ATOM   1447 C CD1 . LEU A 1 237 ? 20.587  -12.613 -7.429  1.00 3.26  ? 353 LEU A CD1 1 
ATOM   1448 C CD2 . LEU A 1 237 ? 18.986  -13.514 -5.735  1.00 3.26  ? 353 LEU A CD2 1 
ATOM   1449 N N   . ALA A 1 238 ? 16.339  -15.802 -8.053  1.00 8.97  ? 354 ALA A N   1 
ATOM   1450 C CA  . ALA A 1 238 ? 14.927  -15.635 -7.740  1.00 8.36  ? 354 ALA A CA  1 
ATOM   1451 C C   . ALA A 1 238 ? 14.391  -16.891 -7.067  1.00 10.07 ? 354 ALA A C   1 
ATOM   1452 O O   . ALA A 1 238 ? 13.631  -16.816 -6.100  1.00 11.94 ? 354 ALA A O   1 
ATOM   1453 C CB  . ALA A 1 238 ? 14.143  -15.348 -9.013  1.00 3.26  ? 354 ALA A CB  1 
ATOM   1454 N N   . LYS A 1 239 ? 14.793  -18.048 -7.583  1.00 9.12  ? 355 LYS A N   1 
ATOM   1455 C CA  . LYS A 1 239 ? 14.359  -19.323 -7.029  1.00 7.80  ? 355 LYS A CA  1 
ATOM   1456 C C   . LYS A 1 239 ? 15.078  -19.598 -5.713  1.00 8.09  ? 355 LYS A C   1 
ATOM   1457 O O   . LYS A 1 239 ? 14.602  -20.374 -4.885  1.00 10.07 ? 355 LYS A O   1 
ATOM   1458 C CB  . LYS A 1 239 ? 14.636  -20.448 -8.019  1.00 3.26  ? 355 LYS A CB  1 
ATOM   1459 N N   . ARG A 1 240 ? 16.221  -18.949 -5.515  1.00 6.13  ? 356 ARG A N   1 
ATOM   1460 C CA  . ARG A 1 240 ? 16.998  -19.150 -4.299  1.00 9.55  ? 356 ARG A CA  1 
ATOM   1461 C C   . ARG A 1 240 ? 16.716  -18.120 -3.208  1.00 11.66 ? 356 ARG A C   1 
ATOM   1462 O O   . ARG A 1 240 ? 17.385  -18.109 -2.176  1.00 14.34 ? 356 ARG A O   1 
ATOM   1463 C CB  . ARG A 1 240 ? 18.489  -19.162 -4.630  1.00 8.04  ? 356 ARG A CB  1 
ATOM   1464 N N   . THR A 1 241 ? 15.728  -17.259 -3.428  1.00 10.48 ? 357 THR A N   1 
ATOM   1465 C CA  . THR A 1 241 ? 15.391  -16.242 -2.437  1.00 9.53  ? 357 THR A CA  1 
ATOM   1466 C C   . THR A 1 241 ? 13.941  -16.295 -1.950  1.00 11.74 ? 357 THR A C   1 
ATOM   1467 O O   . THR A 1 241 ? 13.248  -15.276 -1.922  1.00 10.52 ? 357 THR A O   1 
ATOM   1468 C CB  . THR A 1 241 ? 15.676  -14.827 -2.981  1.00 7.82  ? 357 THR A CB  1 
ATOM   1469 O OG1 . THR A 1 241 ? 15.156  -14.710 -4.312  1.00 6.46  ? 357 THR A OG1 1 
ATOM   1470 C CG2 . THR A 1 241 ? 17.167  -14.549 -2.980  1.00 3.26  ? 357 THR A CG2 1 
ATOM   1471 N N   . PRO A 1 242 ? 13.462  -17.485 -1.555  1.00 12.52 ? 358 PRO A N   1 
ATOM   1472 C CA  . PRO A 1 242 ? 12.083  -17.608 -1.073  1.00 11.88 ? 358 PRO A CA  1 
ATOM   1473 C C   . PRO A 1 242 ? 11.871  -16.839 0.228   1.00 11.60 ? 358 PRO A C   1 
ATOM   1474 O O   . PRO A 1 242 ? 12.544  -17.096 1.228   1.00 12.06 ? 358 PRO A O   1 
ATOM   1475 C CB  . PRO A 1 242 ? 11.919  -19.114 -0.876  1.00 11.46 ? 358 PRO A CB  1 
ATOM   1476 C CG  . PRO A 1 242 ? 12.853  -19.689 -1.892  1.00 14.56 ? 358 PRO A CG  1 
ATOM   1477 C CD  . PRO A 1 242 ? 14.068  -18.818 -1.714  1.00 12.48 ? 358 PRO A CD  1 
ATOM   1478 N N   . GLY A 1 243 ? 10.935  -15.897 0.207   1.00 7.31  ? 359 GLY A N   1 
ATOM   1479 C CA  . GLY A 1 243 ? 10.657  -15.116 1.396   1.00 4.64  ? 359 GLY A CA  1 
ATOM   1480 C C   . GLY A 1 243 ? 11.084  -13.667 1.274   1.00 6.36  ? 359 GLY A C   1 
ATOM   1481 O O   . GLY A 1 243 ? 10.578  -12.804 1.989   1.00 5.50  ? 359 GLY A O   1 
ATOM   1482 N N   . PHE A 1 244 ? 12.020  -13.397 0.370   1.00 9.48  ? 360 PHE A N   1 
ATOM   1483 C CA  . PHE A 1 244 ? 12.515  -12.039 0.157   1.00 8.33  ? 360 PHE A CA  1 
ATOM   1484 C C   . PHE A 1 244 ? 11.433  -11.112 -0.385  1.00 7.21  ? 360 PHE A C   1 
ATOM   1485 O O   . PHE A 1 244 ? 10.723  -11.458 -1.329  1.00 9.35  ? 360 PHE A O   1 
ATOM   1486 C CB  . PHE A 1 244 ? 13.694  -12.058 -0.819  1.00 7.36  ? 360 PHE A CB  1 
ATOM   1487 C CG  . PHE A 1 244 ? 14.981  -12.528 -0.211  1.00 4.20  ? 360 PHE A CG  1 
ATOM   1488 C CD1 . PHE A 1 244 ? 15.052  -13.744 0.462   1.00 3.94  ? 360 PHE A CD1 1 
ATOM   1489 C CD2 . PHE A 1 244 ? 16.131  -11.755 -0.318  1.00 3.39  ? 360 PHE A CD2 1 
ATOM   1490 C CE1 . PHE A 1 244 ? 16.252  -14.183 1.016   1.00 5.13  ? 360 PHE A CE1 1 
ATOM   1491 C CE2 . PHE A 1 244 ? 17.334  -12.184 0.231   1.00 3.26  ? 360 PHE A CE2 1 
ATOM   1492 C CZ  . PHE A 1 244 ? 17.395  -13.399 0.901   1.00 3.26  ? 360 PHE A CZ  1 
ATOM   1493 N N   . VAL A 1 245 ? 11.316  -9.930  0.214   1.00 5.72  ? 361 VAL A N   1 
ATOM   1494 C CA  . VAL A 1 245 ? 10.333  -8.941  -0.214  1.00 4.49  ? 361 VAL A CA  1 
ATOM   1495 C C   . VAL A 1 245 ? 10.976  -8.040  -1.264  1.00 4.90  ? 361 VAL A C   1 
ATOM   1496 O O   . VAL A 1 245 ? 12.180  -8.126  -1.502  1.00 5.00  ? 361 VAL A O   1 
ATOM   1497 C CB  . VAL A 1 245 ? 9.871   -8.111  0.979   1.00 3.26  ? 361 VAL A CB  1 
ATOM   1498 N N   . GLY A 1 246 ? 10.179  -7.182  -1.892  1.00 6.67  ? 362 GLY A N   1 
ATOM   1499 C CA  . GLY A 1 246 ? 10.718  -6.291  -2.903  1.00 8.62  ? 362 GLY A CA  1 
ATOM   1500 C C   . GLY A 1 246 ? 11.952  -5.540  -2.435  1.00 10.32 ? 362 GLY A C   1 
ATOM   1501 O O   . GLY A 1 246 ? 12.954  -5.469  -3.147  1.00 10.85 ? 362 GLY A O   1 
ATOM   1502 N N   . ALA A 1 247 ? 11.889  -4.982  -1.229  1.00 8.85  ? 363 ALA A N   1 
ATOM   1503 C CA  . ALA A 1 247 ? 13.012  -4.227  -0.686  1.00 9.37  ? 363 ALA A CA  1 
ATOM   1504 C C   . ALA A 1 247 ? 14.175  -5.119  -0.268  1.00 10.71 ? 363 ALA A C   1 
ATOM   1505 O O   . ALA A 1 247 ? 15.266  -4.629  0.023   1.00 12.12 ? 363 ALA A O   1 
ATOM   1506 C CB  . ALA A 1 247 ? 12.553  -3.384  0.496   1.00 11.87 ? 363 ALA A CB  1 
ATOM   1507 N N   . ASP A 1 248 ? 13.949  -6.428  -0.229  1.00 7.86  ? 364 ASP A N   1 
ATOM   1508 C CA  . ASP A 1 248 ? 15.013  -7.348  0.150   1.00 7.79  ? 364 ASP A CA  1 
ATOM   1509 C C   . ASP A 1 248 ? 15.889  -7.685  -1.038  1.00 8.95  ? 364 ASP A C   1 
ATOM   1510 O O   . ASP A 1 248 ? 17.113  -7.727  -0.927  1.00 11.21 ? 364 ASP A O   1 
ATOM   1511 C CB  . ASP A 1 248 ? 14.437  -8.637  0.729   1.00 5.20  ? 364 ASP A CB  1 
ATOM   1512 C CG  . ASP A 1 248 ? 13.930  -8.456  2.133   1.00 3.71  ? 364 ASP A CG  1 
ATOM   1513 O OD1 . ASP A 1 248 ? 14.731  -8.035  2.996   1.00 3.26  ? 364 ASP A OD1 1 
ATOM   1514 O OD2 . ASP A 1 248 ? 12.736  -8.733  2.373   1.00 6.18  ? 364 ASP A OD2 1 
ATOM   1515 N N   . LEU A 1 249 ? 15.252  -7.931  -2.177  1.00 5.92  ? 365 LEU A N   1 
ATOM   1516 C CA  . LEU A 1 249 ? 15.979  -8.264  -3.390  1.00 3.99  ? 365 LEU A CA  1 
ATOM   1517 C C   . LEU A 1 249 ? 16.784  -7.061  -3.853  1.00 4.56  ? 365 LEU A C   1 
ATOM   1518 O O   . LEU A 1 249 ? 17.715  -7.191  -4.647  1.00 5.18  ? 365 LEU A O   1 
ATOM   1519 C CB  . LEU A 1 249 ? 15.006  -8.699  -4.481  1.00 3.26  ? 365 LEU A CB  1 
ATOM   1520 C CG  . LEU A 1 249 ? 14.197  -9.960  -4.173  1.00 3.26  ? 365 LEU A CG  1 
ATOM   1521 C CD1 . LEU A 1 249 ? 13.188  -10.182 -5.284  1.00 3.26  ? 365 LEU A CD1 1 
ATOM   1522 C CD2 . LEU A 1 249 ? 15.126  -11.161 -4.024  1.00 3.26  ? 365 LEU A CD2 1 
ATOM   1523 N N   . GLU A 1 250 ? 16.410  -5.889  -3.350  1.00 7.00  ? 366 GLU A N   1 
ATOM   1524 C CA  . GLU A 1 250 ? 17.100  -4.651  -3.680  1.00 8.62  ? 366 GLU A CA  1 
ATOM   1525 C C   . GLU A 1 250 ? 18.441  -4.677  -2.959  1.00 6.95  ? 366 GLU A C   1 
ATOM   1526 O O   . GLU A 1 250 ? 19.492  -4.545  -3.584  1.00 8.17  ? 366 GLU A O   1 
ATOM   1527 C CB  . GLU A 1 250 ? 16.283  -3.445  -3.210  1.00 11.34 ? 366 GLU A CB  1 
ATOM   1528 C CG  . GLU A 1 250 ? 15.754  -2.561  -4.324  1.00 19.39 ? 366 GLU A CG  1 
ATOM   1529 C CD  . GLU A 1 250 ? 14.908  -1.416  -3.796  1.00 24.49 ? 366 GLU A CD  1 
ATOM   1530 O OE1 . GLU A 1 250 ? 15.436  -0.595  -3.016  1.00 24.06 ? 366 GLU A OE1 1 
ATOM   1531 O OE2 . GLU A 1 250 ? 13.714  -1.338  -4.158  1.00 29.16 ? 366 GLU A OE2 1 
ATOM   1532 N N   . ASN A 1 251 ? 18.400  -4.855  -1.642  1.00 5.85  ? 367 ASN A N   1 
ATOM   1533 C CA  . ASN A 1 251 ? 19.624  -4.910  -0.854  1.00 7.87  ? 367 ASN A CA  1 
ATOM   1534 C C   . ASN A 1 251 ? 20.616  -5.857  -1.492  1.00 7.88  ? 367 ASN A C   1 
ATOM   1535 O O   . ASN A 1 251 ? 21.694  -5.451  -1.913  1.00 9.88  ? 367 ASN A O   1 
ATOM   1536 C CB  . ASN A 1 251 ? 19.340  -5.397  0.564   1.00 10.02 ? 367 ASN A CB  1 
ATOM   1537 C CG  . ASN A 1 251 ? 19.182  -4.266  1.538   1.00 11.89 ? 367 ASN A CG  1 
ATOM   1538 O OD1 . ASN A 1 251 ? 18.301  -3.426  1.383   1.00 16.33 ? 367 ASN A OD1 1 
ATOM   1539 N ND2 . ASN A 1 251 ? 20.043  -4.228  2.550   1.00 12.04 ? 367 ASN A ND2 1 
ATOM   1540 N N   . LEU A 1 252 ? 20.228  -7.126  -1.553  1.00 5.94  ? 368 LEU A N   1 
ATOM   1541 C CA  . LEU A 1 252 ? 21.056  -8.176  -2.127  1.00 4.83  ? 368 LEU A CA  1 
ATOM   1542 C C   . LEU A 1 252 ? 21.868  -7.640  -3.300  1.00 4.70  ? 368 LEU A C   1 
ATOM   1543 O O   . LEU A 1 252 ? 23.077  -7.851  -3.372  1.00 7.49  ? 368 LEU A O   1 
ATOM   1544 C CB  . LEU A 1 252 ? 20.169  -9.337  -2.583  1.00 3.26  ? 368 LEU A CB  1 
ATOM   1545 C CG  . LEU A 1 252 ? 20.694  -10.766 -2.407  1.00 3.26  ? 368 LEU A CG  1 
ATOM   1546 C CD1 . LEU A 1 252 ? 19.603  -11.735 -2.831  1.00 3.26  ? 368 LEU A CD1 1 
ATOM   1547 C CD2 . LEU A 1 252 ? 21.962  -10.986 -3.222  1.00 3.26  ? 368 LEU A CD2 1 
ATOM   1548 N N   . LEU A 1 253 ? 21.199  -6.941  -4.212  1.00 3.26  ? 369 LEU A N   1 
ATOM   1549 C CA  . LEU A 1 253 ? 21.863  -6.364  -5.375  1.00 3.26  ? 369 LEU A CA  1 
ATOM   1550 C C   . LEU A 1 253 ? 22.701  -5.154  -4.990  1.00 3.61  ? 369 LEU A C   1 
ATOM   1551 O O   . LEU A 1 253 ? 23.898  -5.106  -5.266  1.00 3.26  ? 369 LEU A O   1 
ATOM   1552 C CB  . LEU A 1 253 ? 20.832  -5.951  -6.427  1.00 3.26  ? 369 LEU A CB  1 
ATOM   1553 C CG  . LEU A 1 253 ? 20.188  -7.074  -7.241  1.00 3.26  ? 369 LEU A CG  1 
ATOM   1554 C CD1 . LEU A 1 253 ? 19.019  -6.520  -8.034  1.00 3.26  ? 369 LEU A CD1 1 
ATOM   1555 C CD2 . LEU A 1 253 ? 21.226  -7.707  -8.156  1.00 3.26  ? 369 LEU A CD2 1 
ATOM   1556 N N   . ASN A 1 254 ? 22.063  -4.174  -4.357  1.00 7.28  ? 370 ASN A N   1 
ATOM   1557 C CA  . ASN A 1 254 ? 22.750  -2.960  -3.930  1.00 5.83  ? 370 ASN A CA  1 
ATOM   1558 C C   . ASN A 1 254 ? 23.942  -3.288  -3.037  1.00 6.00  ? 370 ASN A C   1 
ATOM   1559 O O   . ASN A 1 254 ? 24.989  -2.649  -3.123  1.00 7.70  ? 370 ASN A O   1 
ATOM   1560 C CB  . ASN A 1 254 ? 21.791  -2.045  -3.159  1.00 6.43  ? 370 ASN A CB  1 
ATOM   1561 C CG  . ASN A 1 254 ? 20.724  -1.431  -4.045  1.00 8.13  ? 370 ASN A CG  1 
ATOM   1562 O OD1 . ASN A 1 254 ? 19.912  -2.136  -4.645  1.00 16.68 ? 370 ASN A OD1 1 
ATOM   1563 N ND2 . ASN A 1 254 ? 20.717  -0.105  -4.126  1.00 9.32  ? 370 ASN A ND2 1 
ATOM   1564 N N   . GLU A 1 255 ? 23.772  -4.288  -2.181  1.00 3.64  ? 371 GLU A N   1 
ATOM   1565 C CA  . GLU A 1 255 ? 24.810  -4.705  -1.251  1.00 5.05  ? 371 GLU A CA  1 
ATOM   1566 C C   . GLU A 1 255 ? 25.931  -5.441  -1.977  1.00 6.12  ? 371 GLU A C   1 
ATOM   1567 O O   . GLU A 1 255 ? 27.110  -5.203  -1.716  1.00 5.77  ? 371 GLU A O   1 
ATOM   1568 C CB  . GLU A 1 255 ? 24.191  -5.601  -0.175  1.00 7.25  ? 371 GLU A CB  1 
ATOM   1569 C CG  . GLU A 1 255 ? 24.861  -5.521  1.186   1.00 13.00 ? 371 GLU A CG  1 
ATOM   1570 C CD  . GLU A 1 255 ? 23.955  -6.015  2.299   1.00 14.81 ? 371 GLU A CD  1 
ATOM   1571 O OE1 . GLU A 1 255 ? 24.396  -6.042  3.465   1.00 18.27 ? 371 GLU A OE1 1 
ATOM   1572 O OE2 . GLU A 1 255 ? 22.794  -6.374  2.005   1.00 17.78 ? 371 GLU A OE2 1 
ATOM   1573 N N   . ALA A 1 256 ? 25.557  -6.331  -2.892  1.00 5.09  ? 372 ALA A N   1 
ATOM   1574 C CA  . ALA A 1 256 ? 26.533  -7.094  -3.659  1.00 3.26  ? 372 ALA A CA  1 
ATOM   1575 C C   . ALA A 1 256 ? 27.386  -6.152  -4.498  1.00 4.48  ? 372 ALA A C   1 
ATOM   1576 O O   . ALA A 1 256 ? 28.552  -6.433  -4.775  1.00 7.37  ? 372 ALA A O   1 
ATOM   1577 C CB  . ALA A 1 256 ? 25.825  -8.097  -4.556  1.00 3.26  ? 372 ALA A CB  1 
ATOM   1578 N N   . ALA A 1 257 ? 26.798  -5.031  -4.902  1.00 7.27  ? 373 ALA A N   1 
ATOM   1579 C CA  . ALA A 1 257 ? 27.510  -4.046  -5.705  1.00 11.21 ? 373 ALA A CA  1 
ATOM   1580 C C   . ALA A 1 257 ? 28.651  -3.457  -4.885  1.00 14.48 ? 373 ALA A C   1 
ATOM   1581 O O   . ALA A 1 257 ? 29.781  -3.349  -5.361  1.00 15.23 ? 373 ALA A O   1 
ATOM   1582 C CB  . ALA A 1 257 ? 26.555  -2.946  -6.149  1.00 9.46  ? 373 ALA A CB  1 
ATOM   1583 N N   . LEU A 1 258 ? 28.345  -3.079  -3.646  1.00 13.69 ? 374 LEU A N   1 
ATOM   1584 C CA  . LEU A 1 258 ? 29.336  -2.501  -2.745  1.00 16.05 ? 374 LEU A CA  1 
ATOM   1585 C C   . LEU A 1 258 ? 30.421  -3.523  -2.418  1.00 18.25 ? 374 LEU A C   1 
ATOM   1586 O O   . LEU A 1 258 ? 31.610  -3.203  -2.416  1.00 18.02 ? 374 LEU A O   1 
ATOM   1587 C CB  . LEU A 1 258 ? 28.659  -2.042  -1.449  1.00 14.37 ? 374 LEU A CB  1 
ATOM   1588 C CG  . LEU A 1 258 ? 27.590  -0.954  -1.573  1.00 14.41 ? 374 LEU A CG  1 
ATOM   1589 C CD1 . LEU A 1 258 ? 26.859  -0.798  -0.252  1.00 10.04 ? 374 LEU A CD1 1 
ATOM   1590 C CD2 . LEU A 1 258 ? 28.239  0.357   -1.993  1.00 14.72 ? 374 LEU A CD2 1 
ATOM   1591 N N   . LEU A 1 259 ? 29.999  -4.752  -2.141  1.00 20.73 ? 375 LEU A N   1 
ATOM   1592 C CA  . LEU A 1 259 ? 30.923  -5.830  -1.810  1.00 21.93 ? 375 LEU A CA  1 
ATOM   1593 C C   . LEU A 1 259 ? 31.947  -6.027  -2.924  1.00 23.88 ? 375 LEU A C   1 
ATOM   1594 O O   . LEU A 1 259 ? 33.100  -6.370  -2.663  1.00 26.51 ? 375 LEU A O   1 
ATOM   1595 C CB  . LEU A 1 259 ? 30.149  -7.123  -1.573  1.00 22.04 ? 375 LEU A CB  1 
ATOM   1596 N N   . ALA A 1 260 ? 31.518  -5.813  -4.165  1.00 22.11 ? 376 ALA A N   1 
ATOM   1597 C CA  . ALA A 1 260 ? 32.403  -5.959  -5.315  1.00 20.47 ? 376 ALA A CA  1 
ATOM   1598 C C   . ALA A 1 260 ? 33.195  -4.674  -5.532  1.00 20.16 ? 376 ALA A C   1 
ATOM   1599 O O   . ALA A 1 260 ? 34.404  -4.712  -5.759  1.00 16.84 ? 376 ALA A O   1 
ATOM   1600 C CB  . ALA A 1 260 ? 31.595  -6.299  -6.561  1.00 17.78 ? 376 ALA A CB  1 
ATOM   1601 N N   . ALA A 1 261 ? 32.512  -3.535  -5.457  1.00 23.34 ? 377 ALA A N   1 
ATOM   1602 C CA  . ALA A 1 261 ? 33.162  -2.242  -5.638  1.00 25.10 ? 377 ALA A CA  1 
ATOM   1603 C C   . ALA A 1 261 ? 34.246  -2.072  -4.579  1.00 28.01 ? 377 ALA A C   1 
ATOM   1604 O O   . ALA A 1 261 ? 35.160  -1.261  -4.730  1.00 29.06 ? 377 ALA A O   1 
ATOM   1605 C CB  . ALA A 1 261 ? 32.138  -1.118  -5.523  1.00 22.92 ? 377 ALA A CB  1 
ATOM   1606 N N   . ARG A 1 262 ? 34.130  -2.850  -3.509  1.00 28.80 ? 378 ARG A N   1 
ATOM   1607 C CA  . ARG A 1 262 ? 35.086  -2.810  -2.411  1.00 28.15 ? 378 ARG A CA  1 
ATOM   1608 C C   . ARG A 1 262 ? 36.393  -3.465  -2.830  1.00 27.24 ? 378 ARG A C   1 
ATOM   1609 O O   . ARG A 1 262 ? 37.477  -2.980  -2.506  1.00 28.55 ? 378 ARG A O   1 
ATOM   1610 C CB  . ARG A 1 262 ? 34.512  -3.530  -1.198  1.00 27.06 ? 378 ARG A CB  1 
ATOM   1611 N N   . GLU A 1 263 ? 36.282  -4.571  -3.556  1.00 27.95 ? 379 GLU A N   1 
ATOM   1612 C CA  . GLU A 1 263 ? 37.454  -5.301  -4.019  1.00 29.05 ? 379 GLU A CA  1 
ATOM   1613 C C   . GLU A 1 263 ? 37.923  -4.785  -5.374  1.00 27.53 ? 379 GLU A C   1 
ATOM   1614 O O   . GLU A 1 263 ? 38.389  -5.556  -6.211  1.00 27.39 ? 379 GLU A O   1 
ATOM   1615 C CB  . GLU A 1 263 ? 37.131  -6.792  -4.115  1.00 31.92 ? 379 GLU A CB  1 
ATOM   1616 C CG  . GLU A 1 263 ? 36.536  -7.370  -2.845  1.00 40.18 ? 379 GLU A CG  1 
ATOM   1617 C CD  . GLU A 1 263 ? 36.252  -8.853  -2.957  1.00 46.54 ? 379 GLU A CD  1 
ATOM   1618 O OE1 . GLU A 1 263 ? 35.645  -9.415  -2.020  1.00 52.10 ? 379 GLU A OE1 1 
ATOM   1619 O OE2 . GLU A 1 263 ? 36.638  -9.458  -3.980  1.00 50.03 ? 379 GLU A OE2 1 
ATOM   1620 N N   . GLY A 1 264 ? 37.790  -3.478  -5.587  1.00 27.87 ? 380 GLY A N   1 
ATOM   1621 C CA  . GLY A 1 264 ? 38.210  -2.880  -6.842  1.00 26.97 ? 380 GLY A CA  1 
ATOM   1622 C C   . GLY A 1 264 ? 37.595  -3.544  -8.060  1.00 28.90 ? 380 GLY A C   1 
ATOM   1623 O O   . GLY A 1 264 ? 38.050  -3.347  -9.187  1.00 31.42 ? 380 GLY A O   1 
ATOM   1624 N N   . ARG A 1 265 ? 36.552  -4.331  -7.827  1.00 29.04 ? 381 ARG A N   1 
ATOM   1625 C CA  . ARG A 1 265 ? 35.861  -5.041  -8.896  1.00 25.96 ? 381 ARG A CA  1 
ATOM   1626 C C   . ARG A 1 265 ? 34.777  -4.131  -9.467  1.00 27.39 ? 381 ARG A C   1 
ATOM   1627 O O   . ARG A 1 265 ? 34.353  -3.180  -8.810  1.00 28.42 ? 381 ARG A O   1 
ATOM   1628 C CB  . ARG A 1 265 ? 35.251  -6.321  -8.334  1.00 21.71 ? 381 ARG A CB  1 
ATOM   1629 C CG  . ARG A 1 265 ? 35.080  -7.440  -9.337  1.00 21.00 ? 381 ARG A CG  1 
ATOM   1630 C CD  . ARG A 1 265 ? 35.672  -8.721  -8.778  1.00 24.04 ? 381 ARG A CD  1 
ATOM   1631 N NE  . ARG A 1 265 ? 35.326  -8.899  -7.370  1.00 31.26 ? 381 ARG A NE  1 
ATOM   1632 C CZ  . ARG A 1 265 ? 34.084  -9.024  -6.915  1.00 34.94 ? 381 ARG A CZ  1 
ATOM   1633 N NH1 . ARG A 1 265 ? 33.060  -8.993  -7.761  1.00 36.00 ? 381 ARG A NH1 1 
ATOM   1634 N NH2 . ARG A 1 265 ? 33.867  -9.168  -5.615  1.00 34.67 ? 381 ARG A NH2 1 
ATOM   1635 N N   . ARG A 1 266 ? 34.322  -4.420  -10.682 1.00 26.13 ? 382 ARG A N   1 
ATOM   1636 C CA  . ARG A 1 266 ? 33.308  -3.585  -11.319 1.00 24.82 ? 382 ARG A CA  1 
ATOM   1637 C C   . ARG A 1 266 ? 31.903  -4.177  -11.440 1.00 22.84 ? 382 ARG A C   1 
ATOM   1638 O O   . ARG A 1 266 ? 30.914  -3.473  -11.237 1.00 22.16 ? 382 ARG A O   1 
ATOM   1639 C CB  . ARG A 1 266 ? 33.814  -3.131  -12.697 1.00 24.80 ? 382 ARG A CB  1 
ATOM   1640 C CG  . ARG A 1 266 ? 34.781  -4.106  -13.371 1.00 20.72 ? 382 ARG A CG  1 
ATOM   1641 C CD  . ARG A 1 266 ? 34.085  -5.077  -14.314 1.00 19.86 ? 382 ARG A CD  1 
ATOM   1642 N NE  . ARG A 1 266 ? 34.834  -6.327  -14.417 1.00 19.52 ? 382 ARG A NE  1 
ATOM   1643 C CZ  . ARG A 1 266 ? 34.948  -7.195  -13.417 1.00 20.75 ? 382 ARG A CZ  1 
ATOM   1644 N NH1 . ARG A 1 266 ? 34.358  -6.938  -12.257 1.00 19.73 ? 382 ARG A NH1 1 
ATOM   1645 N NH2 . ARG A 1 266 ? 35.653  -8.309  -13.568 1.00 22.04 ? 382 ARG A NH2 1 
ATOM   1646 N N   . LYS A 1 267 ? 31.812  -5.463  -11.763 1.00 19.83 ? 383 LYS A N   1 
ATOM   1647 C CA  . LYS A 1 267 ? 30.520  -6.124  -11.917 1.00 16.90 ? 383 LYS A CA  1 
ATOM   1648 C C   . LYS A 1 267 ? 30.140  -6.961  -10.698 1.00 18.02 ? 383 LYS A C   1 
ATOM   1649 O O   . LYS A 1 267 ? 30.990  -7.300  -9.874  1.00 20.68 ? 383 LYS A O   1 
ATOM   1650 C CB  . LYS A 1 267 ? 30.542  -7.028  -13.152 1.00 13.06 ? 383 LYS A CB  1 
ATOM   1651 C CG  . LYS A 1 267 ? 30.736  -6.296  -14.466 1.00 10.65 ? 383 LYS A CG  1 
ATOM   1652 C CD  . LYS A 1 267 ? 31.172  -7.254  -15.560 1.00 13.11 ? 383 LYS A CD  1 
ATOM   1653 C CE  . LYS A 1 267 ? 31.148  -6.583  -16.922 1.00 13.51 ? 383 LYS A CE  1 
ATOM   1654 N NZ  . LYS A 1 267 ? 31.923  -5.310  -16.935 1.00 20.30 ? 383 LYS A NZ  1 
ATOM   1655 N N   . ILE A 1 268 ? 28.854  -7.289  -10.598 1.00 14.17 ? 384 ILE A N   1 
ATOM   1656 C CA  . ILE A 1 268 ? 28.342  -8.104  -9.503  1.00 9.76  ? 384 ILE A CA  1 
ATOM   1657 C C   . ILE A 1 268 ? 28.408  -9.564  -9.933  1.00 10.20 ? 384 ILE A C   1 
ATOM   1658 O O   . ILE A 1 268 ? 27.789  -9.953  -10.921 1.00 10.16 ? 384 ILE A O   1 
ATOM   1659 C CB  . ILE A 1 268 ? 26.866  -7.763  -9.174  1.00 9.18  ? 384 ILE A CB  1 
ATOM   1660 C CG1 . ILE A 1 268 ? 26.772  -6.359  -8.576  1.00 8.61  ? 384 ILE A CG1 1 
ATOM   1661 C CG2 . ILE A 1 268 ? 26.288  -8.795  -8.215  1.00 6.53  ? 384 ILE A CG2 1 
ATOM   1662 C CD1 . ILE A 1 268 ? 25.366  -5.965  -8.154  1.00 7.26  ? 384 ILE A CD1 1 
ATOM   1663 N N   . THR A 1 269 ? 29.164  -10.366 -9.196  1.00 12.43 ? 385 THR A N   1 
ATOM   1664 C CA  . THR A 1 269 ? 29.295  -11.780 -9.521  1.00 9.24  ? 385 THR A CA  1 
ATOM   1665 C C   . THR A 1 269 ? 28.427  -12.620 -8.600  1.00 8.73  ? 385 THR A C   1 
ATOM   1666 O O   . THR A 1 269 ? 28.142  -12.223 -7.471  1.00 8.29  ? 385 THR A O   1 
ATOM   1667 C CB  . THR A 1 269 ? 30.745  -12.249 -9.382  1.00 5.67  ? 385 THR A CB  1 
ATOM   1668 O OG1 . THR A 1 269 ? 31.196  -11.999 -8.046  1.00 3.26  ? 385 THR A OG1 1 
ATOM   1669 C CG2 . THR A 1 269 ? 31.639  -11.507 -10.364 1.00 8.22  ? 385 THR A CG2 1 
ATOM   1670 N N   . MET A 1 270 ? 28.014  -13.785 -9.089  1.00 12.62 ? 386 MET A N   1 
ATOM   1671 C CA  . MET A 1 270 ? 27.176  -14.699 -8.321  1.00 15.74 ? 386 MET A CA  1 
ATOM   1672 C C   . MET A 1 270 ? 27.828  -14.970 -6.969  1.00 15.42 ? 386 MET A C   1 
ATOM   1673 O O   . MET A 1 270 ? 27.178  -15.435 -6.032  1.00 14.70 ? 386 MET A O   1 
ATOM   1674 C CB  . MET A 1 270 ? 27.007  -16.015 -9.083  1.00 20.11 ? 386 MET A CB  1 
ATOM   1675 C CG  . MET A 1 270 ? 25.767  -16.812 -8.711  1.00 28.66 ? 386 MET A CG  1 
ATOM   1676 S SD  . MET A 1 270 ? 24.238  -16.024 -9.278  1.00 40.84 ? 386 MET A SD  1 
ATOM   1677 C CE  . MET A 1 270 ? 23.011  -16.866 -8.261  1.00 37.83 ? 386 MET A CE  1 
ATOM   1678 N N   . LYS A 1 271 ? 29.122  -14.675 -6.885  1.00 16.06 ? 387 LYS A N   1 
ATOM   1679 C CA  . LYS A 1 271 ? 29.891  -14.873 -5.663  1.00 17.43 ? 387 LYS A CA  1 
ATOM   1680 C C   . LYS A 1 271 ? 29.574  -13.782 -4.644  1.00 17.36 ? 387 LYS A C   1 
ATOM   1681 O O   . LYS A 1 271 ? 29.365  -14.068 -3.467  1.00 17.68 ? 387 LYS A O   1 
ATOM   1682 C CB  . LYS A 1 271 ? 31.381  -14.871 -5.985  1.00 17.02 ? 387 LYS A CB  1 
ATOM   1683 N N   . ASP A 1 272 ? 29.540  -12.535 -5.100  1.00 18.17 ? 388 ASP A N   1 
ATOM   1684 C CA  . ASP A 1 272 ? 29.243  -11.413 -4.218  1.00 18.03 ? 388 ASP A CA  1 
ATOM   1685 C C   . ASP A 1 272 ? 27.815  -11.517 -3.704  1.00 14.95 ? 388 ASP A C   1 
ATOM   1686 O O   . ASP A 1 272 ? 27.532  -11.183 -2.553  1.00 16.24 ? 388 ASP A O   1 
ATOM   1687 C CB  . ASP A 1 272 ? 29.425  -10.090 -4.959  1.00 22.72 ? 388 ASP A CB  1 
ATOM   1688 C CG  . ASP A 1 272 ? 30.798  -9.962  -5.578  1.00 27.99 ? 388 ASP A CG  1 
ATOM   1689 O OD1 . ASP A 1 272 ? 31.792  -10.199 -4.858  1.00 30.29 ? 388 ASP A OD1 1 
ATOM   1690 O OD2 . ASP A 1 272 ? 30.880  -9.623  -6.777  1.00 29.32 ? 388 ASP A OD2 1 
ATOM   1691 N N   . LEU A 1 273 ? 26.920  -11.980 -4.570  1.00 9.74  ? 389 LEU A N   1 
ATOM   1692 C CA  . LEU A 1 273 ? 25.517  -12.142 -4.214  1.00 7.68  ? 389 LEU A CA  1 
ATOM   1693 C C   . LEU A 1 273 ? 25.386  -13.190 -3.114  1.00 7.07  ? 389 LEU A C   1 
ATOM   1694 O O   . LEU A 1 273 ? 24.455  -13.147 -2.307  1.00 3.26  ? 389 LEU A O   1 
ATOM   1695 C CB  . LEU A 1 273 ? 24.709  -12.570 -5.444  1.00 7.37  ? 389 LEU A CB  1 
ATOM   1696 C CG  . LEU A 1 273 ? 24.573  -11.543 -6.574  1.00 9.24  ? 389 LEU A CG  1 
ATOM   1697 C CD1 . LEU A 1 273 ? 23.933  -12.194 -7.791  1.00 6.78  ? 389 LEU A CD1 1 
ATOM   1698 C CD2 . LEU A 1 273 ? 23.741  -10.361 -6.095  1.00 5.18  ? 389 LEU A CD2 1 
ATOM   1699 N N   . GLU A 1 274 ? 26.327  -14.129 -3.090  1.00 11.50 ? 390 GLU A N   1 
ATOM   1700 C CA  . GLU A 1 274 ? 26.330  -15.190 -2.089  1.00 13.97 ? 390 GLU A CA  1 
ATOM   1701 C C   . GLU A 1 274 ? 26.787  -14.631 -0.745  1.00 16.45 ? 390 GLU A C   1 
ATOM   1702 O O   . GLU A 1 274 ? 26.246  -14.984 0.304   1.00 16.45 ? 390 GLU A O   1 
ATOM   1703 C CB  . GLU A 1 274 ? 27.257  -16.318 -2.528  1.00 14.70 ? 390 GLU A CB  1 
ATOM   1704 N N   . GLU A 1 275 ? 27.784  -13.752 -0.792  1.00 18.74 ? 391 GLU A N   1 
ATOM   1705 C CA  . GLU A 1 275 ? 28.325  -13.134 0.412   1.00 23.80 ? 391 GLU A CA  1 
ATOM   1706 C C   . GLU A 1 275 ? 27.366  -12.107 1.005   1.00 25.92 ? 391 GLU A C   1 
ATOM   1707 O O   . GLU A 1 275 ? 27.383  -11.857 2.210   1.00 25.59 ? 391 GLU A O   1 
ATOM   1708 C CB  . GLU A 1 275 ? 29.668  -12.466 0.098   1.00 26.34 ? 391 GLU A CB  1 
ATOM   1709 C CG  . GLU A 1 275 ? 30.742  -13.438 -0.369  1.00 33.40 ? 391 GLU A CG  1 
ATOM   1710 C CD  . GLU A 1 275 ? 32.038  -12.745 -0.756  1.00 38.31 ? 391 GLU A CD  1 
ATOM   1711 O OE1 . GLU A 1 275 ? 33.017  -13.456 -1.067  1.00 41.40 ? 391 GLU A OE1 1 
ATOM   1712 O OE2 . GLU A 1 275 ? 32.076  -11.495 -0.753  1.00 41.50 ? 391 GLU A OE2 1 
ATOM   1713 N N   . ALA A 1 276 ? 26.532  -11.512 0.159   1.00 26.66 ? 392 ALA A N   1 
ATOM   1714 C CA  . ALA A 1 276 ? 25.576  -10.518 0.629   1.00 28.56 ? 392 ALA A CA  1 
ATOM   1715 C C   . ALA A 1 276 ? 24.462  -11.182 1.436   1.00 32.29 ? 392 ALA A C   1 
ATOM   1716 O O   . ALA A 1 276 ? 24.007  -10.638 2.442   1.00 31.42 ? 392 ALA A O   1 
ATOM   1717 C CB  . ALA A 1 276 ? 24.988  -9.755  -0.551  1.00 26.12 ? 392 ALA A CB  1 
ATOM   1718 N N   . ALA A 1 277 ? 24.036  -12.363 0.995   1.00 35.11 ? 393 ALA A N   1 
ATOM   1719 C CA  . ALA A 1 277 ? 22.972  -13.100 1.670   1.00 37.86 ? 393 ALA A CA  1 
ATOM   1720 C C   . ALA A 1 277 ? 23.430  -13.667 3.010   1.00 41.88 ? 393 ALA A C   1 
ATOM   1721 O O   . ALA A 1 277 ? 22.716  -14.448 3.640   1.00 42.24 ? 393 ALA A O   1 
ATOM   1722 C CB  . ALA A 1 277 ? 22.468  -14.224 0.770   1.00 37.44 ? 393 ALA A CB  1 
ATOM   1723 N N   . SER A 1 278 A 24.619  -13.263 3.446   1.00 45.31 ? 393 SER A N   1 
ATOM   1724 C CA  . SER A 1 278 A 25.172  -13.731 4.711   1.00 48.15 ? 393 SER A CA  1 
ATOM   1725 C C   . SER A 1 278 A 25.365  -12.574 5.687   1.00 50.54 ? 393 SER A C   1 
ATOM   1726 O O   . SER A 1 278 A 24.749  -12.614 6.773   1.00 52.17 ? 393 SER A O   1 
ATOM   1727 C CB  . SER A 1 278 A 26.511  -14.433 4.466   1.00 47.93 ? 393 SER A CB  1 
ATOM   1728 O OG  . SER A 1 278 A 26.343  -15.560 3.624   1.00 44.74 ? 393 SER A OG  1 
ATOM   1729 O OXT . SER A 1 278 A 26.127  -11.643 5.353   1.00 52.94 ? 393 SER A OXT 1 
HETATM 1730 S S   . SO4 B 2 .   ? 4.643   -1.927  2.170   1.00 28.18 ? 101 SO4 A S   1 
HETATM 1731 O O1  . SO4 B 2 .   ? 5.296   -1.564  3.609   1.00 30.41 ? 101 SO4 A O1  1 
HETATM 1732 O O2  . SO4 B 2 .   ? 4.585   -3.373  2.141   1.00 29.20 ? 101 SO4 A O2  1 
HETATM 1733 O O3  . SO4 B 2 .   ? 3.470   -1.367  2.056   1.00 31.22 ? 101 SO4 A O3  1 
HETATM 1734 O O4  . SO4 B 2 .   ? 5.643   -1.475  1.239   1.00 30.15 ? 101 SO4 A O4  1 
# 
